data_2WKE
#
_entry.id   2WKE
#
_cell.length_a   103.981
_cell.length_b   92.686
_cell.length_c   107.133
_cell.angle_alpha   90.00
_cell.angle_beta   95.03
_cell.angle_gamma   90.00
#
_symmetry.space_group_name_H-M   'P 1 21 1'
#
loop_
_entity.id
_entity.type
_entity.pdbx_description
1 polymer 'D-ALANYL-D-ALANINE CARBOXYPEPTIDASE'
2 non-polymer '(3S)-2,2-dimethyl-3,4-dihydro-2H-1,4-thiazine-3,6-dicarboxylic acid'
3 non-polymer 'SULFATE ION'
4 non-polymer 'COBALT (II) ION'
5 water water
#
_entity_poly.entity_id   1
_entity_poly.type   'polypeptide(L)'
_entity_poly.pdbx_seq_one_letter_code
;RLTELREDIDAILEDPALEGAVSGVVVVDTATGEELYSRDGGEQLLPASNMKLFTAAAALEVLGADHSFGTEVAAESAPG
RRGEVQDLYLVGRGDPTLSAEDLDAMAAEVAASGVRTVRGDLYADDTWFDSERLVDDWWPEDEPYAYSAQISALTVAHGE
RFDTGVTEVSVTPAAEGEPADVDLGAAEGYAELDNRAVTGAAGSANTLVIDRPVGTNTIAVTGSLPADAAPVTALRTVDE
PAALAGHLFEEALESNGVTVKGDVGLGGVPADWQDAEVLADHTSAELSEILVPFMKFSNNGHAEMLVKSIGQETAGAGTW
DAGLVGVEEALSGLGVDTAGLVLNDGSGLSRGNLVTADTVVDLLGQAGSAPWAQTWSASLPVAGESDPFVGGTLANRMRG
TAAEGVVEAKTGTMSGVSALSGYVPGPEGELAFSIVNNGHSGPAPLAVQDAIAVRLAEYAGHQAPE
;
_entity_poly.pdbx_strand_id   A,B,C,D
#
# COMPACT_ATOMS: atom_id res chain seq x y z
N ARG A 1 64.62 36.52 57.08
CA ARG A 1 63.15 36.23 57.12
C ARG A 1 62.69 35.15 56.13
N LEU A 2 63.57 34.80 55.19
CA LEU A 2 63.32 33.72 54.24
C LEU A 2 63.37 32.35 54.92
N THR A 3 64.38 32.12 55.76
CA THR A 3 64.55 30.83 56.44
C THR A 3 63.37 30.52 57.37
N GLU A 4 62.88 31.53 58.09
CA GLU A 4 61.73 31.35 58.97
C GLU A 4 60.47 30.99 58.19
N LEU A 5 60.26 31.65 57.04
CA LEU A 5 59.19 31.29 56.12
C LEU A 5 59.35 29.86 55.63
N ARG A 6 60.58 29.47 55.32
CA ARG A 6 60.86 28.14 54.84
C ARG A 6 60.62 27.06 55.89
N GLU A 7 61.07 27.31 57.12
CA GLU A 7 60.87 26.39 58.23
C GLU A 7 59.36 26.19 58.54
N ASP A 8 58.58 27.26 58.41
CA ASP A 8 57.14 27.20 58.70
C ASP A 8 56.35 26.39 57.69
N ILE A 9 56.63 26.60 56.41
CA ILE A 9 55.95 25.85 55.38
C ILE A 9 56.34 24.37 55.48
N ASP A 10 57.65 24.10 55.63
CA ASP A 10 58.15 22.74 55.92
C ASP A 10 57.26 22.06 56.97
N ALA A 11 57.17 22.68 58.15
CA ALA A 11 56.37 22.17 59.27
C ALA A 11 54.88 21.99 58.93
N ILE A 12 54.30 22.94 58.21
CA ILE A 12 52.91 22.82 57.72
C ILE A 12 52.77 21.56 56.85
N LEU A 13 53.78 21.33 56.01
CA LEU A 13 53.80 20.19 55.09
C LEU A 13 53.99 18.80 55.74
N GLU A 14 54.34 18.77 57.02
CA GLU A 14 54.44 17.52 57.78
C GLU A 14 53.09 16.86 58.12
N ASP A 15 52.02 17.63 58.02
CA ASP A 15 50.67 17.19 58.42
C ASP A 15 50.31 15.76 58.00
N PRO A 16 49.76 14.96 58.95
CA PRO A 16 49.24 13.60 58.67
C PRO A 16 48.32 13.49 57.44
N ALA A 17 47.52 14.52 57.16
CA ALA A 17 46.64 14.52 56.00
C ALA A 17 47.37 14.36 54.66
N LEU A 18 48.67 14.61 54.66
CA LEU A 18 49.53 14.53 53.47
C LEU A 18 50.35 13.24 53.40
N GLU A 19 49.98 12.26 54.22
CA GLU A 19 50.60 10.92 54.23
C GLU A 19 50.38 10.26 52.86
N GLY A 20 51.48 9.86 52.22
CA GLY A 20 51.41 9.20 50.91
C GLY A 20 50.91 10.07 49.76
N ALA A 21 50.77 11.37 50.01
CA ALA A 21 50.44 12.34 48.97
C ALA A 21 51.69 12.92 48.31
N VAL A 22 51.56 13.31 47.03
CA VAL A 22 52.61 14.06 46.36
C VAL A 22 52.13 15.51 46.18
N SER A 23 52.94 16.45 46.68
CA SER A 23 52.59 17.87 46.73
C SER A 23 53.64 18.77 46.09
N GLY A 24 53.20 19.57 45.12
CA GLY A 24 54.05 20.58 44.48
C GLY A 24 53.73 21.93 45.09
N VAL A 25 54.76 22.57 45.66
CA VAL A 25 54.60 23.83 46.39
C VAL A 25 55.69 24.84 46.01
N VAL A 26 55.29 25.89 45.31
CA VAL A 26 56.26 26.89 44.82
C VAL A 26 55.78 28.31 45.13
N VAL A 27 56.66 29.08 45.76
CA VAL A 27 56.38 30.47 46.12
C VAL A 27 57.44 31.40 45.56
N VAL A 28 56.98 32.50 44.97
CA VAL A 28 57.85 33.43 44.26
C VAL A 28 57.43 34.88 44.49
N ASP A 29 58.43 35.77 44.61
CA ASP A 29 58.18 37.21 44.62
C ASP A 29 58.09 37.67 43.17
N THR A 30 56.90 38.16 42.82
CA THR A 30 56.58 38.63 41.48
C THR A 30 57.27 39.95 41.11
N ALA A 31 57.73 40.69 42.11
CA ALA A 31 58.44 41.94 41.86
C ALA A 31 59.93 41.68 41.56
N THR A 32 60.61 41.04 42.51
CA THR A 32 62.05 40.81 42.45
C THR A 32 62.41 39.48 41.79
N GLY A 33 61.39 38.71 41.41
CA GLY A 33 61.61 37.38 40.83
C GLY A 33 62.26 36.39 41.80
N GLU A 34 62.39 36.80 43.06
CA GLU A 34 63.02 35.98 44.10
C GLU A 34 62.29 34.67 44.30
N GLU A 35 63.05 33.58 44.41
CA GLU A 35 62.49 32.28 44.76
C GLU A 35 62.39 32.16 46.27
N LEU A 36 61.17 31.98 46.79
CA LEU A 36 60.96 31.97 48.24
C LEU A 36 60.81 30.57 48.85
N TYR A 37 60.32 29.65 48.04
CA TYR A 37 60.04 28.29 48.47
C TYR A 37 59.81 27.48 47.21
N SER A 38 60.33 26.26 47.22
CA SER A 38 60.20 25.32 46.11
C SER A 38 60.40 23.90 46.62
N ARG A 39 59.33 23.13 46.53
CA ARG A 39 59.30 21.72 46.84
C ARG A 39 58.64 21.06 45.64
N ASP A 40 59.38 20.21 44.94
CA ASP A 40 58.80 19.37 43.89
C ASP A 40 58.04 20.16 42.81
N GLY A 41 58.57 21.33 42.44
CA GLY A 41 57.96 22.19 41.43
C GLY A 41 57.99 21.71 39.99
N GLY A 42 58.71 20.62 39.74
CA GLY A 42 58.78 20.00 38.41
C GLY A 42 58.00 18.69 38.32
N GLU A 43 57.31 18.35 39.41
CA GLU A 43 56.53 17.12 39.47
C GLU A 43 55.17 17.27 38.74
N GLN A 44 54.89 16.39 37.79
CA GLN A 44 53.64 16.47 37.04
C GLN A 44 52.44 15.96 37.84
N LEU A 45 51.43 16.82 37.99
CA LEU A 45 50.29 16.50 38.86
C LEU A 45 48.94 16.84 38.21
N LEU A 46 47.89 16.10 38.62
CA LEU A 46 46.52 16.44 38.27
C LEU A 46 46.20 17.76 38.96
N PRO A 47 45.80 18.78 38.18
CA PRO A 47 45.48 20.09 38.75
C PRO A 47 44.01 20.28 39.18
N ALA A 48 43.12 19.36 38.81
CA ALA A 48 41.67 19.65 38.87
C ALA A 48 41.39 21.04 38.26
N SER A 49 40.59 21.89 38.91
CA SER A 49 40.17 23.20 38.39
C SER A 49 41.26 24.26 38.29
N ASN A 50 42.47 23.99 38.76
CA ASN A 50 43.59 24.90 38.48
C ASN A 50 43.92 25.01 36.97
N MET A 51 43.41 24.04 36.21
CA MET A 51 43.47 24.06 34.74
C MET A 51 42.84 25.34 34.15
N LYS A 52 41.84 25.89 34.85
CA LYS A 52 41.12 27.06 34.35
C LYS A 52 42.03 28.27 34.27
N LEU A 53 43.12 28.28 35.05
CA LEU A 53 44.10 29.37 34.95
C LEU A 53 44.65 29.46 33.53
N PHE A 54 45.07 28.31 33.02
CA PHE A 54 45.59 28.19 31.69
C PHE A 54 44.52 28.53 30.63
N THR A 55 43.29 27.98 30.79
CA THR A 55 42.19 28.30 29.90
C THR A 55 41.82 29.78 29.85
N ALA A 56 41.71 30.42 31.01
CA ALA A 56 41.29 31.82 31.08
C ALA A 56 42.32 32.71 30.42
N ALA A 57 43.59 32.45 30.72
CA ALA A 57 44.70 33.25 30.20
C ALA A 57 44.74 33.13 28.69
N ALA A 58 44.49 31.91 28.21
CA ALA A 58 44.51 31.63 26.77
C ALA A 58 43.31 32.32 26.11
N ALA A 59 42.17 32.31 26.79
CA ALA A 59 40.97 32.92 26.23
C ALA A 59 41.16 34.43 26.12
N LEU A 60 41.81 35.03 27.12
CA LEU A 60 42.11 36.46 27.08
C LEU A 60 43.04 36.80 25.94
N GLU A 61 44.03 35.95 25.72
CA GLU A 61 44.98 36.11 24.61
C GLU A 61 44.36 36.00 23.21
N VAL A 62 43.58 34.95 22.98
CA VAL A 62 42.98 34.65 21.65
C VAL A 62 41.77 35.52 21.32
N LEU A 63 40.84 35.62 22.26
CA LEU A 63 39.56 36.29 22.04
C LEU A 63 39.62 37.76 22.48
N GLY A 64 40.39 38.04 23.51
CA GLY A 64 40.52 39.40 24.03
C GLY A 64 39.51 39.61 25.15
N ALA A 65 39.84 40.52 26.05
CA ALA A 65 38.94 40.99 27.13
C ALA A 65 37.61 41.57 26.60
N ASP A 66 37.65 42.14 25.38
CA ASP A 66 36.49 42.81 24.80
C ASP A 66 35.57 41.89 24.00
N HIS A 67 35.87 40.60 23.97
CA HIS A 67 35.12 39.66 23.13
C HIS A 67 33.71 39.40 23.69
N SER A 68 32.73 39.26 22.81
CA SER A 68 31.40 38.91 23.24
C SER A 68 30.85 37.75 22.39
N PHE A 69 29.76 37.14 22.83
CA PHE A 69 29.23 35.97 22.16
C PHE A 69 27.83 36.29 21.66
N GLY A 70 27.50 35.80 20.47
CA GLY A 70 26.19 36.08 19.85
C GLY A 70 25.27 34.88 19.72
N THR A 71 23.97 35.16 19.71
CA THR A 71 22.90 34.20 19.41
C THR A 71 21.89 34.86 18.44
N GLU A 72 21.48 34.12 17.41
CA GLU A 72 20.57 34.63 16.36
C GLU A 72 19.31 33.80 16.19
N VAL A 73 18.27 34.44 15.66
CA VAL A 73 17.09 33.74 15.16
C VAL A 73 16.93 34.07 13.66
N ALA A 74 16.88 33.03 12.84
CA ALA A 74 16.78 33.18 11.39
C ALA A 74 15.54 32.49 10.79
N ALA A 75 14.96 33.15 9.78
CA ALA A 75 14.00 32.49 8.88
C ALA A 75 14.50 32.66 7.46
N GLU A 76 13.90 31.91 6.51
CA GLU A 76 14.44 31.86 5.16
C GLU A 76 14.20 33.14 4.41
N SER A 77 13.13 33.84 4.80
CA SER A 77 12.76 35.17 4.31
C SER A 77 12.02 35.84 5.46
N ALA A 78 11.90 37.16 5.41
CA ALA A 78 11.14 37.91 6.42
C ALA A 78 9.63 37.59 6.39
N PRO A 79 8.90 37.89 7.49
CA PRO A 79 7.46 37.64 7.51
C PRO A 79 6.72 38.56 6.52
N GLY A 80 5.61 38.08 5.97
CA GLY A 80 4.92 38.87 4.95
C GLY A 80 3.79 39.71 5.49
N ARG A 81 2.83 40.00 4.61
CA ARG A 81 1.55 40.61 4.95
C ARG A 81 0.96 39.86 6.13
N ARG A 82 0.83 38.54 5.97
CA ARG A 82 0.19 37.67 6.96
C ARG A 82 1.06 37.31 8.15
N GLY A 83 2.25 37.90 8.24
CA GLY A 83 3.17 37.62 9.35
C GLY A 83 3.53 36.16 9.50
N GLU A 84 3.67 35.46 8.37
CA GLU A 84 4.04 34.05 8.39
C GLU A 84 5.48 33.79 7.98
N VAL A 85 6.10 32.83 8.67
CA VAL A 85 7.32 32.19 8.21
C VAL A 85 7.07 30.69 8.22
N GLN A 86 7.98 29.92 7.61
CA GLN A 86 7.94 28.46 7.70
C GLN A 86 8.81 27.98 8.86
N ASP A 87 9.93 27.31 8.56
CA ASP A 87 10.83 26.86 9.60
C ASP A 87 11.57 28.04 10.22
N LEU A 88 11.98 27.87 11.48
CA LEU A 88 12.65 28.94 12.19
C LEU A 88 13.86 28.37 12.89
N TYR A 89 14.99 29.03 12.78
CA TYR A 89 16.22 28.52 13.45
C TYR A 89 16.63 29.40 14.60
N LEU A 90 16.81 28.80 15.76
CA LEU A 90 17.56 29.45 16.87
C LEU A 90 19.05 29.03 16.81
N VAL A 91 19.96 29.98 16.64
CA VAL A 91 21.37 29.72 16.35
C VAL A 91 22.33 30.26 17.44
N GLY A 92 22.99 29.32 18.11
CA GLY A 92 23.91 29.65 19.19
C GLY A 92 25.31 29.67 18.66
N ARG A 93 26.04 30.73 18.98
CA ARG A 93 27.47 30.81 18.68
C ARG A 93 28.30 30.97 19.93
N GLY A 94 28.00 30.15 20.93
CA GLY A 94 28.89 29.95 22.06
C GLY A 94 28.69 30.86 23.24
N ASP A 95 27.50 31.45 23.37
CA ASP A 95 27.19 32.25 24.57
C ASP A 95 26.98 31.35 25.80
N PRO A 96 27.85 31.51 26.84
CA PRO A 96 27.75 30.69 28.03
C PRO A 96 26.91 31.32 29.14
N THR A 97 26.25 32.44 28.83
CA THR A 97 25.46 33.18 29.81
C THR A 97 24.07 33.48 29.24
N LEU A 98 23.67 32.74 28.20
CA LEU A 98 22.37 32.93 27.57
C LEU A 98 21.27 32.41 28.49
N SER A 99 20.40 33.32 28.92
CA SER A 99 19.34 33.03 29.88
C SER A 99 17.96 32.90 29.23
N ALA A 100 17.01 32.35 30.00
CA ALA A 100 15.60 32.24 29.62
C ALA A 100 15.01 33.63 29.38
N GLU A 101 15.48 34.62 30.14
CA GLU A 101 15.10 36.01 29.93
C GLU A 101 15.53 36.51 28.56
N ASP A 102 16.78 36.21 28.18
CA ASP A 102 17.30 36.54 26.85
C ASP A 102 16.53 35.87 25.72
N LEU A 103 16.02 34.66 25.95
CA LEU A 103 15.15 33.97 24.98
C LEU A 103 13.82 34.68 24.84
N ASP A 104 13.29 35.17 25.96
CA ASP A 104 12.07 35.97 25.96
C ASP A 104 12.26 37.27 25.16
N ALA A 105 13.40 37.94 25.35
CA ALA A 105 13.63 39.21 24.66
C ALA A 105 13.75 39.01 23.15
N MET A 106 14.41 37.93 22.74
CA MET A 106 14.48 37.53 21.33
C MET A 106 13.10 37.10 20.80
N ALA A 107 12.31 36.43 21.64
CA ALA A 107 10.95 36.04 21.27
C ALA A 107 10.10 37.27 20.97
N ALA A 108 10.30 38.32 21.77
CA ALA A 108 9.62 39.60 21.60
C ALA A 108 10.09 40.32 20.33
N GLU A 109 11.35 40.12 19.97
CA GLU A 109 11.91 40.67 18.74
C GLU A 109 11.35 39.97 17.49
N VAL A 110 11.23 38.66 17.55
CA VAL A 110 10.59 37.89 16.48
C VAL A 110 9.18 38.43 16.21
N ALA A 111 8.39 38.61 17.27
CA ALA A 111 7.04 39.14 17.17
C ALA A 111 7.02 40.57 16.63
N ALA A 112 8.02 41.38 17.04
CA ALA A 112 8.12 42.79 16.63
C ALA A 112 8.60 42.94 15.18
N SER A 113 9.23 41.90 14.65
CA SER A 113 9.55 41.83 13.23
C SER A 113 8.27 41.59 12.42
N GLY A 114 7.18 41.27 13.13
CA GLY A 114 5.89 41.05 12.49
C GLY A 114 5.62 39.60 12.14
N VAL A 115 6.17 38.69 12.92
CA VAL A 115 5.86 37.26 12.79
C VAL A 115 4.73 36.94 13.76
N ARG A 116 3.69 36.27 13.26
CA ARG A 116 2.54 35.83 14.05
C ARG A 116 2.49 34.29 14.11
N THR A 117 2.97 33.64 13.06
CA THR A 117 2.88 32.19 12.91
C THR A 117 4.17 31.58 12.35
N VAL A 118 4.75 30.65 13.10
CA VAL A 118 5.78 29.75 12.58
C VAL A 118 5.04 28.53 12.03
N ARG A 119 4.98 28.44 10.70
CA ARG A 119 4.12 27.47 10.02
C ARG A 119 4.83 26.12 9.98
N GLY A 120 6.16 26.18 9.99
CA GLY A 120 6.95 24.96 9.90
C GLY A 120 7.44 24.56 11.26
N ASP A 121 8.70 24.11 11.31
CA ASP A 121 9.29 23.60 12.53
C ASP A 121 10.32 24.56 13.08
N LEU A 122 10.50 24.52 14.39
CA LEU A 122 11.55 25.27 15.07
C LEU A 122 12.80 24.40 15.27
N TYR A 123 13.94 24.92 14.82
CA TYR A 123 15.18 24.16 14.93
C TYR A 123 16.20 24.87 15.80
N ALA A 124 16.96 24.06 16.53
CA ALA A 124 17.99 24.55 17.40
C ALA A 124 19.30 24.16 16.76
N ASP A 125 20.01 25.19 16.30
CA ASP A 125 21.28 25.06 15.58
C ASP A 125 22.42 25.40 16.57
N ASP A 126 23.19 24.36 16.92
CA ASP A 126 24.43 24.47 17.71
C ASP A 126 25.69 24.01 16.96
N THR A 127 25.61 24.11 15.63
CA THR A 127 26.67 23.64 14.72
C THR A 127 27.98 24.48 14.72
N TRP A 128 27.95 25.64 15.40
CA TRP A 128 29.16 26.44 15.68
C TRP A 128 30.24 25.67 16.49
N PHE A 129 29.80 24.81 17.39
CA PHE A 129 30.71 23.82 17.97
C PHE A 129 30.35 22.46 17.40
N ASP A 130 31.27 21.50 17.55
CA ASP A 130 30.99 20.14 17.17
C ASP A 130 29.97 19.54 18.13
N SER A 131 29.48 18.35 17.83
CA SER A 131 28.53 17.70 18.71
C SER A 131 29.14 16.76 19.74
N GLU A 132 30.44 16.90 20.05
CA GLU A 132 31.08 16.08 21.11
C GLU A 132 30.74 16.71 22.46
N ARG A 133 29.83 16.06 23.19
CA ARG A 133 29.17 16.63 24.36
C ARG A 133 30.00 16.56 25.64
N LEU A 134 30.92 15.61 25.69
CA LEU A 134 31.63 15.29 26.91
C LEU A 134 33.03 14.90 26.49
N VAL A 135 34.00 15.16 27.35
CA VAL A 135 35.37 14.71 27.12
C VAL A 135 35.44 13.17 27.30
N ASP A 136 36.33 12.56 26.50
CA ASP A 136 36.54 11.13 26.46
C ASP A 136 36.55 10.45 27.83
N ASP A 137 37.40 10.95 28.72
CA ASP A 137 37.71 10.29 30.00
C ASP A 137 36.94 10.83 31.20
N TRP A 138 35.92 11.64 30.96
CA TRP A 138 34.99 12.06 32.02
C TRP A 138 34.15 10.87 32.41
N TRP A 139 33.75 10.80 33.67
CA TRP A 139 33.06 9.61 34.20
C TRP A 139 31.56 9.65 33.99
N PRO A 140 30.98 8.55 33.45
CA PRO A 140 29.54 8.50 33.20
C PRO A 140 28.69 8.70 34.46
N GLU A 141 29.18 8.26 35.61
CA GLU A 141 28.46 8.39 36.89
C GLU A 141 28.36 9.83 37.41
N ASP A 142 29.24 10.72 36.91
CA ASP A 142 29.22 12.16 37.20
C ASP A 142 28.26 12.92 36.29
N GLU A 143 27.72 12.27 35.26
CA GLU A 143 26.91 12.97 34.26
C GLU A 143 25.62 13.69 34.73
N PRO A 144 24.92 13.15 35.75
CA PRO A 144 23.75 13.95 36.20
C PRO A 144 24.06 15.37 36.78
N TYR A 145 25.31 15.69 37.06
CA TYR A 145 25.63 16.84 37.90
C TYR A 145 26.12 18.05 37.10
N ALA A 146 25.88 19.25 37.65
CA ALA A 146 26.06 20.50 36.90
C ALA A 146 27.44 20.69 36.30
N TYR A 147 28.47 20.38 37.10
CA TYR A 147 29.87 20.57 36.66
C TYR A 147 30.16 19.69 35.45
N SER A 148 29.27 18.74 35.19
CA SER A 148 29.44 17.78 34.10
C SER A 148 28.45 17.94 32.93
N ALA A 149 27.75 19.08 32.85
CA ALA A 149 26.83 19.35 31.73
C ALA A 149 27.49 19.13 30.37
N GLN A 150 26.68 18.70 29.40
CA GLN A 150 27.06 18.52 28.00
C GLN A 150 27.42 19.88 27.36
N ILE A 151 28.38 19.86 26.43
CA ILE A 151 28.88 21.08 25.84
C ILE A 151 28.22 21.27 24.50
N SER A 152 27.72 22.49 24.28
CA SER A 152 27.04 22.84 23.06
C SER A 152 27.29 24.33 22.79
N ALA A 153 27.24 24.73 21.53
CA ALA A 153 27.25 26.17 21.20
C ALA A 153 25.94 26.90 21.60
N LEU A 154 24.87 26.13 21.78
CA LEU A 154 23.55 26.66 22.15
C LEU A 154 23.05 25.97 23.41
N THR A 155 23.12 26.71 24.51
CA THR A 155 22.80 26.18 25.82
C THR A 155 22.25 27.32 26.68
N VAL A 156 21.27 27.00 27.52
CA VAL A 156 20.65 27.97 28.43
C VAL A 156 21.36 27.93 29.80
N ALA A 157 21.83 29.11 30.22
CA ALA A 157 22.49 29.35 31.49
C ALA A 157 21.45 29.67 32.59
N HIS A 158 21.46 28.87 33.66
CA HIS A 158 20.56 29.07 34.80
C HIS A 158 21.21 29.96 35.87
N GLY A 159 20.41 30.88 36.41
CA GLY A 159 20.81 31.71 37.53
C GLY A 159 21.84 32.76 37.21
N GLU A 160 22.12 33.60 38.19
CA GLU A 160 23.14 34.64 38.09
C GLU A 160 24.54 34.05 37.95
N ARG A 161 24.66 32.76 38.24
CA ARG A 161 25.96 32.07 38.13
C ARG A 161 26.17 31.47 36.74
N PHE A 162 25.09 31.44 35.95
CA PHE A 162 25.14 30.99 34.55
C PHE A 162 25.60 29.54 34.43
N ASP A 163 24.92 28.65 35.12
CA ASP A 163 25.25 27.23 35.05
C ASP A 163 24.54 26.67 33.84
N THR A 164 25.32 26.25 32.85
CA THR A 164 24.80 25.83 31.54
C THR A 164 24.21 24.37 31.51
N GLY A 165 23.30 24.12 30.58
CA GLY A 165 22.86 22.74 30.26
C GLY A 165 22.16 21.99 31.36
N VAL A 166 21.58 22.76 32.28
CA VAL A 166 20.95 22.21 33.47
C VAL A 166 19.52 22.69 33.64
N THR A 167 18.79 21.93 34.43
CA THR A 167 17.49 22.34 34.87
C THR A 167 17.57 22.33 36.39
N GLU A 168 16.81 23.19 37.03
CA GLU A 168 16.64 23.15 38.48
C GLU A 168 15.43 22.29 38.93
N VAL A 169 15.76 21.25 39.70
CA VAL A 169 14.79 20.26 40.14
C VAL A 169 14.39 20.58 41.57
N SER A 170 13.08 20.71 41.81
CA SER A 170 12.58 21.02 43.13
C SER A 170 11.80 19.83 43.66
N VAL A 171 11.93 19.56 44.96
CA VAL A 171 11.14 18.52 45.61
C VAL A 171 10.59 19.11 46.90
N THR A 172 9.25 19.03 47.03
CA THR A 172 8.51 19.58 48.16
C THR A 172 7.70 18.45 48.78
N PRO A 173 7.81 18.26 50.12
CA PRO A 173 7.09 17.19 50.81
C PRO A 173 5.59 17.48 50.94
N ALA A 174 4.81 16.43 51.17
CA ALA A 174 3.38 16.56 51.38
C ALA A 174 3.07 16.07 52.79
N ALA A 175 1.98 15.32 52.94
CA ALA A 175 1.72 14.60 54.18
C ALA A 175 2.42 13.22 54.15
N GLU A 176 2.65 12.65 55.33
CA GLU A 176 3.35 11.36 55.46
C GLU A 176 2.62 10.29 54.68
N GLY A 177 3.32 9.66 53.74
CA GLY A 177 2.75 8.55 52.96
C GLY A 177 2.23 8.96 51.60
N GLU A 178 2.20 10.27 51.36
CA GLU A 178 1.83 10.78 50.06
C GLU A 178 3.14 11.08 49.30
N PRO A 179 3.09 11.01 47.97
CA PRO A 179 4.31 11.29 47.20
C PRO A 179 4.81 12.74 47.36
N ALA A 180 6.12 12.93 47.26
CA ALA A 180 6.70 14.27 47.19
C ALA A 180 6.21 14.90 45.91
N ASP A 181 6.05 16.22 45.94
CA ASP A 181 5.80 17.00 44.75
C ASP A 181 7.15 17.33 44.10
N VAL A 182 7.26 17.03 42.81
CA VAL A 182 8.50 17.28 42.06
C VAL A 182 8.27 18.25 40.90
N ASP A 183 9.19 19.20 40.73
CA ASP A 183 9.18 20.12 39.60
C ASP A 183 10.48 20.02 38.83
N LEU A 184 10.37 20.01 37.49
CA LEU A 184 11.50 19.77 36.65
C LEU A 184 12.22 21.04 36.25
N GLY A 185 11.64 22.19 36.50
CA GLY A 185 12.24 23.47 36.11
C GLY A 185 12.08 23.73 34.63
N ALA A 186 13.14 24.23 34.01
CA ALA A 186 13.12 24.55 32.59
C ALA A 186 12.76 23.33 31.74
N ALA A 187 13.20 22.17 32.19
CA ALA A 187 13.05 20.89 31.51
C ALA A 187 11.66 20.26 31.66
N GLU A 188 10.74 20.93 32.36
CA GLU A 188 9.34 20.51 32.36
C GLU A 188 8.89 20.53 30.90
N GLY A 189 8.43 19.38 30.42
CA GLY A 189 7.97 19.25 29.06
C GLY A 189 9.08 18.86 28.09
N TYR A 190 10.30 18.77 28.62
CA TYR A 190 11.45 18.39 27.84
C TYR A 190 12.05 17.06 28.31
N ALA A 191 12.43 16.99 29.59
CA ALA A 191 12.89 15.73 30.19
C ALA A 191 11.70 14.94 30.72
N GLU A 192 11.88 13.62 30.87
CA GLU A 192 10.91 12.75 31.54
C GLU A 192 11.08 12.81 33.05
N LEU A 193 9.99 12.56 33.77
CA LEU A 193 10.05 12.45 35.22
C LEU A 193 9.69 11.03 35.66
N ASP A 194 10.50 10.49 36.55
CA ASP A 194 10.20 9.24 37.23
C ASP A 194 10.28 9.48 38.74
N ASN A 195 9.13 9.73 39.33
CA ASN A 195 9.03 10.14 40.72
C ASN A 195 8.59 8.98 41.60
N ARG A 196 9.46 8.51 42.48
CA ARG A 196 9.14 7.39 43.38
C ARG A 196 9.27 7.83 44.83
N ALA A 197 9.68 9.10 44.99
CA ALA A 197 9.84 9.74 46.29
C ALA A 197 8.51 9.83 47.03
N VAL A 198 8.57 9.64 48.35
CA VAL A 198 7.42 9.63 49.23
C VAL A 198 7.67 10.66 50.33
N THR A 199 6.63 11.03 51.07
CA THR A 199 6.83 11.86 52.25
C THR A 199 6.96 10.97 53.49
N GLY A 200 8.08 11.12 54.21
CA GLY A 200 8.31 10.37 55.46
C GLY A 200 7.71 11.10 56.64
N ALA A 201 7.78 10.50 57.82
CA ALA A 201 7.24 11.12 59.03
C ALA A 201 8.10 12.32 59.43
N ALA A 202 7.48 13.31 60.05
CA ALA A 202 8.23 14.44 60.59
C ALA A 202 9.34 13.94 61.51
N GLY A 203 10.52 14.55 61.40
CA GLY A 203 11.67 14.19 62.23
C GLY A 203 12.33 12.88 61.84
N SER A 204 11.94 12.32 60.71
CA SER A 204 12.55 11.07 60.24
C SER A 204 13.75 11.42 59.39
N ALA A 205 14.39 10.41 58.79
CA ALA A 205 15.64 10.63 58.08
C ALA A 205 15.41 10.99 56.62
N ASN A 206 16.04 12.08 56.19
CA ASN A 206 16.06 12.47 54.80
C ASN A 206 16.94 11.53 53.98
N THR A 207 16.34 10.90 52.96
CA THR A 207 17.07 9.97 52.09
C THR A 207 16.77 10.19 50.61
N LEU A 208 16.39 11.42 50.26
CA LEU A 208 16.04 11.74 48.89
C LEU A 208 17.26 11.63 47.96
N VAL A 209 17.06 10.97 46.81
CA VAL A 209 18.04 10.95 45.72
C VAL A 209 17.42 11.47 44.42
N ILE A 210 18.10 12.42 43.79
CA ILE A 210 17.72 12.92 42.46
C ILE A 210 18.81 12.54 41.45
N ASP A 211 18.42 11.75 40.46
CA ASP A 211 19.35 11.18 39.50
C ASP A 211 18.86 11.51 38.11
N ARG A 212 19.78 11.42 37.15
CA ARG A 212 19.44 11.20 35.75
C ARG A 212 20.31 10.02 35.31
N PRO A 213 19.70 8.81 35.26
CA PRO A 213 20.42 7.58 34.89
C PRO A 213 21.12 7.71 33.54
N VAL A 214 22.30 7.07 33.42
CA VAL A 214 23.15 7.27 32.24
C VAL A 214 22.46 6.87 30.92
N GLY A 215 22.59 7.75 29.93
CA GLY A 215 22.05 7.50 28.60
C GLY A 215 20.57 7.79 28.46
N THR A 216 19.95 8.37 29.50
CA THR A 216 18.52 8.71 29.47
C THR A 216 18.33 10.23 29.60
N ASN A 217 17.16 10.70 29.18
CA ASN A 217 16.74 12.08 29.47
C ASN A 217 15.63 12.09 30.54
N THR A 218 15.76 11.19 31.53
CA THR A 218 14.78 11.04 32.59
C THR A 218 15.37 11.48 33.94
N ILE A 219 14.60 12.28 34.69
CA ILE A 219 14.98 12.62 36.06
C ILE A 219 14.24 11.64 36.96
N ALA A 220 15.02 10.87 37.70
CA ALA A 220 14.52 9.84 38.58
C ALA A 220 14.69 10.25 40.03
N VAL A 221 13.58 10.27 40.74
CA VAL A 221 13.58 10.70 42.13
C VAL A 221 13.18 9.53 43.04
N THR A 222 14.06 9.21 43.99
CA THR A 222 13.80 8.12 44.93
C THR A 222 13.99 8.61 46.35
N GLY A 223 13.59 7.76 47.29
CA GLY A 223 13.85 7.99 48.69
C GLY A 223 12.70 8.67 49.39
N SER A 224 13.01 9.28 50.53
CA SER A 224 11.99 9.89 51.36
C SER A 224 12.42 11.25 51.87
N LEU A 225 11.48 12.20 51.77
CA LEU A 225 11.66 13.51 52.36
C LEU A 225 10.75 13.63 53.58
N PRO A 226 11.34 13.92 54.76
CA PRO A 226 10.55 14.06 55.98
C PRO A 226 9.52 15.17 55.85
N ALA A 227 8.36 14.99 56.47
CA ALA A 227 7.28 15.95 56.37
C ALA A 227 7.68 17.38 56.77
N ASP A 228 8.73 17.48 57.61
CA ASP A 228 9.14 18.77 58.15
C ASP A 228 10.43 19.33 57.55
N ALA A 229 11.05 18.55 56.66
CA ALA A 229 12.23 19.01 55.96
C ALA A 229 11.88 20.19 55.06
N ALA A 230 12.83 21.11 54.91
CA ALA A 230 12.70 22.23 53.99
C ALA A 230 12.67 21.74 52.54
N PRO A 231 11.79 22.33 51.70
CA PRO A 231 11.79 22.06 50.26
C PRO A 231 13.18 22.23 49.64
N VAL A 232 13.45 21.35 48.68
CA VAL A 232 14.79 21.07 48.18
C VAL A 232 14.89 21.48 46.71
N THR A 233 16.05 22.01 46.32
CA THR A 233 16.39 22.17 44.90
C THR A 233 17.74 21.54 44.60
N ALA A 234 17.87 21.04 43.38
CA ALA A 234 19.11 20.45 42.91
C ALA A 234 19.18 20.73 41.41
N LEU A 235 20.35 21.20 40.97
CA LEU A 235 20.64 21.32 39.53
C LEU A 235 21.03 19.96 38.93
N ARG A 236 20.30 19.55 37.89
CA ARG A 236 20.65 18.32 37.15
C ARG A 236 20.73 18.61 35.65
N THR A 237 21.61 17.89 34.96
CA THR A 237 21.82 18.09 33.53
C THR A 237 20.67 17.54 32.70
N VAL A 238 20.56 18.01 31.46
CA VAL A 238 19.68 17.35 30.48
C VAL A 238 20.54 16.81 29.33
N ASP A 239 20.02 15.76 28.68
CA ASP A 239 20.55 15.35 27.37
C ASP A 239 20.23 16.47 26.39
N GLU A 240 21.23 16.84 25.59
CA GLU A 240 21.10 17.86 24.53
C GLU A 240 20.70 19.28 24.97
N PRO A 241 21.65 20.06 25.51
CA PRO A 241 21.39 21.41 25.99
C PRO A 241 20.63 22.28 24.99
N ALA A 242 20.91 22.10 23.69
CA ALA A 242 20.29 22.91 22.63
C ALA A 242 18.82 22.58 22.37
N ALA A 243 18.44 21.30 22.51
CA ALA A 243 17.04 20.90 22.33
C ALA A 243 16.19 21.44 23.49
N LEU A 244 16.81 21.63 24.65
CA LEU A 244 16.18 22.37 25.75
C LEU A 244 16.06 23.84 25.38
N ALA A 245 17.13 24.43 24.85
CA ALA A 245 17.04 25.81 24.38
C ALA A 245 15.88 25.95 23.37
N GLY A 246 15.72 24.90 22.55
CA GLY A 246 14.72 24.88 21.51
C GLY A 246 13.34 24.89 22.12
N HIS A 247 13.11 23.96 23.05
CA HIS A 247 11.86 23.84 23.82
C HIS A 247 11.52 25.13 24.57
N LEU A 248 12.49 25.71 25.25
CA LEU A 248 12.29 26.96 25.97
C LEU A 248 11.99 28.15 25.05
N PHE A 249 12.50 28.12 23.82
CA PHE A 249 12.31 29.23 22.90
C PHE A 249 10.92 29.15 22.30
N GLU A 250 10.48 27.93 22.08
CA GLU A 250 9.10 27.62 21.69
C GLU A 250 8.14 28.22 22.72
N GLU A 251 8.44 28.03 23.99
CA GLU A 251 7.67 28.64 25.08
C GLU A 251 7.67 30.17 25.06
N ALA A 252 8.84 30.77 24.88
CA ALA A 252 8.97 32.24 24.80
C ALA A 252 8.26 32.85 23.57
N LEU A 253 8.28 32.13 22.44
CA LEU A 253 7.59 32.58 21.24
C LEU A 253 6.10 32.68 21.49
N GLU A 254 5.52 31.61 22.00
CA GLU A 254 4.09 31.53 22.31
C GLU A 254 3.67 32.60 23.32
N SER A 255 4.51 32.80 24.35
CA SER A 255 4.32 33.87 25.32
C SER A 255 4.32 35.24 24.67
N ASN A 256 5.02 35.36 23.55
CA ASN A 256 5.04 36.61 22.81
C ASN A 256 4.11 36.56 21.59
N GLY A 257 3.07 35.73 21.69
CA GLY A 257 1.98 35.63 20.70
C GLY A 257 2.36 35.12 19.32
N VAL A 258 3.42 34.30 19.26
CA VAL A 258 3.81 33.63 18.03
C VAL A 258 3.53 32.11 18.13
N THR A 259 2.58 31.65 17.32
CA THR A 259 2.21 30.23 17.25
C THR A 259 3.22 29.38 16.48
N VAL A 260 3.75 28.35 17.12
CA VAL A 260 4.58 27.38 16.40
C VAL A 260 3.66 26.22 16.05
N LYS A 261 3.48 25.97 14.76
CA LYS A 261 2.60 24.90 14.27
C LYS A 261 3.31 23.55 14.21
N GLY A 262 4.61 23.58 13.93
CA GLY A 262 5.40 22.39 13.70
C GLY A 262 6.13 21.87 14.92
N ASP A 263 7.30 21.29 14.67
CA ASP A 263 8.07 20.58 15.69
C ASP A 263 9.30 21.32 16.20
N VAL A 264 9.83 20.82 17.30
CA VAL A 264 11.07 21.32 17.84
C VAL A 264 12.15 20.22 17.82
N GLY A 265 13.30 20.54 17.25
CA GLY A 265 14.43 19.62 17.24
C GLY A 265 15.75 20.29 16.95
N LEU A 266 16.79 19.48 16.85
CA LEU A 266 18.09 19.97 16.45
C LEU A 266 18.13 19.98 14.94
N GLY A 267 18.79 20.99 14.39
CA GLY A 267 19.07 21.10 12.97
C GLY A 267 19.83 22.39 12.71
N GLY A 268 20.65 22.38 11.66
CA GLY A 268 21.45 23.56 11.29
C GLY A 268 20.84 24.25 10.09
N VAL A 269 21.02 25.57 10.00
CA VAL A 269 20.48 26.35 8.87
C VAL A 269 20.91 25.66 7.57
N PRO A 270 19.95 25.37 6.66
CA PRO A 270 20.17 24.54 5.46
C PRO A 270 21.40 24.79 4.57
N ALA A 271 21.70 26.02 4.19
CA ALA A 271 22.81 26.19 3.21
C ALA A 271 22.35 26.33 1.76
N ASP A 272 21.19 25.79 1.43
CA ASP A 272 20.49 26.24 0.23
C ASP A 272 19.65 27.49 0.56
N TRP A 273 19.66 27.88 1.84
CA TRP A 273 19.15 29.19 2.27
C TRP A 273 20.05 30.28 1.70
N GLN A 274 19.46 31.12 0.86
CA GLN A 274 20.21 32.04 0.00
C GLN A 274 20.69 33.30 0.72
N ASP A 275 19.87 33.77 1.66
CA ASP A 275 20.14 35.00 2.40
C ASP A 275 19.19 34.98 3.58
N ALA A 276 19.63 34.35 4.67
CA ALA A 276 18.77 34.16 5.84
C ALA A 276 18.36 35.50 6.42
N GLU A 277 17.13 35.57 6.89
CA GLU A 277 16.64 36.78 7.49
C GLU A 277 16.77 36.65 9.00
N VAL A 278 17.65 37.47 9.59
CA VAL A 278 17.85 37.46 11.04
C VAL A 278 16.78 38.33 11.70
N LEU A 279 15.94 37.71 12.53
CA LEU A 279 14.71 38.35 13.03
C LEU A 279 14.89 38.80 14.47
N ALA A 280 15.95 38.30 15.10
CA ALA A 280 16.34 38.57 16.48
C ALA A 280 17.80 38.16 16.68
N ASP A 281 18.47 38.87 17.58
CA ASP A 281 19.84 38.57 17.94
C ASP A 281 20.07 39.01 19.39
N HIS A 282 21.05 38.40 20.03
CA HIS A 282 21.43 38.83 21.34
C HIS A 282 22.95 38.85 21.45
N THR A 283 23.46 39.80 22.22
CA THR A 283 24.91 39.90 22.43
C THR A 283 25.22 39.84 23.91
N SER A 284 25.96 38.82 24.31
CA SER A 284 26.43 38.68 25.69
C SER A 284 27.25 39.90 26.14
N ALA A 285 27.56 39.94 27.45
CA ALA A 285 28.59 40.86 27.95
C ALA A 285 29.94 40.37 27.44
N GLU A 286 30.95 41.18 27.68
CA GLU A 286 32.30 40.92 27.22
C GLU A 286 32.99 39.96 28.14
N LEU A 287 34.00 39.30 27.58
CA LEU A 287 34.72 38.22 28.28
C LEU A 287 35.18 38.58 29.70
N SER A 288 35.60 39.83 29.88
CA SER A 288 36.16 40.32 31.14
C SER A 288 35.17 40.24 32.29
N GLU A 289 33.91 40.40 31.93
CA GLU A 289 32.81 40.32 32.87
C GLU A 289 32.36 38.89 33.02
N ILE A 290 32.43 38.14 31.92
CA ILE A 290 32.06 36.72 31.93
C ILE A 290 33.04 35.89 32.80
N LEU A 291 34.27 36.40 32.92
CA LEU A 291 35.33 35.72 33.70
C LEU A 291 34.98 35.58 35.16
N VAL A 292 34.13 36.47 35.65
CA VAL A 292 33.75 36.50 37.07
C VAL A 292 32.93 35.26 37.47
N PRO A 293 31.69 35.13 36.97
CA PRO A 293 30.98 33.88 37.33
C PRO A 293 31.80 32.60 37.01
N PHE A 294 32.53 32.65 35.91
CA PHE A 294 33.31 31.54 35.42
C PHE A 294 34.43 31.13 36.40
N MET A 295 35.29 32.08 36.79
CA MET A 295 36.41 31.78 37.70
C MET A 295 36.07 31.73 39.20
N LYS A 296 35.13 32.56 39.65
CA LYS A 296 34.75 32.56 41.08
C LYS A 296 34.16 31.23 41.49
N PHE A 297 33.22 30.73 40.68
CA PHE A 297 32.48 29.52 41.01
C PHE A 297 33.07 28.30 40.31
N SER A 298 34.14 28.54 39.54
CA SER A 298 34.85 27.50 38.82
C SER A 298 33.87 26.74 37.90
N ASN A 299 33.34 27.48 36.93
CA ASN A 299 32.28 26.97 36.04
C ASN A 299 32.89 26.18 34.87
N ASN A 300 32.66 24.87 34.90
CA ASN A 300 33.18 23.90 33.94
C ASN A 300 32.65 24.07 32.53
N GLY A 301 31.33 24.21 32.36
CA GLY A 301 30.75 24.50 31.04
C GLY A 301 31.42 25.69 30.38
N HIS A 302 31.57 26.77 31.12
CA HIS A 302 32.26 27.98 30.62
C HIS A 302 33.63 27.68 30.03
N ALA A 303 34.44 26.94 30.78
CA ALA A 303 35.80 26.59 30.36
C ALA A 303 35.83 25.84 29.03
N GLU A 304 34.99 24.81 28.89
CA GLU A 304 34.93 24.01 27.67
C GLU A 304 34.35 24.80 26.50
N MET A 305 33.31 25.58 26.76
CA MET A 305 32.80 26.52 25.76
C MET A 305 33.88 27.48 25.30
N LEU A 306 34.70 27.95 26.23
CA LEU A 306 35.82 28.89 25.89
C LEU A 306 36.90 28.20 25.08
N VAL A 307 37.13 26.92 25.36
CA VAL A 307 38.07 26.16 24.53
C VAL A 307 37.57 25.98 23.10
N LYS A 308 36.34 25.53 22.91
CA LYS A 308 35.82 25.38 21.56
C LYS A 308 35.79 26.73 20.81
N SER A 309 35.56 27.82 21.55
CA SER A 309 35.57 29.19 21.01
C SER A 309 36.95 29.60 20.56
N ILE A 310 37.98 29.23 21.33
CA ILE A 310 39.38 29.41 20.92
C ILE A 310 39.60 28.70 19.57
N GLY A 311 39.15 27.45 19.50
CA GLY A 311 39.22 26.65 18.28
C GLY A 311 38.62 27.33 17.08
N GLN A 312 37.43 27.92 17.27
CA GLN A 312 36.76 28.67 16.21
C GLN A 312 37.54 29.89 15.76
N GLU A 313 38.07 30.64 16.72
CA GLU A 313 38.87 31.83 16.41
C GLU A 313 40.16 31.47 15.65
N THR A 314 40.88 30.44 16.11
CA THR A 314 42.18 30.14 15.53
C THR A 314 42.07 29.34 14.21
N ALA A 315 40.95 28.64 14.04
CA ALA A 315 40.89 27.57 13.04
C ALA A 315 39.51 27.36 12.38
N GLY A 316 38.46 27.99 12.90
CA GLY A 316 37.12 27.80 12.36
C GLY A 316 36.57 26.46 12.78
N ALA A 317 37.13 25.91 13.84
CA ALA A 317 36.82 24.57 14.31
C ALA A 317 36.42 24.63 15.80
N GLY A 318 35.13 24.45 16.07
CA GLY A 318 34.57 24.49 17.44
C GLY A 318 34.65 23.16 18.14
N THR A 319 35.84 22.88 18.63
CA THR A 319 36.36 21.52 18.77
C THR A 319 37.41 21.51 19.90
N TRP A 320 37.42 20.45 20.72
CA TRP A 320 38.45 20.32 21.76
C TRP A 320 39.88 20.23 21.20
N ASP A 321 40.03 19.48 20.12
CA ASP A 321 41.35 19.26 19.51
C ASP A 321 42.01 20.58 19.05
N ALA A 322 41.22 21.45 18.41
CA ALA A 322 41.75 22.70 17.87
C ALA A 322 41.93 23.72 18.96
N GLY A 323 40.96 23.80 19.88
CA GLY A 323 40.98 24.77 20.98
C GLY A 323 42.14 24.56 21.95
N LEU A 324 42.35 23.29 22.32
CA LEU A 324 43.43 22.89 23.22
C LEU A 324 44.80 23.20 22.66
N VAL A 325 44.97 22.98 21.36
CA VAL A 325 46.18 23.34 20.68
C VAL A 325 46.36 24.88 20.71
N GLY A 326 45.28 25.60 20.48
CA GLY A 326 45.27 27.07 20.59
C GLY A 326 45.49 27.59 22.01
N VAL A 327 45.05 26.82 22.99
CA VAL A 327 45.36 27.13 24.39
C VAL A 327 46.89 27.08 24.63
N GLU A 328 47.56 26.02 24.14
CA GLU A 328 49.02 25.90 24.26
C GLU A 328 49.79 27.00 23.52
N GLU A 329 49.39 27.27 22.28
CA GLU A 329 50.05 28.31 21.49
C GLU A 329 49.97 29.66 22.21
N ALA A 330 48.77 29.99 22.70
CA ALA A 330 48.54 31.25 23.41
C ALA A 330 49.38 31.38 24.67
N LEU A 331 49.47 30.27 25.42
CA LEU A 331 50.33 30.20 26.58
C LEU A 331 51.79 30.35 26.18
N SER A 332 52.16 29.67 25.09
CA SER A 332 53.52 29.80 24.56
C SER A 332 53.84 31.24 24.17
N GLY A 333 52.93 31.87 23.43
CA GLY A 333 53.12 33.25 22.95
C GLY A 333 53.13 34.27 24.08
N LEU A 334 52.74 33.80 25.26
CA LEU A 334 52.70 34.60 26.46
C LEU A 334 53.99 34.45 27.26
N GLY A 335 54.92 33.66 26.75
CA GLY A 335 56.21 33.42 27.41
C GLY A 335 56.20 32.24 28.35
N VAL A 336 55.10 31.50 28.41
CA VAL A 336 55.00 30.36 29.32
C VAL A 336 55.70 29.14 28.71
N ASP A 337 56.62 28.52 29.46
CA ASP A 337 57.19 27.23 29.08
C ASP A 337 56.14 26.13 29.38
N THR A 338 55.65 25.51 28.32
CA THR A 338 54.56 24.54 28.43
C THR A 338 55.02 23.07 28.41
N ALA A 339 56.31 22.82 28.65
CA ALA A 339 56.87 21.46 28.59
C ALA A 339 56.20 20.44 29.51
N GLY A 340 55.79 20.90 30.70
CA GLY A 340 55.18 20.02 31.68
C GLY A 340 53.66 19.96 31.57
N LEU A 341 53.08 20.78 30.70
CA LEU A 341 51.64 20.86 30.53
C LEU A 341 51.08 19.77 29.64
N VAL A 342 50.06 19.09 30.12
CA VAL A 342 49.27 18.15 29.32
C VAL A 342 47.80 18.60 29.37
N LEU A 343 47.25 18.93 28.21
CA LEU A 343 45.91 19.49 28.15
C LEU A 343 44.95 18.47 27.57
N ASN A 344 43.99 18.02 28.38
CA ASN A 344 42.91 17.15 27.87
C ASN A 344 41.57 17.91 27.94
N ASP A 345 41.54 19.03 28.64
CA ASP A 345 40.33 19.88 28.68
C ASP A 345 40.59 21.27 29.27
N GLY A 346 39.59 22.12 29.31
CA GLY A 346 39.77 23.49 29.79
C GLY A 346 39.39 23.68 31.23
N SER A 347 38.43 22.87 31.69
CA SER A 347 37.89 22.99 33.05
C SER A 347 38.74 22.38 34.17
N GLY A 348 39.59 21.41 33.82
CA GLY A 348 40.25 20.54 34.82
C GLY A 348 39.47 19.31 35.26
N LEU A 349 38.20 19.19 34.82
CA LEU A 349 37.43 17.99 35.14
C LEU A 349 38.20 16.70 34.77
N SER A 350 38.89 16.70 33.63
CA SER A 350 39.58 15.52 33.13
C SER A 350 40.79 15.08 33.95
N ARG A 351 40.87 13.77 34.17
CA ARG A 351 41.96 13.13 34.87
C ARG A 351 43.14 12.91 33.92
N GLY A 352 42.97 13.38 32.68
CA GLY A 352 44.01 13.35 31.65
C GLY A 352 44.93 14.56 31.72
N ASN A 353 44.56 15.59 32.48
CA ASN A 353 45.34 16.82 32.58
C ASN A 353 46.55 16.65 33.47
N LEU A 354 47.62 17.37 33.15
CA LEU A 354 48.81 17.44 34.00
C LEU A 354 49.43 18.82 33.99
N VAL A 355 49.88 19.28 35.16
CA VAL A 355 50.58 20.54 35.28
C VAL A 355 51.78 20.27 36.16
N THR A 356 52.58 21.29 36.39
CA THR A 356 53.54 21.31 37.48
C THR A 356 53.36 22.63 38.22
N ALA A 357 53.79 22.67 39.48
CA ALA A 357 53.70 23.87 40.29
C ALA A 357 54.47 25.03 39.63
N ASP A 358 55.67 24.75 39.13
CA ASP A 358 56.47 25.73 38.38
C ASP A 358 55.77 26.30 37.16
N THR A 359 55.09 25.45 36.40
CA THR A 359 54.31 25.90 35.24
C THR A 359 53.21 26.86 35.68
N VAL A 360 52.54 26.52 36.77
CA VAL A 360 51.46 27.37 37.29
C VAL A 360 52.01 28.75 37.69
N VAL A 361 53.08 28.77 38.48
CA VAL A 361 53.68 30.02 38.95
C VAL A 361 54.23 30.81 37.77
N ASP A 362 54.87 30.09 36.84
CA ASP A 362 55.26 30.65 35.56
C ASP A 362 54.07 31.38 34.90
N LEU A 363 52.94 30.69 34.71
CA LEU A 363 51.72 31.36 34.22
C LEU A 363 51.35 32.56 35.07
N LEU A 364 51.24 32.37 36.39
CA LEU A 364 50.90 33.49 37.32
C LEU A 364 51.76 34.75 37.15
N GLY A 365 53.05 34.56 36.92
CA GLY A 365 53.94 35.68 36.69
C GLY A 365 53.76 36.30 35.32
N GLN A 366 53.62 35.46 34.30
CA GLN A 366 53.50 35.94 32.93
C GLN A 366 52.21 36.69 32.63
N ALA A 367 51.17 36.40 33.40
CA ALA A 367 49.89 37.08 33.23
C ALA A 367 49.97 38.56 33.65
N GLY A 368 50.62 38.83 34.79
CA GLY A 368 50.80 40.22 35.29
C GLY A 368 51.45 41.19 34.32
N SER A 369 52.14 40.64 33.34
CA SER A 369 52.85 41.44 32.34
C SER A 369 51.90 41.96 31.25
N ALA A 370 50.86 41.15 30.99
CA ALA A 370 49.89 41.33 29.90
C ALA A 370 48.93 42.49 30.11
N PRO A 371 48.32 42.97 29.01
CA PRO A 371 47.35 44.06 29.11
C PRO A 371 46.15 43.74 30.00
N TRP A 372 45.70 42.48 29.99
CA TRP A 372 44.46 42.09 30.64
C TRP A 372 44.64 41.66 32.11
N ALA A 373 45.83 41.94 32.68
CA ALA A 373 46.22 41.50 34.03
C ALA A 373 45.20 41.83 35.15
N GLN A 374 44.67 43.05 35.14
CA GLN A 374 43.75 43.49 36.18
C GLN A 374 42.42 42.71 36.12
N THR A 375 41.92 42.46 34.92
CA THR A 375 40.63 41.80 34.81
C THR A 375 40.74 40.31 35.18
N TRP A 376 41.84 39.67 34.74
CA TRP A 376 42.23 38.32 35.15
C TRP A 376 42.27 38.18 36.68
N SER A 377 43.10 38.98 37.35
CA SER A 377 43.25 38.88 38.80
C SER A 377 41.96 39.20 39.58
N ALA A 378 41.10 40.03 39.00
CA ALA A 378 39.77 40.29 39.57
C ALA A 378 38.84 39.09 39.56
N SER A 379 39.02 38.18 38.61
CA SER A 379 38.11 37.03 38.45
C SER A 379 38.37 35.96 39.50
N LEU A 380 39.60 35.92 40.02
CA LEU A 380 40.05 34.96 41.03
C LEU A 380 39.27 35.08 42.34
N PRO A 381 38.85 33.94 42.92
CA PRO A 381 38.25 33.97 44.28
C PRO A 381 39.08 34.77 45.30
N VAL A 382 38.41 35.55 46.16
CA VAL A 382 39.12 36.27 47.23
C VAL A 382 38.82 35.60 48.57
N ALA A 383 39.89 35.20 49.27
CA ALA A 383 39.80 34.44 50.53
C ALA A 383 38.95 35.14 51.58
N GLY A 384 37.99 34.38 52.10
CA GLY A 384 37.18 34.80 53.23
C GLY A 384 36.16 35.88 52.98
N GLU A 385 35.84 36.14 51.73
CA GLU A 385 34.84 37.15 51.39
C GLU A 385 33.45 36.51 51.26
N SER A 386 32.51 37.00 52.07
CA SER A 386 31.19 36.36 52.18
C SER A 386 30.23 36.59 51.00
N ASP A 387 30.50 37.62 50.18
CA ASP A 387 29.80 37.84 48.92
C ASP A 387 30.29 36.76 47.98
N PRO A 388 29.39 35.85 47.54
CA PRO A 388 29.79 34.76 46.64
C PRO A 388 30.52 35.23 45.37
N PHE A 389 30.12 36.39 44.82
CA PHE A 389 30.70 36.94 43.60
C PHE A 389 32.03 37.65 43.90
N VAL A 390 32.41 37.70 45.17
CA VAL A 390 33.79 38.08 45.51
C VAL A 390 34.61 36.86 45.96
N GLY A 391 34.08 36.13 46.95
CA GLY A 391 34.84 35.04 47.56
C GLY A 391 34.84 33.75 46.75
N GLY A 392 33.79 33.57 45.94
CA GLY A 392 33.67 32.39 45.08
C GLY A 392 33.79 31.10 45.88
N THR A 393 34.63 30.19 45.41
CA THR A 393 34.95 28.96 46.15
C THR A 393 35.87 29.19 47.37
N LEU A 394 36.34 30.41 47.59
CA LEU A 394 37.09 30.71 48.83
C LEU A 394 36.28 31.43 49.91
N ALA A 395 34.95 31.53 49.72
CA ALA A 395 34.11 32.37 50.58
C ALA A 395 34.14 31.95 52.05
N ASN A 396 34.18 30.64 52.30
CA ASN A 396 34.20 30.15 53.68
C ASN A 396 35.52 29.60 54.17
N ARG A 397 36.60 29.97 53.51
CA ARG A 397 37.93 29.56 53.93
C ARG A 397 38.73 30.79 54.28
N MET A 398 39.55 30.67 55.33
CA MET A 398 40.44 31.73 55.77
C MET A 398 39.80 32.97 56.40
N ARG A 399 38.51 32.85 56.77
CA ARG A 399 37.80 33.95 57.42
C ARG A 399 38.46 34.32 58.74
N GLY A 400 38.51 35.62 59.03
CA GLY A 400 39.09 36.09 60.29
C GLY A 400 40.56 35.80 60.44
N THR A 401 41.25 35.64 59.30
CA THR A 401 42.72 35.52 59.26
C THR A 401 43.34 36.66 58.45
N ALA A 402 44.68 36.72 58.43
CA ALA A 402 45.43 37.69 57.60
C ALA A 402 45.16 37.53 56.09
N ALA A 403 44.85 36.30 55.65
CA ALA A 403 44.46 36.03 54.25
C ALA A 403 43.09 36.59 53.85
N GLU A 404 42.23 36.93 54.82
CA GLU A 404 40.87 37.39 54.48
C GLU A 404 40.91 38.70 53.71
N GLY A 405 40.42 38.65 52.47
CA GLY A 405 40.34 39.84 51.62
C GLY A 405 41.64 40.10 50.85
N VAL A 406 42.62 39.23 51.00
CA VAL A 406 43.95 39.45 50.40
C VAL A 406 44.34 38.41 49.36
N VAL A 407 44.37 37.14 49.76
CA VAL A 407 44.69 36.03 48.88
C VAL A 407 43.67 35.93 47.73
N GLU A 408 44.20 35.97 46.51
CA GLU A 408 43.42 35.83 45.29
C GLU A 408 43.89 34.53 44.68
N ALA A 409 43.04 33.51 44.69
CA ALA A 409 43.51 32.18 44.28
C ALA A 409 42.47 31.24 43.69
N LYS A 410 42.92 30.45 42.73
CA LYS A 410 42.04 29.49 42.10
C LYS A 410 42.11 28.18 42.89
N THR A 411 40.94 27.60 43.15
CA THR A 411 40.87 26.31 43.79
C THR A 411 40.73 25.20 42.76
N GLY A 412 40.90 23.96 43.21
CA GLY A 412 40.71 22.80 42.37
C GLY A 412 40.61 21.60 43.28
N THR A 413 39.67 20.71 43.00
CA THR A 413 39.37 19.63 43.91
C THR A 413 38.73 18.46 43.20
N MET A 414 39.25 17.26 43.49
CA MET A 414 38.75 15.96 43.03
C MET A 414 39.14 14.91 44.08
N SER A 415 38.62 13.69 43.95
CA SER A 415 39.04 12.56 44.77
C SER A 415 40.56 12.41 44.66
N GLY A 416 41.29 12.61 45.76
CA GLY A 416 42.75 12.50 45.72
C GLY A 416 43.49 13.65 45.05
N VAL A 417 42.78 14.74 44.78
CA VAL A 417 43.38 15.94 44.14
C VAL A 417 42.85 17.22 44.77
N SER A 418 43.77 18.12 45.11
CA SER A 418 43.43 19.41 45.66
C SER A 418 44.51 20.42 45.29
N ALA A 419 44.08 21.61 44.88
CA ALA A 419 45.00 22.65 44.46
C ALA A 419 44.51 24.04 44.89
N LEU A 420 45.48 24.91 45.19
CA LEU A 420 45.20 26.30 45.47
C LEU A 420 46.38 27.11 44.91
N SER A 421 46.10 28.00 43.96
CA SER A 421 47.18 28.71 43.28
C SER A 421 46.76 30.14 43.02
N GLY A 422 47.67 31.07 43.24
CA GLY A 422 47.31 32.46 43.03
C GLY A 422 48.28 33.47 43.58
N TYR A 423 47.70 34.57 44.08
CA TYR A 423 48.46 35.76 44.43
C TYR A 423 48.24 36.18 45.88
N VAL A 424 49.32 36.69 46.50
CA VAL A 424 49.25 37.31 47.82
C VAL A 424 49.94 38.69 47.78
N PRO A 425 49.17 39.76 47.55
CA PRO A 425 49.78 41.10 47.46
C PRO A 425 49.94 41.76 48.82
N GLY A 426 51.05 42.47 48.99
CA GLY A 426 51.30 43.15 50.24
C GLY A 426 52.45 44.12 50.14
N PRO A 427 52.54 45.04 51.10
CA PRO A 427 53.65 46.00 51.19
C PRO A 427 55.00 45.30 51.30
N GLU A 428 55.02 44.06 51.78
CA GLU A 428 56.29 43.35 51.98
C GLU A 428 56.68 42.43 50.82
N GLY A 429 55.83 42.41 49.79
CA GLY A 429 56.09 41.65 48.58
C GLY A 429 54.82 41.23 47.88
N GLU A 430 54.82 41.26 46.56
CA GLU A 430 53.71 40.71 45.77
C GLU A 430 54.04 39.25 45.42
N LEU A 431 53.31 38.32 46.02
CA LEU A 431 53.63 36.91 45.91
C LEU A 431 52.72 36.15 44.93
N ALA A 432 53.35 35.22 44.21
CA ALA A 432 52.63 34.20 43.45
C ALA A 432 53.03 32.84 44.01
N PHE A 433 52.02 31.99 44.16
CA PHE A 433 52.23 30.65 44.71
C PHE A 433 51.34 29.65 43.99
N SER A 434 51.77 28.39 44.05
CA SER A 434 50.97 27.25 43.64
C SER A 434 51.18 26.11 44.64
N ILE A 435 50.07 25.54 45.07
CA ILE A 435 50.04 24.36 45.95
C ILE A 435 49.16 23.30 45.28
N VAL A 436 49.77 22.20 44.85
CA VAL A 436 49.06 21.12 44.17
C VAL A 436 49.33 19.83 44.92
N ASN A 437 48.26 19.17 45.36
CA ASN A 437 48.33 17.94 46.15
C ASN A 437 47.61 16.82 45.43
N ASN A 438 48.30 15.68 45.28
CA ASN A 438 47.73 14.45 44.70
C ASN A 438 48.01 13.26 45.61
N GLY A 439 47.08 12.30 45.65
CA GLY A 439 47.37 11.00 46.28
C GLY A 439 47.13 10.91 47.78
N HIS A 440 46.61 11.99 48.36
CA HIS A 440 46.15 11.96 49.76
C HIS A 440 44.91 11.09 49.86
N SER A 441 44.78 10.34 50.95
CA SER A 441 43.70 9.33 51.07
C SER A 441 42.70 9.59 52.22
N GLY A 442 42.81 10.76 52.84
CA GLY A 442 41.92 11.15 53.93
C GLY A 442 41.18 12.44 53.61
N PRO A 443 41.02 13.33 54.61
CA PRO A 443 40.40 14.63 54.39
C PRO A 443 41.08 15.40 53.25
N ALA A 444 40.31 16.28 52.60
CA ALA A 444 40.87 17.25 51.66
C ALA A 444 41.88 18.11 52.43
N PRO A 445 43.09 18.29 51.89
CA PRO A 445 44.17 19.00 52.60
C PRO A 445 44.02 20.54 52.59
N LEU A 446 42.80 21.01 52.82
CA LEU A 446 42.52 22.45 52.75
C LEU A 446 43.12 23.22 53.93
N ALA A 447 43.25 22.57 55.07
CA ALA A 447 43.83 23.21 56.24
C ALA A 447 45.33 23.51 56.02
N VAL A 448 45.99 22.63 55.28
CA VAL A 448 47.38 22.82 54.88
C VAL A 448 47.53 24.00 53.91
N GLN A 449 46.64 24.05 52.91
CA GLN A 449 46.69 25.11 51.89
C GLN A 449 46.38 26.44 52.56
N ASP A 450 45.30 26.48 53.35
CA ASP A 450 44.94 27.68 54.12
C ASP A 450 46.11 28.12 55.01
N ALA A 451 46.65 27.18 55.78
CA ALA A 451 47.76 27.46 56.70
C ALA A 451 48.94 28.10 55.97
N ILE A 452 49.24 27.64 54.76
CA ILE A 452 50.29 28.26 53.92
C ILE A 452 49.86 29.65 53.39
N ALA A 453 48.62 29.74 52.88
CA ALA A 453 48.10 31.02 52.36
C ALA A 453 48.14 32.14 53.41
N VAL A 454 47.72 31.81 54.63
CA VAL A 454 47.74 32.70 55.79
C VAL A 454 49.18 33.10 56.16
N ARG A 455 50.09 32.13 56.13
CA ARG A 455 51.48 32.40 56.48
C ARG A 455 52.13 33.32 55.45
N LEU A 456 51.75 33.14 54.19
CA LEU A 456 52.21 33.98 53.08
C LEU A 456 51.67 35.40 53.21
N ALA A 457 50.41 35.51 53.61
CA ALA A 457 49.78 36.81 53.89
C ALA A 457 50.53 37.57 54.98
N GLU A 458 50.94 36.84 56.02
CA GLU A 458 51.77 37.42 57.08
C GLU A 458 53.12 37.84 56.55
N TYR A 459 53.68 37.06 55.62
CA TYR A 459 54.97 37.42 54.99
C TYR A 459 54.84 38.67 54.14
N ALA A 460 53.74 38.75 53.38
CA ALA A 460 53.46 39.91 52.52
C ALA A 460 53.16 41.16 53.34
N GLY A 461 52.88 40.98 54.64
CA GLY A 461 52.87 42.10 55.59
C GLY A 461 51.55 42.33 56.30
N HIS A 462 50.60 41.41 56.12
CA HIS A 462 49.29 41.54 56.75
C HIS A 462 49.20 40.95 58.17
N GLN A 463 48.18 41.39 58.90
CA GLN A 463 47.90 41.01 60.27
C GLN A 463 46.56 40.25 60.42
N ALA A 464 46.55 39.22 61.27
CA ALA A 464 45.29 38.63 61.72
C ALA A 464 44.37 39.70 62.32
N PRO A 465 43.09 39.73 61.89
CA PRO A 465 42.12 40.61 62.54
C PRO A 465 41.76 40.08 63.93
N GLU A 466 41.39 41.00 64.82
CA GLU A 466 41.22 40.67 66.23
C GLU A 466 39.86 41.14 66.73
N ARG B 1 -6.84 -1.23 -24.02
CA ARG B 1 -6.55 -0.04 -24.89
C ARG B 1 -5.36 0.76 -24.38
N LEU B 2 -5.12 0.67 -23.07
CA LEU B 2 -4.02 1.39 -22.42
C LEU B 2 -2.67 0.81 -22.85
N THR B 3 -2.65 -0.47 -23.22
CA THR B 3 -1.43 -1.11 -23.69
C THR B 3 -1.01 -0.56 -25.05
N GLU B 4 -2.02 -0.29 -25.90
CA GLU B 4 -1.81 0.40 -27.18
C GLU B 4 -1.20 1.79 -26.96
N LEU B 5 -1.77 2.55 -26.02
CA LEU B 5 -1.27 3.88 -25.71
C LEU B 5 0.19 3.82 -25.28
N ARG B 6 0.51 2.85 -24.43
CA ARG B 6 1.86 2.74 -23.93
C ARG B 6 2.84 2.38 -25.05
N GLU B 7 2.49 1.41 -25.89
CA GLU B 7 3.36 0.99 -27.00
C GLU B 7 3.61 2.08 -28.06
N ASP B 8 2.58 2.89 -28.33
CA ASP B 8 2.68 3.98 -29.30
C ASP B 8 3.59 5.10 -28.82
N ILE B 9 3.40 5.53 -27.57
CA ILE B 9 4.24 6.54 -26.96
C ILE B 9 5.69 6.02 -26.88
N ASP B 10 5.86 4.75 -26.53
CA ASP B 10 7.17 4.11 -26.56
C ASP B 10 7.83 4.29 -27.93
N ALA B 11 7.12 3.83 -28.96
CA ALA B 11 7.53 3.93 -30.37
C ALA B 11 7.84 5.36 -30.80
N ILE B 12 6.96 6.30 -30.43
CA ILE B 12 7.18 7.71 -30.75
C ILE B 12 8.50 8.20 -30.16
N LEU B 13 8.79 7.75 -28.94
CA LEU B 13 9.97 8.20 -28.18
C LEU B 13 11.28 7.69 -28.79
N GLU B 14 11.21 6.53 -29.43
CA GLU B 14 12.28 6.01 -30.28
C GLU B 14 12.38 6.81 -31.59
N ASP B 15 12.48 8.13 -31.46
CA ASP B 15 12.64 9.03 -32.58
C ASP B 15 14.13 9.43 -32.62
N PRO B 16 14.73 9.52 -33.83
CA PRO B 16 16.16 9.91 -33.99
C PRO B 16 16.55 11.27 -33.37
N ALA B 17 15.56 12.11 -33.09
CA ALA B 17 15.84 13.41 -32.48
C ALA B 17 16.04 13.28 -30.97
N LEU B 18 15.67 12.13 -30.40
CA LEU B 18 15.80 11.89 -28.96
C LEU B 18 16.95 10.95 -28.64
N GLU B 19 17.80 10.74 -29.62
CA GLU B 19 18.92 9.82 -29.57
C GLU B 19 19.93 10.31 -28.52
N GLY B 20 20.22 9.44 -27.56
CA GLY B 20 21.12 9.75 -26.44
C GLY B 20 20.57 10.70 -25.39
N ALA B 21 19.28 11.02 -25.47
CA ALA B 21 18.69 11.99 -24.55
C ALA B 21 17.97 11.35 -23.36
N VAL B 22 17.55 12.19 -22.42
CA VAL B 22 16.62 11.78 -21.36
C VAL B 22 15.32 12.57 -21.51
N SER B 23 14.21 11.84 -21.61
CA SER B 23 12.88 12.45 -21.65
C SER B 23 12.07 11.97 -20.47
N GLY B 24 11.55 12.91 -19.69
CA GLY B 24 10.54 12.62 -18.68
C GLY B 24 9.18 12.86 -19.30
N VAL B 25 8.36 11.81 -19.30
CA VAL B 25 7.04 11.85 -19.92
C VAL B 25 5.99 11.20 -19.02
N VAL B 26 5.13 12.03 -18.41
CA VAL B 26 4.02 11.51 -17.62
C VAL B 26 2.68 12.02 -18.18
N VAL B 27 1.69 11.11 -18.21
CA VAL B 27 0.32 11.42 -18.62
C VAL B 27 -0.67 10.86 -17.59
N VAL B 28 -1.56 11.73 -17.15
CA VAL B 28 -2.57 11.38 -16.15
C VAL B 28 -3.98 11.65 -16.66
N ASP B 29 -4.91 10.76 -16.32
CA ASP B 29 -6.34 10.99 -16.52
C ASP B 29 -6.84 11.74 -15.28
N THR B 30 -7.22 13.00 -15.47
CA THR B 30 -7.69 13.85 -14.38
C THR B 30 -8.99 13.35 -13.71
N ALA B 31 -9.80 12.60 -14.45
CA ALA B 31 -11.09 12.11 -13.95
C ALA B 31 -10.96 10.84 -13.10
N THR B 32 -9.94 10.03 -13.37
CA THR B 32 -9.72 8.78 -12.62
C THR B 32 -8.50 8.85 -11.71
N GLY B 33 -7.63 9.81 -11.95
CA GLY B 33 -6.35 9.88 -11.25
C GLY B 33 -5.37 8.82 -11.72
N GLU B 34 -5.80 8.08 -12.76
CA GLU B 34 -5.04 6.98 -13.33
C GLU B 34 -3.72 7.42 -13.97
N GLU B 35 -2.68 6.64 -13.72
CA GLU B 35 -1.43 6.84 -14.42
C GLU B 35 -1.43 6.10 -15.75
N LEU B 36 -1.78 6.84 -16.81
CA LEU B 36 -1.81 6.28 -18.16
C LEU B 36 -0.43 5.88 -18.67
N TYR B 37 0.53 6.79 -18.52
CA TYR B 37 1.90 6.58 -18.96
C TYR B 37 2.86 7.25 -18.00
N SER B 38 3.94 6.55 -17.64
CA SER B 38 5.04 7.17 -16.88
C SER B 38 6.39 6.64 -17.29
N ARG B 39 7.30 7.53 -17.68
CA ARG B 39 8.67 7.17 -17.99
C ARG B 39 9.60 8.28 -17.52
N ASP B 40 10.57 7.91 -16.67
CA ASP B 40 11.52 8.82 -16.06
C ASP B 40 10.84 10.04 -15.41
N GLY B 41 9.71 9.77 -14.77
CA GLY B 41 8.88 10.81 -14.17
C GLY B 41 9.51 11.47 -12.95
N GLY B 42 10.49 10.81 -12.37
CA GLY B 42 11.12 11.29 -11.15
C GLY B 42 12.48 11.91 -11.39
N GLU B 43 12.89 11.96 -12.66
CA GLU B 43 14.19 12.51 -13.04
C GLU B 43 14.16 14.04 -13.02
N GLN B 44 15.17 14.62 -12.38
CA GLN B 44 15.32 16.09 -12.31
C GLN B 44 15.88 16.60 -13.63
N LEU B 45 15.18 17.56 -14.21
CA LEU B 45 15.44 18.01 -15.57
C LEU B 45 15.23 19.51 -15.66
N LEU B 46 15.96 20.14 -16.57
CA LEU B 46 15.77 21.54 -16.89
C LEU B 46 14.45 21.72 -17.65
N PRO B 47 13.60 22.65 -17.21
CA PRO B 47 12.29 22.81 -17.83
C PRO B 47 12.18 23.93 -18.88
N ALA B 48 13.19 24.78 -18.99
CA ALA B 48 13.05 26.00 -19.79
C ALA B 48 11.72 26.68 -19.44
N SER B 49 11.02 27.25 -20.43
CA SER B 49 9.84 28.09 -20.15
C SER B 49 8.66 27.38 -19.50
N ASN B 50 8.78 26.09 -19.28
CA ASN B 50 7.74 25.33 -18.59
C ASN B 50 7.76 25.66 -17.09
N MET B 51 8.84 26.33 -16.64
CA MET B 51 8.92 26.90 -15.29
C MET B 51 7.81 27.94 -15.02
N LYS B 52 7.42 28.65 -16.07
CA LYS B 52 6.35 29.65 -16.01
C LYS B 52 5.04 29.09 -15.45
N LEU B 53 4.86 27.78 -15.55
CA LEU B 53 3.67 27.11 -15.03
C LEU B 53 3.64 27.17 -13.51
N PHE B 54 4.81 27.01 -12.90
CA PHE B 54 4.92 27.14 -11.46
C PHE B 54 4.74 28.59 -11.04
N THR B 55 5.39 29.48 -11.79
CA THR B 55 5.32 30.89 -11.49
C THR B 55 3.89 31.42 -11.57
N ALA B 56 3.17 31.07 -12.63
CA ALA B 56 1.81 31.55 -12.83
C ALA B 56 0.89 31.04 -11.74
N ALA B 57 0.97 29.75 -11.44
CA ALA B 57 0.17 29.11 -10.39
C ALA B 57 0.44 29.68 -9.00
N ALA B 58 1.72 29.95 -8.70
CA ALA B 58 2.10 30.61 -7.45
C ALA B 58 1.59 32.06 -7.42
N ALA B 59 1.63 32.73 -8.57
CA ALA B 59 1.14 34.13 -8.69
C ALA B 59 -0.35 34.27 -8.38
N LEU B 60 -1.16 33.37 -8.93
CA LEU B 60 -2.62 33.44 -8.76
C LEU B 60 -3.01 33.11 -7.33
N GLU B 61 -2.21 32.24 -6.72
CA GLU B 61 -2.40 31.79 -5.36
C GLU B 61 -2.06 32.89 -4.36
N VAL B 62 -0.93 33.53 -4.58
CA VAL B 62 -0.42 34.57 -3.68
C VAL B 62 -1.10 35.92 -3.88
N LEU B 63 -1.15 36.38 -5.13
CA LEU B 63 -1.72 37.68 -5.51
C LEU B 63 -3.23 37.67 -5.77
N GLY B 64 -3.78 36.52 -6.16
CA GLY B 64 -5.17 36.47 -6.57
C GLY B 64 -5.32 36.80 -8.04
N ALA B 65 -6.40 36.31 -8.65
CA ALA B 65 -6.72 36.56 -10.06
C ALA B 65 -7.23 37.98 -10.29
N ASP B 66 -7.74 38.60 -9.24
CA ASP B 66 -8.19 39.99 -9.28
C ASP B 66 -7.09 41.02 -9.02
N HIS B 67 -5.84 40.58 -8.86
CA HIS B 67 -4.76 41.51 -8.52
C HIS B 67 -4.46 42.48 -9.64
N SER B 68 -4.25 43.75 -9.28
CA SER B 68 -3.82 44.76 -10.24
C SER B 68 -2.56 45.45 -9.75
N PHE B 69 -1.88 46.10 -10.70
CA PHE B 69 -0.56 46.70 -10.44
C PHE B 69 -0.60 48.20 -10.62
N GLY B 70 -0.01 48.92 -9.67
CA GLY B 70 -0.08 50.36 -9.65
C GLY B 70 1.20 51.07 -10.03
N THR B 71 1.03 52.21 -10.69
CA THR B 71 2.11 53.16 -10.97
C THR B 71 1.54 54.53 -10.57
N GLU B 72 2.35 55.33 -9.88
CA GLU B 72 1.93 56.67 -9.49
C GLU B 72 3.05 57.72 -9.61
N VAL B 73 2.62 58.98 -9.66
CA VAL B 73 3.50 60.13 -9.70
C VAL B 73 3.32 60.88 -8.39
N ALA B 74 4.39 61.04 -7.61
CA ALA B 74 4.28 61.69 -6.31
C ALA B 74 5.14 62.95 -6.20
N ALA B 75 4.63 63.92 -5.45
CA ALA B 75 5.37 65.12 -5.06
C ALA B 75 5.23 65.31 -3.56
N GLU B 76 6.15 66.06 -2.95
CA GLU B 76 6.14 66.30 -1.50
C GLU B 76 4.84 66.96 -1.05
N SER B 77 4.40 67.94 -1.84
CA SER B 77 3.17 68.68 -1.59
C SER B 77 2.38 68.81 -2.88
N ALA B 78 1.18 69.37 -2.78
CA ALA B 78 0.46 69.88 -3.92
C ALA B 78 1.22 71.06 -4.54
N PRO B 79 1.08 71.27 -5.85
CA PRO B 79 1.69 72.41 -6.51
C PRO B 79 1.49 73.72 -5.74
N GLY B 80 2.55 74.52 -5.65
CA GLY B 80 2.48 75.82 -5.00
C GLY B 80 1.82 76.85 -5.91
N ARG B 81 1.82 78.10 -5.46
CA ARG B 81 1.10 79.20 -6.13
C ARG B 81 1.39 79.35 -7.62
N ARG B 82 2.53 78.82 -8.08
CA ARG B 82 2.92 79.01 -9.47
C ARG B 82 2.80 77.71 -10.26
N GLY B 83 2.09 76.75 -9.68
CA GLY B 83 1.96 75.41 -10.25
C GLY B 83 3.29 74.67 -10.22
N GLU B 84 4.11 74.98 -9.22
CA GLU B 84 5.44 74.39 -9.10
C GLU B 84 5.50 73.34 -8.00
N VAL B 85 6.19 72.26 -8.33
CA VAL B 85 6.63 71.28 -7.36
C VAL B 85 8.16 71.34 -7.43
N GLN B 86 8.83 70.77 -6.44
CA GLN B 86 10.29 70.69 -6.48
C GLN B 86 10.70 69.43 -7.23
N ASP B 87 11.08 68.38 -6.50
CA ASP B 87 11.33 67.07 -7.09
C ASP B 87 10.04 66.32 -7.34
N LEU B 88 10.07 65.44 -8.34
CA LEU B 88 8.89 64.69 -8.76
C LEU B 88 9.29 63.22 -8.98
N TYR B 89 8.51 62.31 -8.44
CA TYR B 89 8.83 60.89 -8.56
C TYR B 89 7.76 60.17 -9.37
N LEU B 90 8.18 59.42 -10.38
CA LEU B 90 7.35 58.40 -11.01
C LEU B 90 7.66 57.07 -10.29
N VAL B 91 6.62 56.43 -9.74
CA VAL B 91 6.81 55.33 -8.81
C VAL B 91 6.20 54.08 -9.40
N GLY B 92 7.02 53.09 -9.70
CA GLY B 92 6.51 51.85 -10.25
C GLY B 92 6.42 50.81 -9.17
N ARG B 93 5.27 50.12 -9.10
CA ARG B 93 5.15 48.96 -8.24
C ARG B 93 4.81 47.68 -9.02
N GLY B 94 5.56 47.44 -10.10
CA GLY B 94 5.61 46.15 -10.79
C GLY B 94 4.49 45.86 -11.78
N ASP B 95 3.97 46.91 -12.41
CA ASP B 95 3.08 46.73 -13.55
C ASP B 95 3.86 46.24 -14.76
N PRO B 96 3.54 45.01 -15.22
CA PRO B 96 4.22 44.41 -16.35
C PRO B 96 3.68 44.87 -17.71
N THR B 97 2.73 45.82 -17.70
CA THR B 97 2.02 46.23 -18.92
C THR B 97 1.94 47.75 -19.11
N LEU B 98 2.81 48.47 -18.41
CA LEU B 98 2.83 49.92 -18.42
C LEU B 98 3.33 50.41 -19.78
N SER B 99 2.50 51.14 -20.52
CA SER B 99 2.86 51.64 -21.86
C SER B 99 3.23 53.13 -21.88
N ALA B 100 3.80 53.60 -22.99
CA ALA B 100 4.08 55.01 -23.19
C ALA B 100 2.80 55.83 -23.25
N GLU B 101 1.71 55.23 -23.74
CA GLU B 101 0.40 55.90 -23.75
C GLU B 101 -0.10 56.08 -22.31
N ASP B 102 0.18 55.10 -21.44
CA ASP B 102 -0.18 55.19 -20.04
C ASP B 102 0.63 56.25 -19.33
N LEU B 103 1.88 56.41 -19.75
CA LEU B 103 2.72 57.51 -19.28
C LEU B 103 2.21 58.84 -19.79
N ASP B 104 1.68 58.89 -21.01
CA ASP B 104 1.13 60.14 -21.52
C ASP B 104 -0.11 60.56 -20.73
N ALA B 105 -0.94 59.59 -20.37
CA ALA B 105 -2.16 59.84 -19.60
C ALA B 105 -1.86 60.30 -18.17
N MET B 106 -0.83 59.71 -17.54
CA MET B 106 -0.37 60.18 -16.22
C MET B 106 0.25 61.58 -16.28
N ALA B 107 0.91 61.92 -17.39
CA ALA B 107 1.46 63.26 -17.57
C ALA B 107 0.37 64.31 -17.83
N ALA B 108 -0.76 63.88 -18.37
CA ALA B 108 -1.92 64.75 -18.53
C ALA B 108 -2.56 65.03 -17.17
N GLU B 109 -2.51 64.04 -16.28
CA GLU B 109 -3.06 64.18 -14.94
C GLU B 109 -2.23 65.07 -14.04
N VAL B 110 -0.90 65.07 -14.26
CA VAL B 110 0.00 65.97 -13.53
C VAL B 110 -0.30 67.44 -13.86
N ALA B 111 -0.43 67.74 -15.14
CA ALA B 111 -0.83 69.07 -15.59
C ALA B 111 -2.21 69.44 -15.00
N ALA B 112 -3.17 68.52 -15.06
CA ALA B 112 -4.55 68.78 -14.61
C ALA B 112 -4.66 69.00 -13.10
N SER B 113 -3.75 68.41 -12.35
CA SER B 113 -3.64 68.64 -10.90
C SER B 113 -3.02 70.00 -10.56
N GLY B 114 -2.57 70.71 -11.59
CA GLY B 114 -2.09 72.07 -11.38
C GLY B 114 -0.59 72.18 -11.40
N VAL B 115 0.10 71.16 -11.91
CA VAL B 115 1.54 71.25 -12.05
C VAL B 115 1.87 71.84 -13.42
N ARG B 116 2.64 72.91 -13.40
CA ARG B 116 3.04 73.62 -14.57
C ARG B 116 4.54 73.44 -14.69
N THR B 117 5.20 73.25 -13.56
CA THR B 117 6.64 73.31 -13.49
C THR B 117 7.22 72.36 -12.48
N VAL B 118 8.25 71.65 -12.90
CA VAL B 118 9.10 70.86 -12.01
C VAL B 118 10.43 71.62 -11.90
N ARG B 119 10.60 72.30 -10.76
CA ARG B 119 11.79 73.12 -10.49
C ARG B 119 13.00 72.29 -10.12
N GLY B 120 12.73 71.07 -9.65
CA GLY B 120 13.77 70.15 -9.22
C GLY B 120 13.97 69.03 -10.21
N ASP B 121 14.38 67.88 -9.69
CA ASP B 121 14.75 66.76 -10.53
C ASP B 121 13.56 65.80 -10.70
N LEU B 122 13.47 65.15 -11.86
CA LEU B 122 12.53 64.05 -12.06
C LEU B 122 13.26 62.76 -11.74
N TYR B 123 12.66 61.96 -10.87
CA TYR B 123 13.25 60.69 -10.45
C TYR B 123 12.38 59.50 -10.83
N ALA B 124 13.00 58.43 -11.29
CA ALA B 124 12.29 57.18 -11.57
C ALA B 124 12.51 56.22 -10.42
N ASP B 125 11.43 55.90 -9.72
CA ASP B 125 11.49 55.13 -8.49
C ASP B 125 10.99 53.70 -8.73
N ASP B 126 11.94 52.77 -8.79
CA ASP B 126 11.65 51.32 -8.92
C ASP B 126 12.06 50.53 -7.67
N THR B 127 12.10 51.22 -6.53
CA THR B 127 12.59 50.63 -5.26
C THR B 127 11.64 49.62 -4.64
N TRP B 128 10.43 49.50 -5.17
CA TRP B 128 9.50 48.41 -4.81
C TRP B 128 10.13 47.04 -5.01
N PHE B 129 10.90 46.89 -6.09
CA PHE B 129 11.75 45.72 -6.29
C PHE B 129 13.19 46.15 -5.98
N ASP B 130 14.05 45.22 -5.58
CA ASP B 130 15.48 45.52 -5.50
C ASP B 130 16.06 45.86 -6.87
N SER B 131 17.32 46.29 -6.91
CA SER B 131 17.94 46.74 -8.14
C SER B 131 18.77 45.62 -8.75
N GLU B 132 18.48 44.37 -8.38
CA GLU B 132 19.18 43.25 -9.02
C GLU B 132 18.46 42.94 -10.33
N ARG B 133 19.14 43.28 -11.43
CA ARG B 133 18.51 43.37 -12.75
C ARG B 133 18.44 42.05 -13.52
N LEU B 134 19.31 41.12 -13.16
CA LEU B 134 19.52 39.89 -13.90
C LEU B 134 19.89 38.81 -12.91
N VAL B 135 19.45 37.59 -13.18
CA VAL B 135 19.83 36.44 -12.39
C VAL B 135 21.29 36.06 -12.62
N ASP B 136 21.96 35.66 -11.55
CA ASP B 136 23.41 35.36 -11.55
C ASP B 136 23.80 34.44 -12.69
N ASP B 137 23.07 33.34 -12.88
CA ASP B 137 23.50 32.37 -13.87
C ASP B 137 22.99 32.60 -15.29
N TRP B 138 22.17 33.62 -15.52
CA TRP B 138 21.85 33.98 -16.90
C TRP B 138 23.12 34.35 -17.67
N TRP B 139 23.06 34.23 -19.00
CA TRP B 139 24.18 34.50 -19.90
C TRP B 139 24.25 35.96 -20.30
N PRO B 140 25.41 36.61 -20.06
CA PRO B 140 25.63 37.99 -20.49
C PRO B 140 25.35 38.16 -21.99
N GLU B 141 25.70 37.15 -22.78
CA GLU B 141 25.44 37.12 -24.24
C GLU B 141 23.96 37.27 -24.63
N ASP B 142 23.07 36.87 -23.73
CA ASP B 142 21.65 37.02 -23.99
C ASP B 142 21.13 38.44 -23.76
N GLU B 143 21.89 39.22 -23.01
CA GLU B 143 21.42 40.53 -22.53
C GLU B 143 20.85 41.55 -23.53
N PRO B 144 21.35 41.56 -24.79
CA PRO B 144 20.74 42.47 -25.78
C PRO B 144 19.27 42.14 -26.14
N TYR B 145 18.86 40.90 -25.94
CA TYR B 145 17.58 40.42 -26.50
C TYR B 145 16.43 40.49 -25.52
N ALA B 146 15.25 40.71 -26.09
CA ALA B 146 14.03 40.98 -25.34
C ALA B 146 13.72 40.00 -24.22
N TYR B 147 14.08 38.73 -24.44
CA TYR B 147 13.77 37.66 -23.49
C TYR B 147 14.68 37.72 -22.26
N SER B 148 15.75 38.51 -22.33
CA SER B 148 16.65 38.71 -21.19
C SER B 148 16.66 40.18 -20.76
N ALA B 149 15.51 40.86 -20.90
CA ALA B 149 15.36 42.25 -20.47
C ALA B 149 15.68 42.40 -18.98
N GLN B 150 16.32 43.50 -18.60
CA GLN B 150 16.66 43.79 -17.18
C GLN B 150 15.35 43.87 -16.40
N ILE B 151 15.36 43.42 -15.14
CA ILE B 151 14.12 43.40 -14.34
C ILE B 151 13.99 44.60 -13.40
N SER B 152 12.83 45.28 -13.48
CA SER B 152 12.58 46.46 -12.68
C SER B 152 11.13 46.56 -12.22
N ALA B 153 10.90 47.23 -11.11
CA ALA B 153 9.54 47.54 -10.65
C ALA B 153 8.87 48.60 -11.55
N LEU B 154 9.70 49.46 -12.15
CA LEU B 154 9.23 50.45 -13.13
C LEU B 154 9.85 50.15 -14.50
N THR B 155 9.01 49.74 -15.45
CA THR B 155 9.47 49.37 -16.80
C THR B 155 8.39 49.67 -17.83
N VAL B 156 8.79 50.19 -18.99
CA VAL B 156 7.85 50.41 -20.08
C VAL B 156 7.69 49.16 -20.94
N ALA B 157 6.44 48.76 -21.16
CA ALA B 157 6.07 47.62 -22.01
C ALA B 157 5.79 48.08 -23.44
N HIS B 158 6.33 47.33 -24.39
CA HIS B 158 6.16 47.65 -25.78
C HIS B 158 5.06 46.79 -26.40
N GLY B 159 4.20 47.41 -27.21
CA GLY B 159 3.21 46.70 -28.03
C GLY B 159 2.19 45.92 -27.21
N GLU B 160 1.30 45.21 -27.89
CA GLU B 160 0.20 44.52 -27.21
C GLU B 160 0.58 43.17 -26.60
N ARG B 161 1.87 42.82 -26.69
CA ARG B 161 2.40 41.64 -26.02
C ARG B 161 3.18 42.02 -24.76
N PHE B 162 3.39 43.33 -24.59
CA PHE B 162 3.95 43.91 -23.37
C PHE B 162 5.38 43.40 -23.11
N ASP B 163 6.23 43.55 -24.09
CA ASP B 163 7.64 43.18 -23.93
C ASP B 163 8.30 44.33 -23.22
N THR B 164 8.66 44.08 -21.96
CA THR B 164 9.21 45.11 -21.05
C THR B 164 10.71 45.41 -21.25
N GLY B 165 11.13 46.62 -20.89
CA GLY B 165 12.53 47.00 -20.77
C GLY B 165 13.29 47.01 -22.08
N VAL B 166 12.55 47.16 -23.18
CA VAL B 166 13.13 47.14 -24.51
C VAL B 166 12.75 48.38 -25.30
N THR B 167 13.46 48.60 -26.40
CA THR B 167 13.11 49.63 -27.36
C THR B 167 13.10 49.02 -28.75
N GLU B 168 12.33 49.63 -29.64
CA GLU B 168 12.27 49.24 -31.05
C GLU B 168 13.24 50.01 -31.89
N VAL B 169 14.24 49.28 -32.38
CA VAL B 169 15.26 49.74 -33.29
C VAL B 169 14.85 49.46 -34.73
N SER B 170 14.95 50.47 -35.58
CA SER B 170 14.73 50.22 -36.99
C SER B 170 15.88 50.73 -37.84
N VAL B 171 16.29 49.87 -38.77
CA VAL B 171 17.43 50.13 -39.65
C VAL B 171 16.90 50.14 -41.06
N THR B 172 17.17 51.23 -41.77
CA THR B 172 16.72 51.40 -43.14
C THR B 172 17.93 51.68 -44.05
N PRO B 173 17.93 51.06 -45.25
CA PRO B 173 19.04 51.28 -46.17
C PRO B 173 19.01 52.68 -46.73
N ALA B 174 20.19 53.29 -46.86
CA ALA B 174 20.35 54.49 -47.66
C ALA B 174 20.66 54.09 -49.12
N ALA B 175 21.73 54.63 -49.67
CA ALA B 175 22.18 54.22 -50.99
C ALA B 175 23.37 53.29 -50.83
N GLU B 176 23.63 52.48 -51.85
CA GLU B 176 24.71 51.50 -51.80
C GLU B 176 26.05 52.14 -51.46
N GLY B 177 26.70 51.61 -50.43
CA GLY B 177 28.01 52.11 -49.98
C GLY B 177 27.97 53.14 -48.85
N GLU B 178 26.85 53.84 -48.67
CA GLU B 178 26.74 54.75 -47.54
C GLU B 178 26.17 54.07 -46.30
N PRO B 179 26.44 54.65 -45.11
CA PRO B 179 25.96 54.12 -43.83
C PRO B 179 24.45 53.96 -43.84
N ALA B 180 23.96 52.96 -43.12
CA ALA B 180 22.53 52.76 -42.99
C ALA B 180 21.99 53.73 -41.98
N ASP B 181 20.68 53.94 -42.04
CA ASP B 181 20.01 54.89 -41.19
C ASP B 181 19.36 54.16 -40.01
N VAL B 182 19.74 54.57 -38.80
CA VAL B 182 19.29 53.91 -37.58
C VAL B 182 18.47 54.83 -36.66
N ASP B 183 17.28 54.36 -36.29
CA ASP B 183 16.44 55.01 -35.29
C ASP B 183 16.23 54.08 -34.09
N LEU B 184 16.38 54.61 -32.89
CA LEU B 184 16.36 53.78 -31.70
C LEU B 184 14.98 53.61 -31.04
N GLY B 185 13.95 54.20 -31.63
CA GLY B 185 12.60 54.20 -31.06
C GLY B 185 12.55 54.93 -29.74
N ALA B 186 11.98 54.28 -28.72
CA ALA B 186 11.82 54.89 -27.40
C ALA B 186 13.13 55.39 -26.76
N ALA B 187 14.23 54.66 -26.98
CA ALA B 187 15.53 55.03 -26.40
C ALA B 187 16.29 56.10 -27.18
N GLU B 188 15.62 56.77 -28.12
CA GLU B 188 16.20 57.90 -28.83
C GLU B 188 16.55 59.00 -27.81
N GLY B 189 17.78 59.48 -27.79
CA GLY B 189 18.18 60.44 -26.75
C GLY B 189 18.43 59.82 -25.38
N TYR B 190 18.17 58.51 -25.25
CA TYR B 190 18.50 57.77 -24.00
C TYR B 190 19.70 56.81 -24.17
N ALA B 191 19.61 55.92 -25.14
CA ALA B 191 20.68 55.00 -25.43
C ALA B 191 21.59 55.68 -26.44
N GLU B 192 22.85 55.27 -26.47
CA GLU B 192 23.82 55.79 -27.42
C GLU B 192 23.88 54.94 -28.68
N LEU B 193 24.05 55.60 -29.82
CA LEU B 193 24.17 54.92 -31.10
C LEU B 193 25.65 54.74 -31.47
N ASP B 194 26.01 53.50 -31.80
CA ASP B 194 27.27 53.19 -32.48
C ASP B 194 26.98 52.54 -33.82
N ASN B 195 26.76 53.38 -34.83
CA ASN B 195 26.38 52.96 -36.16
C ASN B 195 27.60 52.74 -37.07
N ARG B 196 27.88 51.48 -37.35
CA ARG B 196 28.97 51.09 -38.26
C ARG B 196 28.47 50.14 -39.35
N ALA B 197 27.15 50.07 -39.54
CA ALA B 197 26.54 49.26 -40.61
C ALA B 197 26.51 50.05 -41.92
N VAL B 198 26.71 49.34 -43.03
CA VAL B 198 26.60 49.91 -44.37
C VAL B 198 25.36 49.44 -45.13
N THR B 199 24.99 50.22 -46.15
CA THR B 199 24.04 49.79 -47.16
C THR B 199 24.76 48.98 -48.24
N GLY B 200 24.27 47.78 -48.54
CA GLY B 200 24.86 46.94 -49.59
C GLY B 200 24.19 47.15 -50.94
N ALA B 201 24.71 46.47 -51.96
CA ALA B 201 24.13 46.49 -53.29
C ALA B 201 22.71 45.90 -53.26
N ALA B 202 21.82 46.41 -54.13
CA ALA B 202 20.51 45.80 -54.23
C ALA B 202 20.68 44.31 -54.52
N GLY B 203 19.94 43.48 -53.80
CA GLY B 203 19.96 42.04 -54.04
C GLY B 203 21.19 41.36 -53.46
N SER B 204 21.92 42.09 -52.60
CA SER B 204 23.04 41.47 -51.86
C SER B 204 22.52 40.79 -50.58
N ALA B 205 23.39 40.04 -49.91
CA ALA B 205 23.04 39.36 -48.66
C ALA B 205 22.83 40.36 -47.52
N ASN B 206 21.85 40.08 -46.68
CA ASN B 206 21.61 40.84 -45.45
C ASN B 206 22.43 40.21 -44.33
N THR B 207 23.43 40.97 -43.88
CA THR B 207 24.29 40.56 -42.79
C THR B 207 24.17 41.52 -41.60
N LEU B 208 23.07 42.26 -41.49
CA LEU B 208 22.93 43.26 -40.43
C LEU B 208 22.84 42.64 -39.02
N VAL B 209 23.65 43.18 -38.12
CA VAL B 209 23.68 42.79 -36.70
C VAL B 209 23.40 43.99 -35.79
N ILE B 210 22.44 43.81 -34.88
CA ILE B 210 22.07 44.83 -33.88
C ILE B 210 22.38 44.35 -32.46
N ASP B 211 23.30 45.03 -31.80
CA ASP B 211 23.84 44.55 -30.54
C ASP B 211 23.74 45.65 -29.47
N ARG B 212 23.85 45.26 -28.20
CA ARG B 212 24.14 46.19 -27.12
C ARG B 212 25.38 45.65 -26.39
N PRO B 213 26.58 46.18 -26.72
CA PRO B 213 27.75 45.59 -26.07
C PRO B 213 27.58 45.48 -24.57
N VAL B 214 28.00 44.34 -24.02
CA VAL B 214 27.85 44.02 -22.62
C VAL B 214 28.29 45.18 -21.69
N GLY B 215 27.45 45.50 -20.72
CA GLY B 215 27.74 46.55 -19.74
C GLY B 215 27.74 47.95 -20.32
N THR B 216 27.05 48.13 -21.46
CA THR B 216 26.85 49.46 -21.99
C THR B 216 25.36 49.75 -22.18
N ASN B 217 25.06 51.03 -22.36
CA ASN B 217 23.76 51.43 -22.87
C ASN B 217 23.94 51.92 -24.31
N THR B 218 24.59 51.10 -25.12
CA THR B 218 24.92 51.49 -26.48
C THR B 218 24.36 50.46 -27.45
N ILE B 219 23.50 50.91 -28.38
CA ILE B 219 23.09 50.09 -29.52
C ILE B 219 24.18 50.19 -30.58
N ALA B 220 24.83 49.07 -30.86
CA ALA B 220 25.88 48.99 -31.86
C ALA B 220 25.33 48.22 -33.04
N VAL B 221 25.37 48.85 -34.21
CA VAL B 221 24.81 48.26 -35.42
C VAL B 221 25.95 48.07 -36.41
N THR B 222 26.07 46.84 -36.91
CA THR B 222 27.10 46.45 -37.86
C THR B 222 26.50 45.55 -38.94
N GLY B 223 27.26 45.37 -40.02
CA GLY B 223 26.85 44.53 -41.12
C GLY B 223 26.39 45.33 -42.34
N SER B 224 25.80 44.62 -43.27
CA SER B 224 25.39 45.21 -44.53
C SER B 224 23.90 44.89 -44.72
N LEU B 225 23.11 45.93 -44.96
CA LEU B 225 21.71 45.79 -45.34
C LEU B 225 21.59 46.19 -46.81
N PRO B 226 20.98 45.33 -47.65
CA PRO B 226 20.89 45.63 -49.08
C PRO B 226 20.03 46.88 -49.38
N ALA B 227 20.45 47.66 -50.37
CA ALA B 227 19.77 48.92 -50.73
C ALA B 227 18.27 48.74 -51.04
N ASP B 228 17.91 47.55 -51.49
CA ASP B 228 16.54 47.24 -51.89
C ASP B 228 15.72 46.48 -50.83
N ALA B 229 16.28 46.35 -49.63
CA ALA B 229 15.61 45.66 -48.52
C ALA B 229 14.59 46.55 -47.83
N ALA B 230 13.57 45.93 -47.26
CA ALA B 230 12.60 46.65 -46.46
C ALA B 230 13.28 46.99 -45.13
N PRO B 231 12.73 47.96 -44.37
CA PRO B 231 13.35 48.26 -43.07
C PRO B 231 13.51 47.02 -42.15
N VAL B 232 14.59 46.99 -41.39
CA VAL B 232 14.76 45.99 -40.33
C VAL B 232 14.26 46.59 -39.03
N THR B 233 13.41 45.83 -38.34
CA THR B 233 12.84 46.30 -37.09
C THR B 233 13.11 45.20 -36.07
N ALA B 234 13.65 45.60 -34.91
CA ALA B 234 14.00 44.61 -33.87
C ALA B 234 13.93 45.21 -32.48
N LEU B 235 13.53 44.36 -31.51
CA LEU B 235 13.46 44.74 -30.10
C LEU B 235 14.78 44.45 -29.41
N ARG B 236 15.38 45.50 -28.86
CA ARG B 236 16.57 45.32 -28.06
C ARG B 236 16.38 45.90 -26.66
N THR B 237 17.05 45.30 -25.68
CA THR B 237 17.01 45.77 -24.30
C THR B 237 17.80 47.07 -24.14
N VAL B 238 17.48 47.80 -23.07
CA VAL B 238 18.28 48.94 -22.61
C VAL B 238 18.79 48.70 -21.19
N ASP B 239 19.84 49.43 -20.78
CA ASP B 239 20.29 49.43 -19.38
C ASP B 239 19.27 50.25 -18.59
N GLU B 240 18.98 49.85 -17.35
CA GLU B 240 18.07 50.59 -16.46
C GLU B 240 16.68 50.92 -17.04
N PRO B 241 15.77 49.94 -17.09
CA PRO B 241 14.43 50.16 -17.63
C PRO B 241 13.68 51.33 -17.01
N ALA B 242 13.87 51.53 -15.70
CA ALA B 242 13.27 52.61 -14.94
C ALA B 242 13.66 54.00 -15.41
N ALA B 243 14.92 54.15 -15.80
CA ALA B 243 15.45 55.43 -16.27
C ALA B 243 15.04 55.74 -17.70
N LEU B 244 14.75 54.70 -18.50
CA LEU B 244 14.11 54.92 -19.80
C LEU B 244 12.66 55.35 -19.58
N ALA B 245 12.00 54.75 -18.59
CA ALA B 245 10.65 55.21 -18.17
C ALA B 245 10.72 56.64 -17.69
N GLY B 246 11.82 56.99 -17.00
CA GLY B 246 12.08 58.38 -16.62
C GLY B 246 12.12 59.27 -17.83
N HIS B 247 13.04 58.94 -18.75
CA HIS B 247 13.21 59.61 -20.05
C HIS B 247 11.91 59.81 -20.81
N LEU B 248 11.11 58.75 -20.96
CA LEU B 248 9.80 58.84 -21.63
C LEU B 248 8.80 59.69 -20.87
N PHE B 249 8.82 59.62 -19.54
CA PHE B 249 7.88 60.41 -18.75
C PHE B 249 8.12 61.92 -18.84
N GLU B 250 9.39 62.31 -18.83
CA GLU B 250 9.77 63.72 -19.01
C GLU B 250 9.19 64.22 -20.33
N GLU B 251 9.45 63.51 -21.42
CA GLU B 251 8.91 63.83 -22.72
C GLU B 251 7.39 63.97 -22.67
N ALA B 252 6.73 63.00 -22.01
CA ALA B 252 5.28 63.02 -21.83
C ALA B 252 4.85 64.25 -21.02
N LEU B 253 5.59 64.56 -19.95
CA LEU B 253 5.38 65.78 -19.18
C LEU B 253 5.42 67.02 -20.09
N GLU B 254 6.52 67.16 -20.84
CA GLU B 254 6.74 68.31 -21.73
C GLU B 254 5.71 68.40 -22.85
N SER B 255 5.33 67.24 -23.38
CA SER B 255 4.24 67.11 -24.34
C SER B 255 2.90 67.65 -23.77
N ASN B 256 2.73 67.49 -22.45
CA ASN B 256 1.51 67.90 -21.76
C ASN B 256 1.65 69.22 -20.98
N GLY B 257 2.60 70.06 -21.40
CA GLY B 257 2.77 71.40 -20.84
C GLY B 257 3.49 71.56 -19.50
N VAL B 258 4.24 70.53 -19.08
CA VAL B 258 5.01 70.59 -17.84
C VAL B 258 6.51 70.64 -18.13
N THR B 259 7.20 71.61 -17.53
CA THR B 259 8.63 71.80 -17.75
C THR B 259 9.43 71.20 -16.60
N VAL B 260 10.35 70.29 -16.93
CA VAL B 260 11.27 69.77 -15.92
C VAL B 260 12.61 70.50 -16.04
N LYS B 261 12.91 71.34 -15.04
CA LYS B 261 14.15 72.13 -15.04
C LYS B 261 15.40 71.31 -14.69
N GLY B 262 15.24 70.34 -13.80
CA GLY B 262 16.39 69.57 -13.29
C GLY B 262 16.74 68.33 -14.09
N ASP B 263 17.33 67.36 -13.40
CA ASP B 263 17.80 66.14 -14.03
C ASP B 263 16.73 65.06 -13.98
N VAL B 264 16.82 64.11 -14.91
CA VAL B 264 16.04 62.89 -14.87
C VAL B 264 16.99 61.77 -14.46
N GLY B 265 16.67 61.11 -13.36
CA GLY B 265 17.51 60.01 -12.87
C GLY B 265 16.76 59.03 -12.01
N LEU B 266 17.53 58.18 -11.31
CA LEU B 266 16.95 57.15 -10.46
C LEU B 266 17.01 57.58 -9.01
N GLY B 267 15.93 57.31 -8.27
CA GLY B 267 15.78 57.69 -6.88
C GLY B 267 14.45 57.24 -6.28
N GLY B 268 14.49 56.81 -5.02
CA GLY B 268 13.27 56.47 -4.30
C GLY B 268 12.66 57.61 -3.51
N VAL B 269 11.34 57.60 -3.39
CA VAL B 269 10.61 58.57 -2.54
C VAL B 269 11.22 58.58 -1.14
N PRO B 270 11.71 59.76 -0.70
CA PRO B 270 12.47 60.03 0.53
C PRO B 270 12.22 59.25 1.85
N ALA B 271 11.04 59.34 2.45
CA ALA B 271 10.78 58.71 3.78
C ALA B 271 10.56 59.74 4.91
N ASP B 272 11.18 60.90 4.73
CA ASP B 272 10.84 62.08 5.51
C ASP B 272 9.66 62.76 4.82
N TRP B 273 9.13 62.13 3.77
CA TRP B 273 7.91 62.62 3.11
C TRP B 273 6.71 62.06 3.86
N GLN B 274 6.10 62.92 4.69
CA GLN B 274 5.00 62.51 5.55
C GLN B 274 3.67 62.43 4.79
N ASP B 275 3.37 63.47 4.04
CA ASP B 275 2.11 63.55 3.32
C ASP B 275 2.31 63.87 1.84
N ALA B 276 3.00 62.97 1.15
CA ALA B 276 3.30 63.10 -0.26
C ALA B 276 2.01 63.19 -1.08
N GLU B 277 2.02 64.08 -2.06
CA GLU B 277 0.87 64.29 -2.92
C GLU B 277 0.97 63.37 -4.14
N VAL B 278 -0.03 62.52 -4.29
CA VAL B 278 -0.13 61.66 -5.46
C VAL B 278 -0.83 62.46 -6.56
N LEU B 279 -0.08 62.82 -7.59
CA LEU B 279 -0.57 63.72 -8.64
C LEU B 279 -1.10 62.97 -9.87
N ALA B 280 -0.64 61.75 -10.07
CA ALA B 280 -1.25 60.87 -11.07
C ALA B 280 -1.11 59.42 -10.64
N ASP B 281 -2.04 58.58 -11.05
CA ASP B 281 -1.82 57.15 -11.00
C ASP B 281 -2.43 56.38 -12.14
N HIS B 282 -2.03 55.10 -12.21
CA HIS B 282 -2.54 54.17 -13.18
C HIS B 282 -2.68 52.82 -12.52
N THR B 283 -3.69 52.09 -12.98
CA THR B 283 -4.02 50.75 -12.50
C THR B 283 -4.08 49.83 -13.73
N SER B 284 -3.26 48.78 -13.74
CA SER B 284 -3.25 47.80 -14.82
C SER B 284 -4.57 47.00 -14.87
N ALA B 285 -4.73 46.17 -15.90
CA ALA B 285 -5.75 45.11 -15.90
C ALA B 285 -5.48 44.13 -14.78
N GLU B 286 -6.44 43.27 -14.48
CA GLU B 286 -6.25 42.32 -13.40
C GLU B 286 -5.41 41.16 -13.90
N LEU B 287 -4.83 40.41 -12.97
CA LEU B 287 -3.86 39.36 -13.32
C LEU B 287 -4.41 38.25 -14.24
N SER B 288 -5.66 37.85 -14.03
CA SER B 288 -6.34 36.92 -14.93
C SER B 288 -6.18 37.33 -16.40
N GLU B 289 -6.31 38.63 -16.68
CA GLU B 289 -6.15 39.13 -18.05
C GLU B 289 -4.68 39.19 -18.45
N ILE B 290 -3.83 39.66 -17.55
CA ILE B 290 -2.40 39.69 -17.84
C ILE B 290 -1.83 38.29 -18.14
N LEU B 291 -2.41 37.23 -17.55
CA LEU B 291 -1.89 35.86 -17.77
C LEU B 291 -1.81 35.45 -19.23
N VAL B 292 -2.72 35.96 -20.05
CA VAL B 292 -2.78 35.66 -21.49
C VAL B 292 -1.51 36.11 -22.22
N PRO B 293 -1.25 37.43 -22.33
CA PRO B 293 0.03 37.75 -23.02
C PRO B 293 1.27 37.16 -22.35
N PHE B 294 1.18 36.88 -21.04
CA PHE B 294 2.29 36.26 -20.29
C PHE B 294 2.53 34.83 -20.78
N MET B 295 1.49 34.00 -20.78
CA MET B 295 1.69 32.58 -21.04
C MET B 295 1.55 32.17 -22.52
N LYS B 296 0.79 32.92 -23.30
CA LYS B 296 0.65 32.63 -24.73
C LYS B 296 1.99 32.80 -25.44
N PHE B 297 2.72 33.86 -25.08
CA PHE B 297 3.98 34.22 -25.75
C PHE B 297 5.24 33.98 -24.94
N SER B 298 5.07 33.51 -23.70
CA SER B 298 6.21 33.13 -22.84
C SER B 298 7.08 34.32 -22.45
N ASN B 299 6.46 35.27 -21.77
CA ASN B 299 7.11 36.54 -21.41
C ASN B 299 7.99 36.37 -20.17
N ASN B 300 9.29 36.47 -20.37
CA ASN B 300 10.22 36.26 -19.29
C ASN B 300 10.17 37.34 -18.21
N GLY B 301 10.02 38.60 -18.63
CA GLY B 301 10.04 39.76 -17.74
C GLY B 301 8.79 39.75 -16.89
N HIS B 302 7.65 39.35 -17.47
CA HIS B 302 6.43 39.12 -16.68
C HIS B 302 6.68 38.13 -15.57
N ALA B 303 7.26 37.00 -15.93
CA ALA B 303 7.56 35.92 -14.98
C ALA B 303 8.37 36.41 -13.80
N GLU B 304 9.47 37.11 -14.10
CA GLU B 304 10.37 37.57 -13.07
C GLU B 304 9.74 38.67 -12.24
N MET B 305 8.94 39.50 -12.87
CA MET B 305 8.27 40.58 -12.14
C MET B 305 7.28 40.01 -11.15
N LEU B 306 6.51 39.01 -11.58
CA LEU B 306 5.61 38.25 -10.70
C LEU B 306 6.33 37.67 -9.48
N VAL B 307 7.49 37.06 -9.67
CA VAL B 307 8.24 36.49 -8.56
C VAL B 307 8.57 37.58 -7.57
N LYS B 308 9.01 38.74 -8.04
CA LYS B 308 9.41 39.81 -7.14
C LYS B 308 8.22 40.43 -6.42
N SER B 309 7.11 40.63 -7.15
CA SER B 309 5.81 40.88 -6.53
C SER B 309 5.44 39.83 -5.47
N ILE B 310 5.58 38.56 -5.80
CA ILE B 310 5.33 37.50 -4.83
C ILE B 310 6.21 37.69 -3.58
N GLY B 311 7.42 38.22 -3.80
CA GLY B 311 8.36 38.56 -2.72
C GLY B 311 7.88 39.71 -1.86
N GLN B 312 7.53 40.83 -2.48
CA GLN B 312 6.84 41.91 -1.73
C GLN B 312 5.68 41.42 -0.86
N GLU B 313 4.84 40.57 -1.42
CA GLU B 313 3.61 40.17 -0.76
C GLU B 313 3.91 39.23 0.42
N THR B 314 4.76 38.24 0.18
CA THR B 314 4.95 37.18 1.18
C THR B 314 6.05 37.50 2.23
N ALA B 315 6.86 38.52 1.96
CA ALA B 315 7.98 38.86 2.83
C ALA B 315 8.27 40.36 2.92
N GLY B 316 7.50 41.18 2.19
CA GLY B 316 7.81 42.61 2.09
C GLY B 316 9.17 42.89 1.48
N ALA B 317 9.64 41.97 0.65
CA ALA B 317 10.94 42.11 -0.04
C ALA B 317 10.84 41.77 -1.53
N GLY B 318 11.06 42.76 -2.40
CA GLY B 318 10.92 42.55 -3.86
C GLY B 318 12.19 41.99 -4.47
N THR B 319 12.49 40.73 -4.13
CA THR B 319 13.76 40.11 -4.51
C THR B 319 13.51 38.70 -5.04
N TRP B 320 14.50 38.13 -5.73
CA TRP B 320 14.41 36.71 -6.17
C TRP B 320 14.42 35.76 -5.01
N ASP B 321 15.30 36.03 -4.06
CA ASP B 321 15.51 35.14 -2.93
C ASP B 321 14.20 34.96 -2.17
N ALA B 322 13.55 36.08 -1.83
CA ALA B 322 12.26 36.08 -1.14
C ALA B 322 11.08 35.63 -2.01
N GLY B 323 11.03 36.09 -3.27
CA GLY B 323 9.93 35.70 -4.18
C GLY B 323 9.89 34.20 -4.45
N LEU B 324 11.07 33.61 -4.62
CA LEU B 324 11.21 32.21 -4.97
C LEU B 324 10.91 31.29 -3.79
N VAL B 325 11.33 31.69 -2.58
CA VAL B 325 10.81 31.11 -1.34
C VAL B 325 9.29 31.17 -1.32
N GLY B 326 8.73 32.30 -1.76
CA GLY B 326 7.28 32.51 -1.78
C GLY B 326 6.58 31.59 -2.78
N VAL B 327 7.19 31.45 -3.97
CA VAL B 327 6.66 30.56 -5.00
C VAL B 327 6.59 29.12 -4.49
N GLU B 328 7.71 28.64 -3.96
CA GLU B 328 7.83 27.26 -3.49
C GLU B 328 6.84 26.97 -2.37
N GLU B 329 6.71 27.90 -1.43
CA GLU B 329 5.75 27.79 -0.33
C GLU B 329 4.30 27.78 -0.82
N ALA B 330 3.99 28.61 -1.82
CA ALA B 330 2.65 28.67 -2.42
C ALA B 330 2.25 27.37 -3.15
N LEU B 331 3.19 26.81 -3.91
CA LEU B 331 3.00 25.55 -4.62
C LEU B 331 2.73 24.42 -3.63
N SER B 332 3.51 24.42 -2.56
CA SER B 332 3.39 23.52 -1.43
C SER B 332 2.02 23.66 -0.73
N GLY B 333 1.53 24.89 -0.58
CA GLY B 333 0.18 25.16 -0.02
C GLY B 333 -0.96 24.73 -0.93
N LEU B 334 -0.66 24.61 -2.21
CA LEU B 334 -1.60 24.23 -3.25
C LEU B 334 -1.75 22.70 -3.35
N GLY B 335 -0.87 21.99 -2.62
CA GLY B 335 -0.92 20.53 -2.51
C GLY B 335 0.12 19.82 -3.34
N VAL B 336 1.05 20.58 -3.92
CA VAL B 336 2.08 20.03 -4.80
C VAL B 336 3.33 19.64 -4.00
N ASP B 337 3.78 18.39 -4.14
CA ASP B 337 5.05 17.95 -3.58
C ASP B 337 6.23 18.58 -4.35
N THR B 338 6.96 19.47 -3.66
CA THR B 338 8.01 20.28 -4.28
C THR B 338 9.42 19.73 -4.03
N ALA B 339 9.50 18.47 -3.61
CA ALA B 339 10.77 17.81 -3.28
C ALA B 339 11.80 17.83 -4.40
N GLY B 340 11.34 17.66 -5.64
CA GLY B 340 12.21 17.58 -6.80
C GLY B 340 12.39 18.88 -7.55
N LEU B 341 11.86 19.98 -7.01
CA LEU B 341 12.00 21.31 -7.61
C LEU B 341 13.23 22.05 -7.07
N VAL B 342 13.97 22.65 -7.99
CA VAL B 342 14.90 23.70 -7.64
C VAL B 342 14.51 24.93 -8.45
N LEU B 343 14.14 25.99 -7.74
CA LEU B 343 13.75 27.23 -8.37
C LEU B 343 14.92 28.20 -8.30
N ASN B 344 15.48 28.55 -9.47
CA ASN B 344 16.48 29.59 -9.55
C ASN B 344 15.96 30.89 -10.21
N ASP B 345 14.84 30.82 -10.95
CA ASP B 345 14.18 32.04 -11.46
C ASP B 345 12.71 31.74 -11.74
N GLY B 346 11.97 32.69 -12.33
CA GLY B 346 10.54 32.48 -12.64
C GLY B 346 10.16 32.14 -14.08
N SER B 347 11.05 32.48 -15.01
CA SER B 347 10.80 32.32 -16.46
C SER B 347 11.28 31.01 -17.05
N GLY B 348 12.22 30.37 -16.36
CA GLY B 348 12.85 29.19 -16.90
C GLY B 348 14.02 29.53 -17.78
N LEU B 349 14.44 30.79 -17.82
CA LEU B 349 15.62 31.17 -18.59
C LEU B 349 16.90 30.59 -17.95
N SER B 350 16.98 30.62 -16.62
CA SER B 350 18.16 30.13 -15.90
C SER B 350 18.46 28.65 -16.07
N ARG B 351 19.73 28.32 -16.23
CA ARG B 351 20.03 26.92 -16.36
C ARG B 351 20.18 26.27 -14.99
N GLY B 352 19.74 26.99 -13.96
CA GLY B 352 19.76 26.51 -12.59
C GLY B 352 18.46 25.89 -12.09
N ASN B 353 17.44 25.89 -12.93
CA ASN B 353 16.13 25.39 -12.52
C ASN B 353 16.05 23.90 -12.70
N LEU B 354 15.30 23.24 -11.82
CA LEU B 354 15.01 21.83 -11.98
C LEU B 354 13.55 21.57 -11.67
N VAL B 355 12.94 20.72 -12.49
CA VAL B 355 11.61 20.16 -12.23
C VAL B 355 11.71 18.67 -12.44
N THR B 356 10.64 17.94 -12.16
CA THR B 356 10.45 16.59 -12.70
C THR B 356 9.09 16.61 -13.42
N ALA B 357 8.82 15.58 -14.23
CA ALA B 357 7.57 15.51 -15.00
C ALA B 357 6.42 15.16 -14.07
N ASP B 358 6.74 14.40 -13.02
CA ASP B 358 5.75 14.10 -11.97
C ASP B 358 5.31 15.39 -11.28
N THR B 359 6.28 16.18 -10.84
CA THR B 359 6.00 17.49 -10.27
C THR B 359 5.07 18.29 -11.19
N VAL B 360 5.36 18.33 -12.48
CA VAL B 360 4.60 19.16 -13.42
C VAL B 360 3.15 18.72 -13.52
N VAL B 361 2.95 17.42 -13.71
CA VAL B 361 1.62 16.83 -13.77
C VAL B 361 0.87 16.97 -12.43
N ASP B 362 1.58 16.87 -11.31
CA ASP B 362 0.99 17.16 -10.00
C ASP B 362 0.44 18.58 -9.97
N LEU B 363 1.26 19.55 -10.41
CA LEU B 363 0.83 20.94 -10.51
C LEU B 363 -0.40 21.06 -11.40
N LEU B 364 -0.30 20.50 -12.61
CA LEU B 364 -1.41 20.51 -13.57
C LEU B 364 -2.74 20.02 -13.00
N GLY B 365 -2.69 19.10 -12.04
CA GLY B 365 -3.91 18.53 -11.46
C GLY B 365 -4.45 19.35 -10.31
N GLN B 366 -3.54 19.90 -9.52
CA GLN B 366 -3.89 20.73 -8.38
C GLN B 366 -4.45 22.06 -8.87
N ALA B 367 -3.93 22.52 -10.00
CA ALA B 367 -4.36 23.76 -10.65
C ALA B 367 -5.73 23.63 -11.30
N GLY B 368 -6.08 22.40 -11.69
CA GLY B 368 -7.37 22.14 -12.35
C GLY B 368 -8.55 22.19 -11.41
N SER B 369 -8.25 22.19 -10.11
CA SER B 369 -9.27 22.15 -9.05
C SER B 369 -9.25 23.44 -8.22
N ALA B 370 -8.27 24.30 -8.53
CA ALA B 370 -8.21 25.64 -7.95
C ALA B 370 -9.37 26.51 -8.45
N PRO B 371 -9.77 27.53 -7.66
CA PRO B 371 -10.91 28.34 -8.08
C PRO B 371 -10.62 29.08 -9.39
N TRP B 372 -9.33 29.33 -9.62
CA TRP B 372 -8.84 30.11 -10.74
C TRP B 372 -8.47 29.24 -11.95
N ALA B 373 -8.85 27.96 -11.90
CA ALA B 373 -8.59 26.98 -12.96
C ALA B 373 -8.90 27.44 -14.39
N GLN B 374 -9.98 28.21 -14.57
CA GLN B 374 -10.38 28.68 -15.90
C GLN B 374 -9.47 29.77 -16.46
N THR B 375 -9.20 30.81 -15.67
CA THR B 375 -8.29 31.83 -16.13
C THR B 375 -6.94 31.17 -16.46
N TRP B 376 -6.52 30.24 -15.59
CA TRP B 376 -5.30 29.45 -15.78
C TRP B 376 -5.34 28.72 -17.10
N SER B 377 -6.36 27.89 -17.31
CA SER B 377 -6.41 27.11 -18.55
C SER B 377 -6.58 28.01 -19.79
N ALA B 378 -7.17 29.20 -19.62
CA ALA B 378 -7.34 30.13 -20.73
C ALA B 378 -6.03 30.78 -21.15
N SER B 379 -5.05 30.79 -20.24
CA SER B 379 -3.78 31.47 -20.48
C SER B 379 -2.88 30.64 -21.39
N LEU B 380 -3.14 29.33 -21.41
CA LEU B 380 -2.26 28.40 -22.10
C LEU B 380 -2.42 28.48 -23.61
N PRO B 381 -1.30 28.36 -24.36
CA PRO B 381 -1.38 28.19 -25.81
C PRO B 381 -2.29 27.03 -26.24
N VAL B 382 -3.12 27.28 -27.23
CA VAL B 382 -3.97 26.23 -27.82
C VAL B 382 -3.39 25.77 -29.16
N ALA B 383 -3.13 24.46 -29.27
CA ALA B 383 -2.46 23.89 -30.43
C ALA B 383 -3.14 24.15 -31.77
N GLY B 384 -2.35 24.68 -32.71
CA GLY B 384 -2.76 24.89 -34.09
C GLY B 384 -3.75 26.00 -34.34
N GLU B 385 -3.80 26.96 -33.42
CA GLU B 385 -4.68 28.13 -33.55
C GLU B 385 -3.89 29.32 -34.06
N SER B 386 -4.31 29.86 -35.19
CA SER B 386 -3.50 30.84 -35.91
C SER B 386 -3.61 32.27 -35.37
N ASP B 387 -4.68 32.57 -34.63
CA ASP B 387 -4.74 33.80 -33.85
C ASP B 387 -3.64 33.69 -32.78
N PRO B 388 -2.60 34.54 -32.88
CA PRO B 388 -1.47 34.49 -31.95
C PRO B 388 -1.88 34.51 -30.49
N PHE B 389 -2.96 35.20 -30.18
CA PHE B 389 -3.46 35.34 -28.80
C PHE B 389 -4.30 34.13 -28.36
N VAL B 390 -4.58 33.23 -29.30
CA VAL B 390 -5.16 31.92 -28.96
C VAL B 390 -4.09 30.83 -29.07
N GLY B 391 -3.48 30.72 -30.24
CA GLY B 391 -2.40 29.76 -30.46
C GLY B 391 -1.07 30.02 -29.74
N GLY B 392 -0.63 31.27 -29.70
CA GLY B 392 0.65 31.61 -29.05
C GLY B 392 1.78 30.74 -29.55
N THR B 393 2.62 30.26 -28.65
CA THR B 393 3.77 29.45 -29.08
C THR B 393 3.37 28.10 -29.75
N LEU B 394 2.07 27.75 -29.74
CA LEU B 394 1.60 26.53 -30.42
C LEU B 394 0.95 26.80 -31.77
N ALA B 395 0.94 28.06 -32.19
CA ALA B 395 0.21 28.50 -33.38
C ALA B 395 0.48 27.69 -34.66
N ASN B 396 1.75 27.39 -34.92
CA ASN B 396 2.15 26.74 -36.17
C ASN B 396 2.37 25.22 -36.01
N ARG B 397 1.89 24.66 -34.90
CA ARG B 397 2.08 23.24 -34.57
C ARG B 397 0.74 22.51 -34.46
N MET B 398 0.71 21.23 -34.85
CA MET B 398 -0.46 20.36 -34.70
C MET B 398 -1.70 20.75 -35.54
N ARG B 399 -1.50 21.57 -36.56
CA ARG B 399 -2.55 21.92 -37.51
C ARG B 399 -2.92 20.74 -38.40
N GLY B 400 -4.23 20.52 -38.54
CA GLY B 400 -4.74 19.41 -39.32
C GLY B 400 -4.59 18.08 -38.60
N THR B 401 -4.42 18.14 -37.29
CA THR B 401 -4.34 16.95 -36.46
C THR B 401 -5.44 16.99 -35.40
N ALA B 402 -5.83 15.81 -34.89
CA ALA B 402 -6.76 15.66 -33.76
C ALA B 402 -6.48 16.63 -32.61
N ALA B 403 -5.24 17.11 -32.52
CA ALA B 403 -4.85 18.00 -31.44
C ALA B 403 -5.30 19.46 -31.68
N GLU B 404 -5.50 19.79 -32.95
CA GLU B 404 -5.88 21.16 -33.35
C GLU B 404 -7.12 21.64 -32.59
N GLY B 405 -6.97 22.78 -31.92
CA GLY B 405 -8.05 23.40 -31.14
C GLY B 405 -8.39 22.69 -29.84
N VAL B 406 -7.67 21.61 -29.55
CA VAL B 406 -7.95 20.76 -28.40
C VAL B 406 -6.83 20.91 -27.34
N VAL B 407 -5.64 20.39 -27.65
CA VAL B 407 -4.54 20.37 -26.68
C VAL B 407 -4.20 21.81 -26.24
N GLU B 408 -4.17 22.01 -24.92
CA GLU B 408 -3.84 23.29 -24.30
C GLU B 408 -2.57 23.03 -23.51
N ALA B 409 -1.49 23.73 -23.86
CA ALA B 409 -0.16 23.33 -23.39
C ALA B 409 0.89 24.47 -23.35
N LYS B 410 1.79 24.41 -22.38
CA LYS B 410 2.91 25.37 -22.26
C LYS B 410 4.18 24.78 -22.89
N THR B 411 4.88 25.60 -23.69
CA THR B 411 6.07 25.21 -24.40
C THR B 411 7.34 25.60 -23.62
N GLY B 412 8.50 25.43 -24.24
CA GLY B 412 9.77 25.81 -23.62
C GLY B 412 10.90 25.23 -24.42
N THR B 413 11.81 26.08 -24.91
CA THR B 413 12.96 25.60 -25.69
C THR B 413 14.17 26.52 -25.55
N MET B 414 15.29 25.95 -25.10
CA MET B 414 16.62 26.49 -25.35
C MET B 414 17.54 25.31 -25.70
N SER B 415 18.83 25.55 -25.91
CA SER B 415 19.70 24.48 -26.41
C SER B 415 19.74 23.27 -25.48
N GLY B 416 19.48 22.09 -26.03
CA GLY B 416 19.45 20.86 -25.25
C GLY B 416 18.32 20.72 -24.24
N VAL B 417 17.33 21.61 -24.34
CA VAL B 417 16.20 21.65 -23.43
C VAL B 417 14.91 22.01 -24.18
N SER B 418 13.90 21.16 -24.02
CA SER B 418 12.60 21.46 -24.60
C SER B 418 11.53 20.75 -23.82
N ALA B 419 10.34 21.35 -23.74
CA ALA B 419 9.26 20.79 -22.95
C ALA B 419 7.86 21.12 -23.52
N LEU B 420 6.89 20.24 -23.25
CA LEU B 420 5.46 20.49 -23.58
C LEU B 420 4.59 19.82 -22.55
N SER B 421 3.95 20.64 -21.72
CA SER B 421 3.14 20.13 -20.64
C SER B 421 1.79 20.84 -20.66
N GLY B 422 0.70 20.11 -20.47
CA GLY B 422 -0.62 20.73 -20.48
C GLY B 422 -1.78 19.76 -20.39
N TYR B 423 -2.88 20.12 -21.03
CA TYR B 423 -4.11 19.34 -20.93
C TYR B 423 -4.62 18.91 -22.29
N VAL B 424 -5.28 17.76 -22.28
CA VAL B 424 -5.96 17.24 -23.44
C VAL B 424 -7.39 17.14 -22.98
N PRO B 425 -8.18 18.21 -23.18
CA PRO B 425 -9.59 18.14 -22.81
C PRO B 425 -10.29 17.07 -23.64
N GLY B 426 -11.36 16.48 -23.09
CA GLY B 426 -12.16 15.48 -23.78
C GLY B 426 -13.53 15.33 -23.17
N PRO B 427 -14.50 14.79 -23.96
CA PRO B 427 -15.93 14.74 -23.58
C PRO B 427 -16.22 13.76 -22.43
N GLU B 428 -15.25 12.90 -22.13
CA GLU B 428 -15.38 11.88 -21.08
C GLU B 428 -14.47 12.15 -19.86
N GLY B 429 -13.25 12.60 -20.13
CA GLY B 429 -12.31 12.91 -19.07
C GLY B 429 -11.05 13.58 -19.58
N GLU B 430 -10.79 14.78 -19.05
CA GLU B 430 -9.60 15.58 -19.40
C GLU B 430 -8.29 14.90 -18.99
N LEU B 431 -7.28 15.02 -19.86
CA LEU B 431 -5.97 14.45 -19.61
C LEU B 431 -4.94 15.54 -19.28
N ALA B 432 -3.95 15.20 -18.48
CA ALA B 432 -2.82 16.12 -18.22
C ALA B 432 -1.52 15.40 -18.48
N PHE B 433 -0.54 16.10 -19.05
CA PHE B 433 0.73 15.48 -19.40
C PHE B 433 1.90 16.43 -19.25
N SER B 434 3.09 15.85 -19.14
CA SER B 434 4.34 16.59 -19.14
C SER B 434 5.35 15.86 -19.99
N ILE B 435 5.93 16.57 -20.94
CA ILE B 435 6.98 16.02 -21.78
C ILE B 435 8.19 16.93 -21.63
N VAL B 436 9.26 16.41 -21.03
CA VAL B 436 10.46 17.24 -20.80
C VAL B 436 11.70 16.51 -21.35
N ASN B 437 12.33 17.07 -22.38
CA ASN B 437 13.46 16.41 -23.02
C ASN B 437 14.78 17.15 -22.73
N ASN B 438 15.79 16.43 -22.26
CA ASN B 438 17.10 17.03 -22.04
C ASN B 438 18.18 16.19 -22.70
N GLY B 439 19.27 16.82 -23.08
CA GLY B 439 20.47 16.11 -23.52
C GLY B 439 20.48 15.61 -24.96
N HIS B 440 19.39 15.88 -25.69
CA HIS B 440 19.35 15.70 -27.15
C HIS B 440 20.39 16.64 -27.77
N SER B 441 20.99 16.20 -28.87
CA SER B 441 22.20 16.83 -29.40
C SER B 441 21.97 17.81 -30.56
N GLY B 442 20.71 18.03 -30.93
CA GLY B 442 20.43 18.90 -32.05
C GLY B 442 19.26 19.81 -31.79
N PRO B 443 18.45 20.11 -32.82
CA PRO B 443 17.26 20.94 -32.71
C PRO B 443 16.24 20.33 -31.79
N ALA B 444 15.33 21.15 -31.29
CA ALA B 444 14.36 20.70 -30.33
C ALA B 444 13.48 19.63 -30.96
N PRO B 445 13.10 18.61 -30.18
CA PRO B 445 12.36 17.53 -30.79
C PRO B 445 10.86 17.83 -30.73
N LEU B 446 10.46 18.95 -31.35
CA LEU B 446 9.06 19.44 -31.27
C LEU B 446 8.04 18.51 -31.93
N ALA B 447 8.45 17.87 -33.02
CA ALA B 447 7.61 16.92 -33.75
C ALA B 447 7.33 15.67 -32.92
N VAL B 448 8.25 15.32 -32.03
CA VAL B 448 8.03 14.22 -31.10
C VAL B 448 6.93 14.60 -30.10
N GLN B 449 7.12 15.74 -29.46
CA GLN B 449 6.14 16.30 -28.53
C GLN B 449 4.78 16.38 -29.17
N ASP B 450 4.72 16.99 -30.36
CA ASP B 450 3.50 17.03 -31.15
C ASP B 450 2.88 15.64 -31.28
N ALA B 451 3.64 14.67 -31.76
CA ALA B 451 3.10 13.32 -32.00
C ALA B 451 2.51 12.72 -30.73
N ILE B 452 3.20 12.84 -29.61
CA ILE B 452 2.66 12.40 -28.32
C ILE B 452 1.33 13.12 -28.02
N ALA B 453 1.34 14.44 -28.16
CA ALA B 453 0.14 15.24 -27.96
C ALA B 453 -1.00 14.81 -28.90
N VAL B 454 -0.67 14.44 -30.14
CA VAL B 454 -1.72 14.04 -31.10
C VAL B 454 -2.26 12.68 -30.72
N ARG B 455 -1.37 11.74 -30.41
CA ARG B 455 -1.75 10.42 -29.95
C ARG B 455 -2.63 10.53 -28.69
N LEU B 456 -2.31 11.48 -27.81
CA LEU B 456 -3.13 11.77 -26.63
C LEU B 456 -4.50 12.33 -27.00
N ALA B 457 -4.53 13.30 -27.92
CA ALA B 457 -5.81 13.81 -28.46
C ALA B 457 -6.71 12.66 -28.93
N GLU B 458 -6.14 11.72 -29.70
CA GLU B 458 -6.91 10.56 -30.21
C GLU B 458 -7.43 9.67 -29.07
N TYR B 459 -6.60 9.47 -28.06
CA TYR B 459 -7.00 8.66 -26.90
C TYR B 459 -8.21 9.26 -26.19
N ALA B 460 -8.29 10.59 -26.22
CA ALA B 460 -9.35 11.37 -25.56
C ALA B 460 -10.60 11.55 -26.43
N GLY B 461 -10.62 10.90 -27.59
CA GLY B 461 -11.83 10.82 -28.43
C GLY B 461 -11.92 11.82 -29.57
N HIS B 462 -10.80 12.50 -29.86
CA HIS B 462 -10.78 13.52 -30.91
C HIS B 462 -10.21 13.02 -32.24
N GLN B 463 -10.88 13.45 -33.32
CA GLN B 463 -10.40 13.19 -34.67
C GLN B 463 -9.93 14.49 -35.32
N ALA B 464 -9.00 14.37 -36.27
CA ALA B 464 -8.53 15.52 -37.04
C ALA B 464 -9.70 16.24 -37.73
N PRO B 465 -9.69 17.58 -37.71
CA PRO B 465 -10.71 18.37 -38.41
C PRO B 465 -10.56 18.29 -39.94
N GLU B 466 -11.53 18.42 -40.70
N ARG C 1 -27.19 -71.30 -5.54
CA ARG C 1 -26.72 -72.43 -4.68
C ARG C 1 -25.34 -72.16 -4.10
N LEU C 2 -25.10 -72.69 -2.90
CA LEU C 2 -23.89 -72.43 -2.15
C LEU C 2 -22.67 -73.21 -2.66
N THR C 3 -22.84 -74.50 -2.99
CA THR C 3 -21.74 -75.33 -3.47
C THR C 3 -21.29 -74.87 -4.85
N GLU C 4 -22.27 -74.53 -5.70
CA GLU C 4 -22.03 -73.99 -7.03
C GLU C 4 -21.20 -72.70 -7.00
N LEU C 5 -21.51 -71.82 -6.05
CA LEU C 5 -20.74 -70.58 -5.84
C LEU C 5 -19.31 -70.87 -5.37
N ARG C 6 -19.18 -71.84 -4.48
CA ARG C 6 -17.88 -72.18 -3.87
C ARG C 6 -16.89 -72.80 -4.86
N GLU C 7 -17.38 -73.70 -5.70
CA GLU C 7 -16.55 -74.36 -6.71
C GLU C 7 -15.99 -73.33 -7.70
N ASP C 8 -16.81 -72.32 -8.00
CA ASP C 8 -16.48 -71.26 -8.92
C ASP C 8 -15.37 -70.33 -8.40
N ILE C 9 -15.43 -69.99 -7.12
CA ILE C 9 -14.41 -69.17 -6.49
C ILE C 9 -13.10 -69.96 -6.35
N ASP C 10 -13.20 -71.24 -6.01
CA ASP C 10 -12.08 -72.19 -6.02
C ASP C 10 -11.37 -72.16 -7.38
N ALA C 11 -12.16 -72.26 -8.44
CA ALA C 11 -11.69 -72.20 -9.83
C ALA C 11 -10.99 -70.89 -10.19
N ILE C 12 -11.58 -69.77 -9.77
CA ILE C 12 -11.02 -68.46 -10.04
C ILE C 12 -9.64 -68.34 -9.38
N LEU C 13 -9.51 -68.89 -8.17
CA LEU C 13 -8.29 -68.80 -7.39
C LEU C 13 -7.10 -69.59 -7.93
N GLU C 14 -7.36 -70.47 -8.90
CA GLU C 14 -6.31 -71.32 -9.50
C GLU C 14 -5.63 -70.65 -10.69
N ASP C 15 -5.58 -69.32 -10.66
CA ASP C 15 -5.12 -68.50 -11.75
C ASP C 15 -3.59 -68.39 -11.71
N PRO C 16 -2.93 -68.56 -12.88
CA PRO C 16 -1.46 -68.46 -12.99
C PRO C 16 -0.84 -67.27 -12.26
N ALA C 17 -1.62 -66.20 -12.10
CA ALA C 17 -1.18 -64.99 -11.42
C ALA C 17 -1.07 -65.13 -9.90
N LEU C 18 -1.62 -66.22 -9.36
CA LEU C 18 -1.59 -66.51 -7.93
C LEU C 18 -0.72 -67.72 -7.62
N GLU C 19 0.08 -68.11 -8.61
CA GLU C 19 1.02 -69.21 -8.51
C GLU C 19 1.98 -68.98 -7.34
N GLY C 20 1.90 -69.85 -6.33
CA GLY C 20 2.83 -69.80 -5.19
C GLY C 20 2.60 -68.65 -4.24
N ALA C 21 1.39 -68.08 -4.28
CA ALA C 21 0.95 -66.92 -3.48
C ALA C 21 -0.03 -67.35 -2.40
N VAL C 22 -0.23 -66.48 -1.41
CA VAL C 22 -1.25 -66.70 -0.37
C VAL C 22 -2.42 -65.75 -0.58
N SER C 23 -3.63 -66.29 -0.47
CA SER C 23 -4.86 -65.56 -0.70
C SER C 23 -5.89 -65.77 0.39
N GLY C 24 -6.09 -64.75 1.22
CA GLY C 24 -7.19 -64.74 2.18
C GLY C 24 -8.46 -64.26 1.51
N VAL C 25 -9.44 -65.15 1.38
CA VAL C 25 -10.71 -64.83 0.71
C VAL C 25 -11.88 -65.20 1.64
N VAL C 26 -12.61 -64.19 2.11
CA VAL C 26 -13.77 -64.47 2.96
C VAL C 26 -15.02 -63.75 2.42
N VAL C 27 -16.10 -64.50 2.22
CA VAL C 27 -17.36 -63.91 1.76
C VAL C 27 -18.52 -64.15 2.73
N VAL C 28 -19.17 -63.08 3.16
CA VAL C 28 -20.28 -63.19 4.10
C VAL C 28 -21.56 -62.50 3.61
N ASP C 29 -22.69 -63.17 3.85
CA ASP C 29 -24.00 -62.53 3.76
C ASP C 29 -24.23 -61.72 5.05
N THR C 30 -24.41 -60.41 4.92
CA THR C 30 -24.45 -59.58 6.14
C THR C 30 -25.81 -59.50 6.83
N ALA C 31 -26.83 -60.08 6.20
CA ALA C 31 -28.16 -60.06 6.76
C ALA C 31 -28.43 -61.32 7.58
N THR C 32 -27.86 -62.45 7.16
CA THR C 32 -28.07 -63.73 7.84
C THR C 32 -26.83 -64.14 8.61
N GLY C 33 -25.70 -63.54 8.23
CA GLY C 33 -24.40 -63.82 8.85
C GLY C 33 -23.79 -65.11 8.32
N GLU C 34 -24.50 -65.76 7.40
CA GLU C 34 -23.96 -66.91 6.67
C GLU C 34 -22.62 -66.56 5.99
N GLU C 35 -21.60 -67.34 6.34
CA GLU C 35 -20.31 -67.31 5.68
C GLU C 35 -20.43 -68.10 4.39
N LEU C 36 -20.34 -67.40 3.26
CA LEU C 36 -20.51 -68.00 1.95
C LEU C 36 -19.23 -68.58 1.35
N TYR C 37 -18.08 -68.10 1.84
CA TYR C 37 -16.78 -68.60 1.42
C TYR C 37 -15.72 -68.16 2.42
N SER C 38 -14.78 -69.06 2.70
CA SER C 38 -13.67 -68.77 3.59
C SER C 38 -12.48 -69.66 3.18
N ARG C 39 -11.36 -69.02 2.87
CA ARG C 39 -10.10 -69.72 2.62
C ARG C 39 -9.01 -68.88 3.22
N ASP C 40 -8.27 -69.46 4.17
CA ASP C 40 -7.11 -68.78 4.77
C ASP C 40 -7.49 -67.43 5.41
N GLY C 41 -8.73 -67.32 5.90
CA GLY C 41 -9.26 -66.10 6.50
C GLY C 41 -8.57 -65.64 7.77
N GLY C 42 -7.93 -66.57 8.47
CA GLY C 42 -7.21 -66.26 9.70
C GLY C 42 -5.73 -65.96 9.49
N GLU C 43 -5.28 -66.00 8.24
CA GLU C 43 -3.87 -65.75 7.90
C GLU C 43 -3.53 -64.26 7.93
N GLN C 44 -2.40 -63.92 8.56
CA GLN C 44 -1.95 -62.52 8.67
C GLN C 44 -1.20 -62.09 7.41
N LEU C 45 -1.70 -61.05 6.74
CA LEU C 45 -1.17 -60.59 5.45
C LEU C 45 -1.03 -59.07 5.42
N LEU C 46 -0.11 -58.56 4.61
CA LEU C 46 -0.04 -57.12 4.28
C LEU C 46 -1.30 -56.71 3.51
N PRO C 47 -1.98 -55.65 3.97
CA PRO C 47 -3.22 -55.17 3.33
C PRO C 47 -3.05 -54.09 2.27
N ALA C 48 -1.86 -53.52 2.17
CA ALA C 48 -1.66 -52.25 1.46
C ALA C 48 -2.82 -51.31 1.80
N SER C 49 -3.32 -50.59 0.81
CA SER C 49 -4.30 -49.55 1.06
C SER C 49 -5.63 -50.01 1.67
N ASN C 50 -5.88 -51.33 1.76
CA ASN C 50 -7.04 -51.80 2.55
C ASN C 50 -7.01 -51.43 4.03
N MET C 51 -5.83 -51.06 4.54
CA MET C 51 -5.68 -50.59 5.91
C MET C 51 -6.55 -49.38 6.19
N LYS C 52 -6.69 -48.52 5.19
CA LYS C 52 -7.49 -47.30 5.29
C LYS C 52 -8.92 -47.59 5.71
N LEU C 53 -9.37 -48.83 5.51
CA LEU C 53 -10.67 -49.26 6.02
C LEU C 53 -10.71 -49.17 7.54
N PHE C 54 -9.69 -49.66 8.22
CA PHE C 54 -9.60 -49.50 9.67
C PHE C 54 -9.39 -48.05 10.11
N THR C 55 -8.62 -47.28 9.34
CA THR C 55 -8.45 -45.88 9.63
C THR C 55 -9.78 -45.12 9.45
N ALA C 56 -10.39 -45.27 8.28
CA ALA C 56 -11.67 -44.62 8.01
C ALA C 56 -12.68 -44.86 9.13
N ALA C 57 -12.88 -46.13 9.48
CA ALA C 57 -13.84 -46.52 10.53
C ALA C 57 -13.51 -45.96 11.92
N ALA C 58 -12.24 -46.06 12.32
CA ALA C 58 -11.78 -45.50 13.58
C ALA C 58 -12.00 -43.99 13.68
N ALA C 59 -11.78 -43.27 12.58
CA ALA C 59 -11.96 -41.80 12.57
C ALA C 59 -13.43 -41.41 12.68
N LEU C 60 -14.29 -42.17 12.03
CA LEU C 60 -15.73 -41.92 12.18
C LEU C 60 -16.09 -42.12 13.65
N GLU C 61 -15.69 -43.24 14.24
CA GLU C 61 -15.98 -43.52 15.64
C GLU C 61 -15.46 -42.41 16.55
N VAL C 62 -14.17 -42.10 16.43
CA VAL C 62 -13.49 -41.20 17.34
C VAL C 62 -13.87 -39.76 17.09
N LEU C 63 -13.81 -39.32 15.84
CA LEU C 63 -14.02 -37.90 15.50
C LEU C 63 -15.48 -37.59 15.12
N GLY C 64 -16.17 -38.55 14.51
CA GLY C 64 -17.57 -38.37 14.11
C GLY C 64 -17.68 -37.84 12.70
N ALA C 65 -18.73 -38.26 12.00
CA ALA C 65 -18.98 -37.83 10.62
C ALA C 65 -19.09 -36.30 10.49
N ASP C 66 -19.29 -35.62 11.61
CA ASP C 66 -19.50 -34.18 11.64
C ASP C 66 -18.27 -33.37 12.04
N HIS C 67 -17.14 -34.06 12.21
CA HIS C 67 -15.89 -33.40 12.60
C HIS C 67 -15.37 -32.55 11.46
N SER C 68 -14.93 -31.35 11.78
CA SER C 68 -14.22 -30.53 10.82
C SER C 68 -12.91 -30.07 11.46
N PHE C 69 -12.03 -29.54 10.62
CA PHE C 69 -10.66 -29.26 11.06
C PHE C 69 -10.39 -27.80 10.83
N GLY C 70 -9.60 -27.19 11.69
CA GLY C 70 -9.43 -25.76 11.68
C GLY C 70 -8.00 -25.31 11.45
N THR C 71 -7.88 -24.12 10.86
CA THR C 71 -6.62 -23.38 10.68
C THR C 71 -6.87 -21.93 11.13
N GLU C 72 -5.82 -21.27 11.63
CA GLU C 72 -5.94 -19.95 12.21
C GLU C 72 -4.71 -19.11 11.94
N VAL C 73 -4.89 -17.80 11.98
CA VAL C 73 -3.79 -16.86 11.97
C VAL C 73 -3.88 -16.05 13.25
N ALA C 74 -2.84 -16.06 14.04
CA ALA C 74 -2.88 -15.37 15.33
C ALA C 74 -1.72 -14.40 15.52
N ALA C 75 -2.02 -13.30 16.20
CA ALA C 75 -1.02 -12.33 16.63
C ALA C 75 -1.22 -12.03 18.12
N GLU C 76 -0.20 -11.47 18.77
CA GLU C 76 -0.24 -11.29 20.23
C GLU C 76 -1.33 -10.29 20.63
N SER C 77 -1.57 -9.34 19.73
CA SER C 77 -2.60 -8.33 19.90
C SER C 77 -3.17 -8.00 18.52
N ALA C 78 -4.39 -7.45 18.51
CA ALA C 78 -4.92 -6.81 17.31
C ALA C 78 -4.00 -5.67 16.85
N PRO C 79 -3.95 -5.38 15.52
CA PRO C 79 -3.21 -4.25 14.96
C PRO C 79 -3.56 -2.88 15.56
N GLY C 80 -2.51 -2.12 15.87
CA GLY C 80 -2.67 -0.78 16.41
C GLY C 80 -3.04 0.25 15.37
N ARG C 81 -2.94 1.50 15.78
CA ARG C 81 -3.29 2.69 15.01
C ARG C 81 -2.66 2.73 13.60
N ARG C 82 -1.41 2.28 13.49
CA ARG C 82 -0.67 2.28 12.21
C ARG C 82 -0.74 0.94 11.48
N GLY C 83 -1.68 0.09 11.90
CA GLY C 83 -1.98 -1.16 11.22
C GLY C 83 -0.82 -2.15 11.22
N GLU C 84 -0.01 -2.09 12.27
CA GLU C 84 1.13 -2.99 12.37
C GLU C 84 0.92 -4.08 13.42
N VAL C 85 1.54 -5.22 13.16
CA VAL C 85 1.67 -6.32 14.12
C VAL C 85 3.15 -6.73 14.15
N GLN C 86 3.57 -7.42 15.22
CA GLN C 86 4.93 -7.92 15.33
C GLN C 86 5.09 -9.28 14.62
N ASP C 87 5.16 -10.36 15.40
CA ASP C 87 5.24 -11.70 14.82
C ASP C 87 3.87 -12.14 14.39
N LEU C 88 3.82 -13.04 13.41
CA LEU C 88 2.55 -13.60 12.97
C LEU C 88 2.65 -15.12 12.80
N TYR C 89 1.61 -15.83 13.22
CA TYR C 89 1.61 -17.29 13.19
C TYR C 89 0.46 -17.86 12.37
N LEU C 90 0.82 -18.66 11.37
CA LEU C 90 -0.14 -19.49 10.66
C LEU C 90 -0.23 -20.87 11.33
N VAL C 91 -1.43 -21.22 11.83
CA VAL C 91 -1.56 -22.36 12.76
C VAL C 91 -2.47 -23.46 12.24
N GLY C 92 -1.90 -24.63 12.01
CA GLY C 92 -2.68 -25.75 11.47
C GLY C 92 -3.07 -26.75 12.53
N ARG C 93 -4.32 -27.22 12.50
CA ARG C 93 -4.73 -28.33 13.37
C ARG C 93 -5.29 -29.51 12.58
N GLY C 94 -4.55 -29.91 11.56
CA GLY C 94 -4.74 -31.15 10.85
C GLY C 94 -5.75 -31.19 9.72
N ASP C 95 -6.03 -30.04 9.11
CA ASP C 95 -6.92 -30.01 7.94
C ASP C 95 -6.22 -30.64 6.73
N PRO C 96 -6.76 -31.79 6.25
CA PRO C 96 -6.16 -32.42 5.08
C PRO C 96 -6.59 -31.80 3.74
N THR C 97 -7.29 -30.67 3.76
CA THR C 97 -7.86 -30.10 2.54
C THR C 97 -7.56 -28.60 2.34
N LEU C 98 -6.56 -28.09 3.06
CA LEU C 98 -6.30 -26.65 3.08
C LEU C 98 -5.62 -26.16 1.79
N SER C 99 -6.39 -25.45 0.96
CA SER C 99 -5.93 -25.02 -0.36
C SER C 99 -5.15 -23.69 -0.38
N ALA C 100 -4.54 -23.40 -1.52
CA ALA C 100 -3.95 -22.08 -1.79
C ALA C 100 -5.06 -21.02 -1.75
N GLU C 101 -6.21 -21.33 -2.36
CA GLU C 101 -7.42 -20.49 -2.28
C GLU C 101 -7.75 -20.08 -0.84
N ASP C 102 -7.64 -21.04 0.09
CA ASP C 102 -7.96 -20.81 1.50
C ASP C 102 -6.94 -19.96 2.21
N LEU C 103 -5.69 -20.03 1.76
CA LEU C 103 -4.65 -19.15 2.27
C LEU C 103 -4.90 -17.71 1.84
N ASP C 104 -5.27 -17.54 0.57
CA ASP C 104 -5.59 -16.23 0.03
C ASP C 104 -6.72 -15.59 0.85
N ALA C 105 -7.81 -16.34 1.05
CA ALA C 105 -8.92 -15.89 1.86
C ALA C 105 -8.49 -15.46 3.28
N MET C 106 -7.74 -16.30 3.99
CA MET C 106 -7.18 -15.93 5.30
C MET C 106 -6.30 -14.67 5.30
N ALA C 107 -5.51 -14.50 4.24
CA ALA C 107 -4.70 -13.30 4.06
C ALA C 107 -5.56 -12.04 3.88
N ALA C 108 -6.69 -12.20 3.20
CA ALA C 108 -7.66 -11.13 3.05
C ALA C 108 -8.30 -10.75 4.39
N GLU C 109 -8.62 -11.76 5.21
CA GLU C 109 -9.13 -11.53 6.56
C GLU C 109 -8.13 -10.78 7.43
N VAL C 110 -6.88 -11.23 7.41
CA VAL C 110 -5.80 -10.57 8.14
C VAL C 110 -5.74 -9.09 7.76
N ALA C 111 -5.80 -8.80 6.47
CA ALA C 111 -5.80 -7.43 5.99
C ALA C 111 -7.06 -6.67 6.46
N ALA C 112 -8.22 -7.32 6.38
CA ALA C 112 -9.49 -6.71 6.78
C ALA C 112 -9.61 -6.49 8.29
N SER C 113 -8.79 -7.17 9.07
CA SER C 113 -8.68 -6.90 10.50
C SER C 113 -7.87 -5.62 10.74
N GLY C 114 -7.30 -5.08 9.68
CA GLY C 114 -6.59 -3.80 9.74
C GLY C 114 -5.08 -3.91 9.64
N VAL C 115 -4.59 -5.08 9.23
CA VAL C 115 -3.14 -5.31 9.13
C VAL C 115 -2.57 -4.78 7.81
N ARG C 116 -1.65 -3.83 7.93
CA ARG C 116 -0.86 -3.35 6.80
C ARG C 116 0.53 -4.01 6.83
N THR C 117 1.10 -4.16 8.02
CA THR C 117 2.49 -4.57 8.15
C THR C 117 2.73 -5.63 9.24
N VAL C 118 3.42 -6.70 8.86
CA VAL C 118 4.01 -7.61 9.82
C VAL C 118 5.47 -7.17 10.01
N ARG C 119 5.73 -6.57 11.16
CA ARG C 119 7.01 -5.98 11.48
C ARG C 119 8.07 -7.03 11.78
N GLY C 120 7.65 -8.08 12.49
CA GLY C 120 8.52 -9.19 12.83
C GLY C 120 8.38 -10.34 11.84
N ASP C 121 8.59 -11.55 12.32
CA ASP C 121 8.67 -12.75 11.47
C ASP C 121 7.32 -13.43 11.30
N LEU C 122 7.18 -14.21 10.23
CA LEU C 122 6.00 -15.05 10.05
C LEU C 122 6.34 -16.52 10.27
N TYR C 123 5.60 -17.16 11.17
CA TYR C 123 5.88 -18.53 11.57
C TYR C 123 4.77 -19.48 11.15
N ALA C 124 5.15 -20.68 10.71
CA ALA C 124 4.22 -21.78 10.50
C ALA C 124 4.25 -22.71 11.73
N ASP C 125 3.09 -22.87 12.35
CA ASP C 125 2.94 -23.67 13.56
C ASP C 125 2.19 -24.95 13.19
N ASP C 126 2.91 -26.07 13.14
CA ASP C 126 2.30 -27.39 12.92
C ASP C 126 2.45 -28.29 14.14
N THR C 127 2.58 -27.65 15.31
CA THR C 127 2.94 -28.33 16.56
C THR C 127 1.80 -29.14 17.13
N TRP C 128 0.61 -28.99 16.54
CA TRP C 128 -0.55 -29.81 16.87
C TRP C 128 -0.33 -31.30 16.61
N PHE C 129 0.44 -31.64 15.57
CA PHE C 129 0.98 -33.00 15.43
C PHE C 129 2.48 -33.01 15.79
N ASP C 130 3.03 -34.22 15.90
CA ASP C 130 4.46 -34.54 15.82
C ASP C 130 5.21 -33.83 14.72
N SER C 131 6.52 -33.79 14.85
CA SER C 131 7.37 -33.47 13.72
C SER C 131 8.05 -34.73 13.16
N GLU C 132 7.43 -35.89 13.41
CA GLU C 132 7.81 -37.13 12.73
C GLU C 132 7.05 -37.20 11.40
N ARG C 133 7.80 -37.05 10.32
CA ARG C 133 7.23 -36.83 8.99
C ARG C 133 6.86 -38.11 8.25
N LEU C 134 7.63 -39.17 8.49
CA LEU C 134 7.51 -40.41 7.73
C LEU C 134 7.49 -41.57 8.71
N VAL C 135 6.79 -42.64 8.38
CA VAL C 135 6.85 -43.85 9.19
C VAL C 135 8.24 -44.46 9.06
N ASP C 136 8.75 -44.95 10.19
CA ASP C 136 10.01 -45.73 10.26
C ASP C 136 10.38 -46.50 9.00
N ASP C 137 9.54 -47.49 8.67
CA ASP C 137 9.81 -48.45 7.62
C ASP C 137 9.30 -48.06 6.22
N TRP C 138 8.78 -46.84 6.06
CA TRP C 138 8.57 -46.27 4.72
C TRP C 138 9.89 -46.16 3.97
N TRP C 139 9.85 -46.32 2.65
CA TRP C 139 11.06 -46.36 1.84
C TRP C 139 11.54 -44.99 1.42
N PRO C 140 12.83 -44.67 1.65
CA PRO C 140 13.35 -43.36 1.27
C PRO C 140 13.14 -43.10 -0.22
N GLU C 141 13.16 -44.18 -1.01
CA GLU C 141 13.01 -44.12 -2.46
C GLU C 141 11.64 -43.60 -2.92
N ASP C 142 10.63 -43.76 -2.08
CA ASP C 142 9.26 -43.33 -2.39
C ASP C 142 9.01 -41.84 -2.12
N GLU C 143 9.92 -41.23 -1.37
CA GLU C 143 9.70 -39.90 -0.82
C GLU C 143 9.48 -38.79 -1.85
N PRO C 144 10.02 -38.94 -3.09
CA PRO C 144 9.69 -37.93 -4.10
C PRO C 144 8.18 -37.83 -4.50
N TYR C 145 7.39 -38.88 -4.28
CA TYR C 145 6.03 -38.98 -4.85
C TYR C 145 4.90 -38.63 -3.90
N ALA C 146 3.78 -38.19 -4.47
CA ALA C 146 2.60 -37.74 -3.69
C ALA C 146 2.14 -38.72 -2.61
N TYR C 147 2.21 -40.01 -2.92
CA TYR C 147 1.69 -41.04 -2.00
C TYR C 147 2.58 -41.20 -0.75
N SER C 148 3.71 -40.49 -0.72
CA SER C 148 4.65 -40.52 0.42
C SER C 148 4.99 -39.13 0.90
N ALA C 149 4.02 -38.22 0.79
CA ALA C 149 4.17 -36.87 1.30
C ALA C 149 4.46 -36.91 2.80
N GLN C 150 5.20 -35.93 3.29
CA GLN C 150 5.52 -35.85 4.70
C GLN C 150 4.30 -35.38 5.47
N ILE C 151 4.21 -35.81 6.72
CA ILE C 151 3.02 -35.61 7.53
C ILE C 151 3.14 -34.40 8.45
N SER C 152 2.20 -33.48 8.30
CA SER C 152 2.20 -32.24 9.05
C SER C 152 0.77 -31.83 9.39
N ALA C 153 0.62 -31.20 10.55
CA ALA C 153 -0.67 -30.63 10.95
C ALA C 153 -0.97 -29.38 10.12
N LEU C 154 0.09 -28.77 9.58
CA LEU C 154 -0.06 -27.67 8.60
C LEU C 154 0.48 -28.07 7.21
N THR C 155 -0.42 -28.36 6.29
CA THR C 155 -0.04 -28.77 4.95
C THR C 155 -1.01 -28.22 3.92
N VAL C 156 -0.48 -27.78 2.78
CA VAL C 156 -1.34 -27.31 1.69
C VAL C 156 -1.79 -28.48 0.78
N ALA C 157 -3.10 -28.57 0.56
CA ALA C 157 -3.67 -29.58 -0.33
C ALA C 157 -3.83 -29.05 -1.76
N HIS C 158 -3.28 -29.80 -2.70
CA HIS C 158 -3.33 -29.47 -4.10
C HIS C 158 -4.50 -30.16 -4.80
N GLY C 159 -5.28 -29.37 -5.52
CA GLY C 159 -6.33 -29.88 -6.42
C GLY C 159 -7.59 -30.29 -5.69
N GLU C 160 -8.62 -30.65 -6.47
CA GLU C 160 -9.87 -31.18 -5.92
C GLU C 160 -9.74 -32.55 -5.22
N ARG C 161 -8.65 -33.28 -5.49
CA ARG C 161 -8.37 -34.56 -4.80
C ARG C 161 -7.58 -34.35 -3.50
N PHE C 162 -7.17 -33.11 -3.25
CA PHE C 162 -6.59 -32.69 -1.97
C PHE C 162 -5.32 -33.49 -1.65
N ASP C 163 -4.43 -33.57 -2.63
CA ASP C 163 -3.10 -34.18 -2.43
C ASP C 163 -2.20 -33.25 -1.61
N THR C 164 -1.78 -33.72 -0.43
CA THR C 164 -1.08 -32.86 0.53
C THR C 164 0.44 -32.84 0.35
N GLY C 165 1.08 -31.74 0.74
CA GLY C 165 2.55 -31.67 0.88
C GLY C 165 3.32 -31.83 -0.42
N VAL C 166 2.64 -31.49 -1.51
CA VAL C 166 3.21 -31.55 -2.83
C VAL C 166 3.17 -30.18 -3.50
N THR C 167 3.86 -30.11 -4.63
CA THR C 167 3.89 -28.94 -5.47
C THR C 167 3.79 -29.51 -6.85
N GLU C 168 3.20 -28.78 -7.77
CA GLU C 168 3.08 -29.24 -9.15
C GLU C 168 4.22 -28.73 -10.02
N VAL C 169 4.99 -29.66 -10.55
CA VAL C 169 6.16 -29.32 -11.36
C VAL C 169 5.71 -29.52 -12.80
N SER C 170 5.92 -28.50 -13.64
CA SER C 170 5.68 -28.64 -15.07
C SER C 170 6.89 -28.29 -15.92
N VAL C 171 7.17 -29.19 -16.86
CA VAL C 171 8.37 -29.09 -17.70
C VAL C 171 7.94 -28.97 -19.13
N THR C 172 8.45 -27.91 -19.77
CA THR C 172 7.99 -27.56 -21.09
C THR C 172 9.21 -27.47 -22.00
N PRO C 173 9.10 -28.03 -23.23
CA PRO C 173 10.24 -28.01 -24.14
C PRO C 173 10.49 -26.58 -24.65
N ALA C 174 11.77 -26.25 -24.87
CA ALA C 174 12.18 -25.04 -25.57
C ALA C 174 12.59 -25.38 -27.01
N ALA C 175 13.67 -24.80 -27.50
CA ALA C 175 14.18 -25.18 -28.80
C ALA C 175 15.06 -26.41 -28.63
N GLU C 176 15.15 -27.22 -29.68
CA GLU C 176 15.97 -28.41 -29.66
C GLU C 176 17.42 -28.06 -29.26
N GLY C 177 17.95 -28.79 -28.28
CA GLY C 177 19.32 -28.54 -27.81
C GLY C 177 19.40 -27.58 -26.64
N GLU C 178 18.36 -26.76 -26.46
CA GLU C 178 18.28 -25.85 -25.31
C GLU C 178 17.80 -26.61 -24.06
N PRO C 179 18.08 -26.07 -22.86
CA PRO C 179 17.51 -26.73 -21.67
C PRO C 179 16.01 -26.72 -21.77
N ALA C 180 15.35 -27.64 -21.08
CA ALA C 180 13.91 -27.58 -20.95
C ALA C 180 13.57 -26.46 -19.98
N ASP C 181 12.37 -25.89 -20.14
CA ASP C 181 11.90 -24.86 -19.22
C ASP C 181 11.11 -25.51 -18.10
N VAL C 182 11.43 -25.13 -16.87
CA VAL C 182 10.88 -25.80 -15.68
C VAL C 182 10.19 -24.78 -14.77
N ASP C 183 8.98 -25.12 -14.32
CA ASP C 183 8.27 -24.31 -13.33
C ASP C 183 7.85 -25.26 -12.18
N LEU C 184 8.18 -24.85 -10.96
CA LEU C 184 8.01 -25.69 -9.77
C LEU C 184 6.65 -25.51 -9.08
N GLY C 185 5.77 -24.71 -9.67
CA GLY C 185 4.42 -24.45 -9.13
C GLY C 185 4.51 -23.76 -7.79
N ALA C 186 3.82 -24.29 -6.78
CA ALA C 186 3.74 -23.65 -5.47
C ALA C 186 5.12 -23.46 -4.82
N ALA C 187 6.06 -24.36 -5.12
CA ALA C 187 7.39 -24.31 -4.50
C ALA C 187 8.41 -23.40 -5.22
N GLU C 188 7.95 -22.64 -6.21
CA GLU C 188 8.80 -21.63 -6.82
C GLU C 188 9.25 -20.69 -5.70
N GLY C 189 10.56 -20.51 -5.57
CA GLY C 189 11.13 -19.65 -4.51
C GLY C 189 11.38 -20.34 -3.17
N TYR C 190 10.90 -21.58 -3.04
CA TYR C 190 10.99 -22.37 -1.82
C TYR C 190 11.93 -23.58 -1.99
N ALA C 191 11.58 -24.49 -2.89
CA ALA C 191 12.49 -25.58 -3.28
C ALA C 191 13.59 -25.07 -4.22
N GLU C 192 14.75 -25.74 -4.22
CA GLU C 192 15.81 -25.43 -5.18
C GLU C 192 15.58 -26.16 -6.49
N LEU C 193 15.97 -25.52 -7.59
CA LEU C 193 15.97 -26.19 -8.86
C LEU C 193 17.38 -26.60 -9.24
N ASP C 194 17.52 -27.86 -9.59
CA ASP C 194 18.69 -28.39 -10.25
C ASP C 194 18.29 -28.93 -11.63
N ASN C 195 18.21 -28.04 -12.61
CA ASN C 195 17.71 -28.41 -13.94
C ASN C 195 18.81 -28.75 -14.93
N ARG C 196 18.95 -30.04 -15.19
CA ARG C 196 19.91 -30.54 -16.16
C ARG C 196 19.23 -31.20 -17.40
N ALA C 197 17.94 -30.99 -17.54
CA ALA C 197 17.17 -31.53 -18.65
C ALA C 197 17.42 -30.76 -19.95
N VAL C 198 17.39 -31.49 -21.05
CA VAL C 198 17.55 -30.90 -22.38
C VAL C 198 16.27 -31.08 -23.21
N THR C 199 16.08 -30.20 -24.20
CA THR C 199 15.04 -30.41 -25.18
C THR C 199 15.60 -31.26 -26.33
N GLY C 200 14.96 -32.39 -26.59
CA GLY C 200 15.38 -33.29 -27.66
C GLY C 200 14.75 -32.89 -28.99
N ALA C 201 15.21 -33.50 -30.07
CA ALA C 201 14.64 -33.34 -31.39
C ALA C 201 13.16 -33.68 -31.38
N ALA C 202 12.38 -33.05 -32.25
CA ALA C 202 10.97 -33.35 -32.36
C ALA C 202 10.82 -34.82 -32.77
N GLY C 203 9.95 -35.58 -32.11
CA GLY C 203 9.75 -36.97 -32.50
C GLY C 203 10.61 -38.00 -31.77
N SER C 204 11.52 -37.52 -30.93
CA SER C 204 12.48 -38.40 -30.24
C SER C 204 11.86 -39.00 -29.00
N ALA C 205 12.60 -39.88 -28.30
CA ALA C 205 12.11 -40.44 -27.04
C ALA C 205 12.05 -39.39 -25.92
N ASN C 206 10.98 -39.49 -25.13
CA ASN C 206 10.84 -38.76 -23.87
C ASN C 206 11.52 -39.52 -22.74
N THR C 207 12.66 -39.02 -22.28
CA THR C 207 13.40 -39.62 -21.17
C THR C 207 13.45 -38.72 -19.92
N LEU C 208 12.61 -37.70 -19.88
CA LEU C 208 12.54 -36.77 -18.74
C LEU C 208 12.20 -37.45 -17.43
N VAL C 209 12.97 -37.13 -16.40
CA VAL C 209 12.72 -37.61 -15.04
C VAL C 209 12.69 -36.38 -14.10
N ILE C 210 11.75 -36.38 -13.18
CA ILE C 210 11.62 -35.35 -12.16
C ILE C 210 11.76 -36.06 -10.81
N ASP C 211 12.67 -35.58 -9.99
CA ASP C 211 13.04 -36.29 -8.79
C ASP C 211 13.21 -35.26 -7.66
N ARG C 212 13.25 -35.74 -6.42
CA ARG C 212 13.76 -34.95 -5.31
C ARG C 212 14.74 -35.84 -4.57
N PRO C 213 16.06 -35.60 -4.75
CA PRO C 213 17.10 -36.41 -4.10
C PRO C 213 16.85 -36.51 -2.61
N VAL C 214 17.14 -37.68 -2.05
CA VAL C 214 16.81 -37.94 -0.66
C VAL C 214 17.54 -36.97 0.29
N GLY C 215 16.78 -36.42 1.24
CA GLY C 215 17.32 -35.50 2.22
C GLY C 215 17.54 -34.08 1.70
N THR C 216 16.95 -33.75 0.55
CA THR C 216 17.06 -32.38 0.01
C THR C 216 15.69 -31.77 -0.21
N ASN C 217 15.71 -30.46 -0.44
CA ASN C 217 14.57 -29.73 -0.90
C ASN C 217 14.87 -29.21 -2.30
N THR C 218 15.44 -30.10 -3.11
CA THR C 218 15.85 -29.78 -4.46
C THR C 218 15.03 -30.61 -5.44
N ILE C 219 14.52 -29.96 -6.48
CA ILE C 219 13.86 -30.65 -7.55
C ILE C 219 14.84 -30.74 -8.73
N ALA C 220 15.19 -31.99 -9.02
CA ALA C 220 16.20 -32.32 -10.04
C ALA C 220 15.51 -32.86 -11.28
N VAL C 221 15.76 -32.20 -12.39
CA VAL C 221 15.15 -32.58 -13.64
C VAL C 221 16.24 -32.98 -14.59
N THR C 222 16.07 -34.16 -15.20
CA THR C 222 17.06 -34.75 -16.08
C THR C 222 16.38 -35.42 -17.24
N GLY C 223 17.17 -35.89 -18.19
CA GLY C 223 16.67 -36.51 -19.38
C GLY C 223 16.35 -35.51 -20.48
N SER C 224 15.55 -35.98 -21.42
CA SER C 224 15.36 -35.25 -22.65
C SER C 224 13.88 -35.24 -22.96
N LEU C 225 13.37 -34.03 -23.18
CA LEU C 225 11.96 -33.83 -23.48
C LEU C 225 11.87 -33.39 -24.96
N PRO C 226 11.10 -34.14 -25.81
CA PRO C 226 11.05 -33.80 -27.25
C PRO C 226 10.47 -32.43 -27.56
N ALA C 227 11.09 -31.73 -28.51
CA ALA C 227 10.71 -30.35 -28.84
C ALA C 227 9.22 -30.16 -29.16
N ASP C 228 8.61 -31.23 -29.65
CA ASP C 228 7.20 -31.21 -30.05
C ASP C 228 6.24 -31.89 -29.06
N ALA C 229 6.78 -32.24 -27.89
CA ALA C 229 5.97 -32.83 -26.82
C ALA C 229 5.11 -31.78 -26.09
N ALA C 230 3.97 -32.22 -25.59
CA ALA C 230 3.16 -31.47 -24.63
C ALA C 230 3.98 -31.30 -23.36
N PRO C 231 3.67 -30.28 -22.52
CA PRO C 231 4.39 -30.17 -21.25
C PRO C 231 4.19 -31.39 -20.36
N VAL C 232 5.19 -31.69 -19.54
CA VAL C 232 5.06 -32.76 -18.56
C VAL C 232 4.71 -32.15 -17.23
N THR C 233 3.62 -32.62 -16.65
CA THR C 233 3.14 -32.13 -15.37
C THR C 233 3.08 -33.27 -14.36
N ALA C 234 3.73 -33.05 -13.21
CA ALA C 234 3.78 -34.04 -12.14
C ALA C 234 3.77 -33.42 -10.74
N LEU C 235 3.13 -34.12 -9.79
CA LEU C 235 3.16 -33.72 -8.38
C LEU C 235 4.39 -34.29 -7.72
N ARG C 236 5.21 -33.42 -7.12
CA ARG C 236 6.31 -33.87 -6.29
C ARG C 236 6.20 -33.30 -4.87
N THR C 237 6.58 -34.12 -3.88
CA THR C 237 6.68 -33.67 -2.50
C THR C 237 7.79 -32.63 -2.28
N VAL C 238 7.62 -31.85 -1.21
CA VAL C 238 8.65 -31.00 -0.65
C VAL C 238 8.95 -31.41 0.80
N ASP C 239 10.14 -31.01 1.25
CA ASP C 239 10.54 -31.13 2.64
C ASP C 239 9.83 -30.04 3.43
N GLU C 240 9.25 -30.44 4.56
CA GLU C 240 8.54 -29.51 5.46
C GLU C 240 7.33 -28.84 4.83
N PRO C 241 6.22 -29.60 4.69
CA PRO C 241 5.00 -29.00 4.18
C PRO C 241 4.58 -27.70 4.90
N ALA C 242 4.74 -27.65 6.22
CA ALA C 242 4.37 -26.45 6.98
C ALA C 242 5.16 -25.23 6.52
N ALA C 243 6.43 -25.43 6.17
CA ALA C 243 7.27 -24.31 5.72
C ALA C 243 6.86 -23.85 4.33
N LEU C 244 6.37 -24.78 3.51
CA LEU C 244 5.81 -24.40 2.20
C LEU C 244 4.54 -23.59 2.42
N ALA C 245 3.69 -24.06 3.33
CA ALA C 245 2.48 -23.33 3.73
C ALA C 245 2.83 -21.90 4.17
N GLY C 246 3.92 -21.77 4.92
CA GLY C 246 4.39 -20.48 5.36
C GLY C 246 4.80 -19.62 4.18
N HIS C 247 5.53 -20.22 3.25
CA HIS C 247 6.00 -19.53 2.05
C HIS C 247 4.83 -19.03 1.17
N LEU C 248 3.81 -19.87 1.05
CA LEU C 248 2.61 -19.53 0.27
C LEU C 248 1.76 -18.48 0.93
N PHE C 249 1.69 -18.54 2.26
CA PHE C 249 0.87 -17.58 3.01
C PHE C 249 1.50 -16.19 2.98
N GLU C 250 2.83 -16.17 3.06
CA GLU C 250 3.56 -14.94 2.94
C GLU C 250 3.26 -14.27 1.60
N GLU C 251 3.22 -15.07 0.55
CA GLU C 251 2.88 -14.58 -0.78
C GLU C 251 1.44 -14.08 -0.82
N ALA C 252 0.50 -14.87 -0.29
CA ALA C 252 -0.89 -14.45 -0.19
C ALA C 252 -1.02 -13.15 0.60
N LEU C 253 -0.21 -13.02 1.66
CA LEU C 253 -0.23 -11.80 2.47
C LEU C 253 0.17 -10.61 1.62
N GLU C 254 1.30 -10.71 0.91
CA GLU C 254 1.79 -9.60 0.09
C GLU C 254 0.80 -9.26 -1.01
N SER C 255 0.11 -10.31 -1.49
CA SER C 255 -0.89 -10.21 -2.53
C SER C 255 -2.14 -9.45 -2.06
N ASN C 256 -2.37 -9.45 -0.75
CA ASN C 256 -3.53 -8.79 -0.14
C ASN C 256 -3.13 -7.54 0.66
N GLY C 257 -2.02 -6.92 0.29
CA GLY C 257 -1.57 -5.68 0.93
C GLY C 257 -0.68 -5.74 2.16
N VAL C 258 -0.39 -6.94 2.67
CA VAL C 258 0.37 -7.07 3.93
C VAL C 258 1.85 -7.37 3.68
N THR C 259 2.73 -6.42 4.03
CA THR C 259 4.19 -6.59 3.95
C THR C 259 4.69 -7.35 5.18
N VAL C 260 5.42 -8.44 4.94
CA VAL C 260 6.12 -9.15 6.01
C VAL C 260 7.57 -8.67 6.01
N LYS C 261 7.99 -8.05 7.11
CA LYS C 261 9.34 -7.48 7.20
C LYS C 261 10.40 -8.49 7.61
N GLY C 262 10.03 -9.46 8.46
CA GLY C 262 10.97 -10.45 8.98
C GLY C 262 11.24 -11.58 8.00
N ASP C 263 11.63 -12.73 8.53
CA ASP C 263 11.85 -13.92 7.72
C ASP C 263 10.67 -14.90 7.89
N VAL C 264 10.50 -15.83 6.96
CA VAL C 264 9.52 -16.91 7.11
C VAL C 264 10.22 -18.18 7.59
N GLY C 265 9.61 -18.83 8.57
CA GLY C 265 10.14 -20.08 9.11
C GLY C 265 9.11 -20.78 9.96
N LEU C 266 9.56 -21.77 10.71
CA LEU C 266 8.70 -22.64 11.50
C LEU C 266 8.75 -22.27 12.96
N GLY C 267 7.61 -22.33 13.62
CA GLY C 267 7.52 -22.00 15.04
C GLY C 267 6.11 -22.14 15.59
N GLY C 268 6.01 -22.51 16.87
CA GLY C 268 4.74 -22.60 17.58
C GLY C 268 4.43 -21.31 18.34
N VAL C 269 3.14 -20.98 18.42
CA VAL C 269 2.66 -19.81 19.17
C VAL C 269 3.19 -19.86 20.61
N PRO C 270 3.95 -18.83 21.03
CA PRO C 270 4.84 -18.79 22.21
C PRO C 270 4.36 -19.39 23.54
N ALA C 271 3.22 -18.95 24.06
CA ALA C 271 2.79 -19.27 25.43
C ALA C 271 2.99 -18.05 26.34
N ASP C 272 4.03 -17.28 26.02
CA ASP C 272 4.14 -15.86 26.42
C ASP C 272 2.83 -15.16 26.19
N TRP C 273 2.20 -15.49 25.05
CA TRP C 273 1.01 -14.79 24.60
C TRP C 273 -0.14 -14.98 25.58
N GLN C 274 -0.54 -13.87 26.20
CA GLN C 274 -1.55 -13.88 27.26
C GLN C 274 -2.99 -13.94 26.74
N ASP C 275 -3.30 -13.14 25.72
CA ASP C 275 -4.65 -13.02 25.17
C ASP C 275 -4.54 -12.82 23.67
N ALA C 276 -4.25 -13.92 22.97
CA ALA C 276 -3.95 -13.94 21.54
C ALA C 276 -5.14 -13.50 20.68
N GLU C 277 -4.86 -12.69 19.69
CA GLU C 277 -5.87 -12.23 18.74
C GLU C 277 -5.85 -13.12 17.50
N VAL C 278 -6.94 -13.84 17.27
CA VAL C 278 -7.12 -14.63 16.05
C VAL C 278 -7.62 -13.70 14.94
N LEU C 279 -6.72 -13.43 13.98
CA LEU C 279 -6.91 -12.47 12.89
C LEU C 279 -7.56 -13.07 11.64
N ALA C 280 -7.38 -14.38 11.48
CA ALA C 280 -8.01 -15.13 10.40
C ALA C 280 -8.17 -16.56 10.84
N ASP C 281 -9.15 -17.23 10.26
CA ASP C 281 -9.31 -18.67 10.47
C ASP C 281 -10.04 -19.31 9.29
N HIS C 282 -10.02 -20.64 9.24
CA HIS C 282 -10.82 -21.38 8.28
C HIS C 282 -11.28 -22.72 8.86
N THR C 283 -12.49 -23.13 8.51
CA THR C 283 -13.06 -24.43 8.89
C THR C 283 -13.28 -25.31 7.65
N SER C 284 -12.81 -26.56 7.71
CA SER C 284 -12.93 -27.50 6.59
C SER C 284 -14.35 -28.00 6.43
N ALA C 285 -14.58 -28.80 5.38
CA ALA C 285 -15.80 -29.58 5.30
C ALA C 285 -15.76 -30.61 6.42
N GLU C 286 -16.90 -31.24 6.69
CA GLU C 286 -17.04 -32.27 7.70
C GLU C 286 -16.35 -33.51 7.21
N LEU C 287 -15.98 -34.39 8.14
CA LEU C 287 -15.25 -35.60 7.83
C LEU C 287 -15.99 -36.45 6.82
N SER C 288 -17.32 -36.50 6.94
CA SER C 288 -18.16 -37.24 6.00
C SER C 288 -17.91 -36.81 4.54
N GLU C 289 -17.62 -35.52 4.33
CA GLU C 289 -17.35 -35.05 2.97
C GLU C 289 -15.89 -35.35 2.58
N ILE C 290 -14.97 -35.16 3.52
CA ILE C 290 -13.54 -35.55 3.36
C ILE C 290 -13.30 -37.06 3.06
N LEU C 291 -14.15 -37.94 3.58
CA LEU C 291 -14.03 -39.38 3.24
C LEU C 291 -14.03 -39.70 1.75
N VAL C 292 -14.72 -38.93 0.93
CA VAL C 292 -14.83 -39.24 -0.50
C VAL C 292 -13.44 -39.17 -1.21
N PRO C 293 -12.82 -37.99 -1.34
CA PRO C 293 -11.53 -37.99 -2.02
C PRO C 293 -10.50 -38.89 -1.34
N PHE C 294 -10.64 -39.05 -0.02
CA PHE C 294 -9.77 -39.93 0.77
C PHE C 294 -9.86 -41.40 0.33
N MET C 295 -11.06 -41.97 0.39
CA MET C 295 -11.26 -43.38 0.08
C MET C 295 -11.36 -43.68 -1.42
N LYS C 296 -11.92 -42.76 -2.21
CA LYS C 296 -12.04 -43.02 -3.66
C LYS C 296 -10.66 -43.16 -4.31
N PHE C 297 -9.73 -42.29 -3.93
CA PHE C 297 -8.43 -42.24 -4.58
C PHE C 297 -7.32 -42.73 -3.69
N SER C 298 -7.68 -43.17 -2.48
CA SER C 298 -6.71 -43.78 -1.57
C SER C 298 -5.57 -42.81 -1.18
N ASN C 299 -5.94 -41.73 -0.49
CA ASN C 299 -5.03 -40.68 -0.08
C ASN C 299 -4.31 -41.04 1.21
N ASN C 300 -3.01 -41.27 1.10
CA ASN C 300 -2.16 -41.66 2.23
C ASN C 300 -2.00 -40.57 3.29
N GLY C 301 -1.74 -39.34 2.84
CA GLY C 301 -1.67 -38.20 3.74
C GLY C 301 -2.93 -38.01 4.58
N HIS C 302 -4.10 -38.12 3.95
CA HIS C 302 -5.36 -38.08 4.67
C HIS C 302 -5.34 -39.09 5.80
N ALA C 303 -5.05 -40.35 5.46
CA ALA C 303 -4.98 -41.44 6.44
C ALA C 303 -4.05 -41.17 7.63
N GLU C 304 -2.84 -40.69 7.36
CA GLU C 304 -1.86 -40.47 8.43
C GLU C 304 -2.24 -39.27 9.29
N MET C 305 -2.77 -38.23 8.66
CA MET C 305 -3.32 -37.09 9.36
C MET C 305 -4.48 -37.48 10.29
N LEU C 306 -5.38 -38.31 9.79
CA LEU C 306 -6.48 -38.82 10.61
C LEU C 306 -6.00 -39.57 11.85
N VAL C 307 -4.93 -40.35 11.69
CA VAL C 307 -4.38 -41.14 12.81
C VAL C 307 -3.90 -40.22 13.94
N LYS C 308 -3.24 -39.14 13.56
CA LYS C 308 -2.68 -38.21 14.54
C LYS C 308 -3.76 -37.33 15.13
N SER C 309 -4.79 -37.06 14.32
CA SER C 309 -5.99 -36.43 14.82
C SER C 309 -6.63 -37.35 15.85
N ILE C 310 -6.75 -38.64 15.52
CA ILE C 310 -7.24 -39.62 16.48
C ILE C 310 -6.40 -39.56 17.78
N GLY C 311 -5.08 -39.53 17.67
CA GLY C 311 -4.21 -39.38 18.83
C GLY C 311 -4.51 -38.15 19.68
N GLN C 312 -4.70 -37.01 19.04
CA GLN C 312 -5.11 -35.78 19.75
C GLN C 312 -6.44 -35.89 20.49
N GLU C 313 -7.46 -36.41 19.81
CA GLU C 313 -8.80 -36.55 20.40
C GLU C 313 -8.78 -37.57 21.53
N THR C 314 -7.96 -38.60 21.35
CA THR C 314 -7.93 -39.72 22.27
C THR C 314 -7.02 -39.51 23.48
N ALA C 315 -5.85 -38.91 23.27
CA ALA C 315 -4.79 -38.89 24.27
C ALA C 315 -4.13 -37.54 24.43
N GLY C 316 -4.51 -36.58 23.60
CA GLY C 316 -3.87 -35.28 23.64
C GLY C 316 -2.44 -35.36 23.11
N ALA C 317 -2.21 -36.32 22.21
CA ALA C 317 -0.93 -36.47 21.58
C ALA C 317 -1.07 -36.72 20.09
N GLY C 318 -0.63 -35.74 19.27
CA GLY C 318 -0.65 -35.90 17.80
C GLY C 318 0.47 -36.77 17.25
N THR C 319 0.46 -38.06 17.58
CA THR C 319 1.56 -38.97 17.24
C THR C 319 1.03 -40.26 16.63
N TRP C 320 1.90 -41.00 15.93
CA TRP C 320 1.50 -42.28 15.36
C TRP C 320 1.19 -43.31 16.44
N ASP C 321 2.04 -43.35 17.46
CA ASP C 321 1.91 -44.33 18.55
C ASP C 321 0.59 -44.22 19.29
N ALA C 322 0.19 -42.99 19.59
CA ALA C 322 -1.03 -42.73 20.33
C ALA C 322 -2.26 -42.88 19.43
N GLY C 323 -2.16 -42.39 18.20
CA GLY C 323 -3.24 -42.53 17.23
C GLY C 323 -3.52 -43.98 16.86
N LEU C 324 -2.46 -44.73 16.58
CA LEU C 324 -2.58 -46.15 16.28
C LEU C 324 -3.24 -46.93 17.44
N VAL C 325 -2.84 -46.62 18.66
CA VAL C 325 -3.49 -47.17 19.85
C VAL C 325 -4.99 -46.78 19.84
N GLY C 326 -5.27 -45.51 19.53
CA GLY C 326 -6.64 -45.03 19.39
C GLY C 326 -7.46 -45.73 18.32
N VAL C 327 -6.85 -46.01 17.18
CA VAL C 327 -7.53 -46.74 16.09
C VAL C 327 -7.97 -48.10 16.62
N GLU C 328 -7.01 -48.85 17.20
CA GLU C 328 -7.27 -50.17 17.73
C GLU C 328 -8.40 -50.15 18.76
N GLU C 329 -8.31 -49.23 19.72
CA GLU C 329 -9.34 -49.04 20.74
C GLU C 329 -10.71 -48.77 20.11
N ALA C 330 -10.73 -47.93 19.07
CA ALA C 330 -11.98 -47.62 18.35
C ALA C 330 -12.55 -48.87 17.70
N LEU C 331 -11.68 -49.69 17.09
CA LEU C 331 -12.14 -50.90 16.40
C LEU C 331 -12.73 -51.91 17.36
N SER C 332 -12.05 -52.12 18.49
CA SER C 332 -12.56 -52.96 19.56
C SER C 332 -13.92 -52.47 20.10
N GLY C 333 -14.05 -51.15 20.25
CA GLY C 333 -15.31 -50.53 20.70
C GLY C 333 -16.46 -50.77 19.74
N LEU C 334 -16.12 -51.10 18.49
CA LEU C 334 -17.08 -51.30 17.41
C LEU C 334 -17.52 -52.76 17.30
N GLY C 335 -16.87 -53.64 18.07
CA GLY C 335 -17.14 -55.07 18.01
C GLY C 335 -16.18 -55.88 17.17
N VAL C 336 -15.26 -55.21 16.47
CA VAL C 336 -14.24 -55.93 15.69
C VAL C 336 -13.20 -56.52 16.65
N ASP C 337 -12.95 -57.82 16.49
CA ASP C 337 -11.89 -58.52 17.22
C ASP C 337 -10.56 -58.21 16.56
N THR C 338 -9.70 -57.49 17.29
CA THR C 338 -8.47 -56.91 16.73
C THR C 338 -7.20 -57.75 16.90
N ALA C 339 -7.35 -58.99 17.37
CA ALA C 339 -6.22 -59.90 17.65
C ALA C 339 -5.24 -60.14 16.50
N GLY C 340 -5.76 -60.14 15.27
CA GLY C 340 -4.94 -60.37 14.07
C GLY C 340 -4.35 -59.11 13.43
N LEU C 341 -4.69 -57.95 13.97
CA LEU C 341 -4.20 -56.69 13.44
C LEU C 341 -2.86 -56.28 14.02
N VAL C 342 -1.93 -55.93 13.14
CA VAL C 342 -0.72 -55.22 13.54
C VAL C 342 -0.75 -53.85 12.83
N LEU C 343 -0.79 -52.77 13.62
CA LEU C 343 -1.01 -51.42 13.07
C LEU C 343 0.25 -50.60 13.07
N ASN C 344 0.78 -50.32 11.88
CA ASN C 344 2.02 -49.56 11.79
C ASN C 344 1.89 -48.14 11.21
N ASP C 345 0.86 -47.94 10.41
CA ASP C 345 0.52 -46.62 9.90
C ASP C 345 -0.99 -46.63 9.56
N GLY C 346 -1.53 -45.56 8.99
CA GLY C 346 -2.97 -45.50 8.72
C GLY C 346 -3.34 -45.68 7.27
N SER C 347 -2.36 -45.44 6.41
CA SER C 347 -2.51 -45.48 4.95
C SER C 347 -2.43 -46.88 4.34
N GLY C 348 -1.62 -47.76 4.95
CA GLY C 348 -1.33 -49.07 4.35
C GLY C 348 0.00 -49.12 3.61
N LEU C 349 0.61 -47.96 3.41
CA LEU C 349 1.92 -47.88 2.74
C LEU C 349 2.98 -48.72 3.42
N SER C 350 2.99 -48.71 4.75
CA SER C 350 4.00 -49.47 5.51
C SER C 350 3.90 -50.97 5.27
N ARG C 351 5.06 -51.61 5.19
CA ARG C 351 5.11 -53.05 5.12
C ARG C 351 5.12 -53.71 6.51
N GLY C 352 4.91 -52.88 7.55
CA GLY C 352 4.73 -53.33 8.93
C GLY C 352 3.29 -53.67 9.29
N ASN C 353 2.35 -53.39 8.39
CA ASN C 353 0.95 -53.69 8.67
C ASN C 353 0.59 -55.15 8.44
N LEU C 354 -0.19 -55.72 9.35
CA LEU C 354 -0.82 -56.99 9.06
C LEU C 354 -2.33 -56.96 9.31
N VAL C 355 -3.06 -57.63 8.44
CA VAL C 355 -4.49 -57.89 8.64
C VAL C 355 -4.78 -59.37 8.38
N THR C 356 -6.03 -59.75 8.56
CA THR C 356 -6.52 -61.04 8.11
C THR C 356 -7.81 -60.70 7.37
N ALA C 357 -8.17 -61.49 6.37
CA ALA C 357 -9.45 -61.29 5.66
C ALA C 357 -10.67 -61.41 6.59
N ASP C 358 -10.61 -62.30 7.58
CA ASP C 358 -11.65 -62.39 8.61
C ASP C 358 -11.84 -61.06 9.36
N THR C 359 -10.73 -60.43 9.72
CA THR C 359 -10.72 -59.15 10.41
C THR C 359 -11.33 -58.03 9.56
N VAL C 360 -11.07 -58.06 8.25
CA VAL C 360 -11.68 -57.12 7.32
C VAL C 360 -13.19 -57.37 7.18
N VAL C 361 -13.58 -58.62 6.96
CA VAL C 361 -15.01 -58.92 6.86
C VAL C 361 -15.76 -58.55 8.16
N ASP C 362 -15.12 -58.81 9.30
CA ASP C 362 -15.64 -58.42 10.62
C ASP C 362 -15.98 -56.94 10.66
N LEU C 363 -15.01 -56.10 10.29
CA LEU C 363 -15.21 -54.67 10.17
C LEU C 363 -16.35 -54.31 9.20
N LEU C 364 -16.31 -54.88 7.99
CA LEU C 364 -17.36 -54.60 6.99
C LEU C 364 -18.77 -54.78 7.54
N GLY C 365 -18.97 -55.85 8.31
CA GLY C 365 -20.26 -56.12 8.94
C GLY C 365 -20.53 -55.17 10.09
N GLN C 366 -19.57 -55.06 11.01
CA GLN C 366 -19.66 -54.18 12.17
C GLN C 366 -19.91 -52.74 11.79
N ALA C 367 -19.26 -52.29 10.71
CA ALA C 367 -19.44 -50.93 10.20
C ALA C 367 -20.81 -50.71 9.59
N GLY C 368 -21.25 -51.71 8.82
CA GLY C 368 -22.53 -51.68 8.11
C GLY C 368 -23.73 -51.49 9.01
N SER C 369 -23.49 -51.45 10.32
CA SER C 369 -24.55 -51.23 11.31
C SER C 369 -24.06 -50.37 12.48
N ALA C 370 -23.46 -49.23 12.11
CA ALA C 370 -23.12 -48.10 12.99
C ALA C 370 -23.88 -46.85 12.48
N PRO C 371 -23.95 -45.76 13.28
CA PRO C 371 -24.75 -44.60 12.84
C PRO C 371 -24.26 -43.99 11.52
N TRP C 372 -22.96 -44.16 11.25
CA TRP C 372 -22.33 -43.60 10.07
C TRP C 372 -22.21 -44.56 8.88
N ALA C 373 -22.94 -45.67 8.92
CA ALA C 373 -22.95 -46.67 7.84
C ALA C 373 -23.04 -46.09 6.42
N GLN C 374 -23.98 -45.18 6.19
CA GLN C 374 -24.20 -44.67 4.82
C GLN C 374 -23.08 -43.78 4.25
N THR C 375 -22.49 -42.93 5.09
CA THR C 375 -21.35 -42.09 4.65
C THR C 375 -20.09 -42.93 4.39
N TRP C 376 -19.98 -44.05 5.09
CA TRP C 376 -18.90 -45.02 4.95
C TRP C 376 -19.02 -45.74 3.60
N SER C 377 -20.17 -46.37 3.34
CA SER C 377 -20.42 -47.02 2.04
C SER C 377 -20.19 -46.06 0.87
N ALA C 378 -20.74 -44.85 0.98
CA ALA C 378 -20.62 -43.83 -0.08
C ALA C 378 -19.18 -43.48 -0.45
N SER C 379 -18.26 -43.62 0.50
CA SER C 379 -16.85 -43.27 0.30
C SER C 379 -16.07 -44.28 -0.56
N LEU C 380 -16.57 -45.51 -0.64
CA LEU C 380 -15.85 -46.59 -1.33
C LEU C 380 -15.94 -46.41 -2.83
N PRO C 381 -14.87 -46.77 -3.57
CA PRO C 381 -15.01 -46.89 -5.02
C PRO C 381 -16.18 -47.78 -5.51
N VAL C 382 -16.83 -47.34 -6.57
CA VAL C 382 -17.88 -48.12 -7.19
C VAL C 382 -17.37 -48.71 -8.51
N ALA C 383 -17.36 -50.03 -8.60
CA ALA C 383 -16.85 -50.75 -9.77
C ALA C 383 -17.33 -50.20 -11.14
N GLY C 384 -16.37 -49.90 -12.02
CA GLY C 384 -16.64 -49.55 -13.42
C GLY C 384 -17.47 -48.31 -13.67
N GLU C 385 -17.21 -47.25 -12.90
CA GLU C 385 -17.91 -46.00 -13.06
C GLU C 385 -16.90 -44.95 -13.49
N SER C 386 -17.07 -44.42 -14.69
CA SER C 386 -16.08 -43.52 -15.29
C SER C 386 -15.82 -42.20 -14.54
N ASP C 387 -16.83 -41.67 -13.84
CA ASP C 387 -16.62 -40.51 -12.94
C ASP C 387 -15.60 -40.87 -11.85
N PRO C 388 -14.42 -40.22 -11.87
CA PRO C 388 -13.40 -40.52 -10.86
C PRO C 388 -13.87 -40.33 -9.40
N PHE C 389 -14.83 -39.42 -9.17
CA PHE C 389 -15.32 -39.21 -7.80
C PHE C 389 -16.37 -40.25 -7.40
N VAL C 390 -16.78 -41.06 -8.38
CA VAL C 390 -17.69 -42.18 -8.13
C VAL C 390 -16.92 -43.50 -8.17
N GLY C 391 -16.25 -43.75 -9.29
CA GLY C 391 -15.45 -44.98 -9.48
C GLY C 391 -14.12 -45.04 -8.73
N GLY C 392 -13.44 -43.92 -8.62
CA GLY C 392 -12.15 -43.88 -7.92
C GLY C 392 -11.13 -44.77 -8.57
N THR C 393 -10.35 -45.46 -7.73
CA THR C 393 -9.38 -46.46 -8.19
C THR C 393 -10.03 -47.68 -8.87
N LEU C 394 -11.36 -47.68 -8.95
CA LEU C 394 -12.10 -48.80 -9.54
C LEU C 394 -12.75 -48.39 -10.86
N ALA C 395 -12.52 -47.16 -11.28
CA ALA C 395 -13.17 -46.55 -12.46
C ALA C 395 -12.99 -47.37 -13.75
N ASN C 396 -11.81 -47.94 -13.94
CA ASN C 396 -11.52 -48.65 -15.20
C ASN C 396 -11.68 -50.17 -15.05
N ARG C 397 -12.22 -50.61 -13.93
CA ARG C 397 -12.29 -52.05 -13.65
C ARG C 397 -13.72 -52.48 -13.60
N MET C 398 -13.97 -53.72 -14.04
CA MET C 398 -15.30 -54.35 -14.06
C MET C 398 -16.41 -53.68 -14.89
N ARG C 399 -16.03 -52.89 -15.88
CA ARG C 399 -17.01 -52.31 -16.80
C ARG C 399 -17.64 -53.40 -17.67
N GLY C 400 -18.95 -53.26 -17.91
CA GLY C 400 -19.68 -54.22 -18.73
C GLY C 400 -19.88 -55.58 -18.11
N THR C 401 -19.75 -55.65 -16.79
CA THR C 401 -19.98 -56.87 -16.02
C THR C 401 -21.11 -56.58 -15.03
N ALA C 402 -21.56 -57.62 -14.32
CA ALA C 402 -22.61 -57.44 -13.33
C ALA C 402 -22.16 -56.60 -12.14
N ALA C 403 -20.85 -56.52 -11.93
CA ALA C 403 -20.30 -55.71 -10.87
C ALA C 403 -20.42 -54.22 -11.12
N GLU C 404 -20.63 -53.81 -12.37
CA GLU C 404 -20.66 -52.37 -12.75
C GLU C 404 -21.78 -51.58 -12.08
N GLY C 405 -21.41 -50.59 -11.27
CA GLY C 405 -22.40 -49.77 -10.57
C GLY C 405 -22.88 -50.39 -9.28
N VAL C 406 -22.40 -51.60 -8.98
CA VAL C 406 -22.93 -52.38 -7.86
C VAL C 406 -21.87 -52.58 -6.76
N VAL C 407 -20.74 -53.19 -7.10
CA VAL C 407 -19.73 -53.54 -6.12
C VAL C 407 -19.08 -52.28 -5.56
N GLU C 408 -19.11 -52.15 -4.24
CA GLU C 408 -18.45 -51.03 -3.56
C GLU C 408 -17.27 -51.64 -2.80
N ALA C 409 -16.06 -51.16 -3.07
CA ALA C 409 -14.86 -51.82 -2.55
C ALA C 409 -13.61 -50.95 -2.50
N LYS C 410 -12.81 -51.16 -1.45
CA LYS C 410 -11.47 -50.56 -1.30
C LYS C 410 -10.41 -51.44 -1.93
N THR C 411 -9.50 -50.78 -2.65
CA THR C 411 -8.40 -51.40 -3.39
C THR C 411 -7.09 -51.25 -2.61
N GLY C 412 -6.05 -51.92 -3.07
CA GLY C 412 -4.71 -51.74 -2.52
C GLY C 412 -3.66 -52.52 -3.29
N THR C 413 -2.59 -51.84 -3.71
CA THR C 413 -1.54 -52.50 -4.49
C THR C 413 -0.15 -51.86 -4.28
N MET C 414 0.78 -52.72 -3.87
CA MET C 414 2.21 -52.47 -3.89
C MET C 414 2.84 -53.74 -4.43
N SER C 415 4.16 -53.79 -4.55
CA SER C 415 4.79 -55.01 -5.04
C SER C 415 4.50 -56.18 -4.10
N GLY C 416 4.05 -57.29 -4.67
CA GLY C 416 3.76 -58.49 -3.91
C GLY C 416 2.56 -58.45 -2.99
N VAL C 417 1.74 -57.40 -3.10
CA VAL C 417 0.54 -57.21 -2.28
C VAL C 417 -0.60 -56.65 -3.12
N SER C 418 -1.81 -57.21 -2.97
CA SER C 418 -2.99 -56.67 -3.60
C SER C 418 -4.27 -57.05 -2.86
N ALA C 419 -5.24 -56.13 -2.79
CA ALA C 419 -6.46 -56.42 -2.06
C ALA C 419 -7.70 -55.80 -2.70
N LEU C 420 -8.84 -56.47 -2.51
CA LEU C 420 -10.13 -55.88 -2.83
C LEU C 420 -11.16 -56.30 -1.78
N SER C 421 -11.61 -55.34 -0.99
CA SER C 421 -12.60 -55.63 0.03
C SER C 421 -13.72 -54.60 -0.02
N GLY C 422 -14.94 -55.09 0.16
CA GLY C 422 -16.13 -54.23 0.20
C GLY C 422 -17.45 -54.98 0.20
N TYR C 423 -18.45 -54.39 -0.46
CA TYR C 423 -19.83 -54.88 -0.42
C TYR C 423 -20.42 -55.17 -1.80
N VAL C 424 -21.26 -56.18 -1.85
CA VAL C 424 -22.00 -56.49 -3.05
C VAL C 424 -23.46 -56.28 -2.68
N PRO C 425 -24.00 -55.07 -2.91
CA PRO C 425 -25.41 -54.77 -2.65
C PRO C 425 -26.33 -55.57 -3.57
N GLY C 426 -27.55 -55.86 -3.13
CA GLY C 426 -28.45 -56.69 -3.93
C GLY C 426 -29.82 -56.85 -3.32
N PRO C 427 -30.80 -57.27 -4.14
CA PRO C 427 -32.21 -57.43 -3.70
C PRO C 427 -32.36 -58.49 -2.61
N GLU C 428 -31.62 -59.59 -2.76
CA GLU C 428 -31.69 -60.73 -1.84
C GLU C 428 -31.11 -60.39 -0.47
N GLY C 429 -29.95 -59.74 -0.47
CA GLY C 429 -29.22 -59.39 0.76
C GLY C 429 -27.75 -59.04 0.51
N GLU C 430 -27.24 -58.07 1.26
CA GLU C 430 -25.92 -57.49 1.01
C GLU C 430 -24.81 -58.48 1.38
N LEU C 431 -23.77 -58.49 0.55
CA LEU C 431 -22.61 -59.32 0.79
C LEU C 431 -21.42 -58.43 1.24
N ALA C 432 -20.58 -58.99 2.12
CA ALA C 432 -19.31 -58.37 2.48
C ALA C 432 -18.19 -59.36 2.17
N PHE C 433 -17.12 -58.86 1.57
CA PHE C 433 -16.01 -59.70 1.14
C PHE C 433 -14.67 -59.03 1.36
N SER C 434 -13.65 -59.88 1.50
CA SER C 434 -12.27 -59.42 1.54
C SER C 434 -11.45 -60.38 0.75
N ILE C 435 -10.63 -59.85 -0.16
CA ILE C 435 -9.63 -60.61 -0.91
C ILE C 435 -8.28 -59.98 -0.61
N VAL C 436 -7.38 -60.72 0.04
CA VAL C 436 -6.02 -60.22 0.28
C VAL C 436 -5.00 -61.19 -0.29
N ASN C 437 -4.30 -60.74 -1.33
CA ASN C 437 -3.25 -61.50 -2.01
C ASN C 437 -1.84 -61.04 -1.62
N ASN C 438 -1.02 -61.98 -1.19
CA ASN C 438 0.38 -61.72 -0.84
C ASN C 438 1.31 -62.72 -1.53
N GLY C 439 2.47 -62.27 -1.99
CA GLY C 439 3.56 -63.19 -2.40
C GLY C 439 3.48 -63.75 -3.80
N HIS C 440 2.42 -63.38 -4.54
CA HIS C 440 2.36 -63.57 -6.00
C HIS C 440 3.56 -62.85 -6.59
N SER C 441 4.06 -63.31 -7.72
CA SER C 441 5.39 -62.92 -8.18
C SER C 441 5.43 -61.88 -9.29
N GLY C 442 4.28 -61.53 -9.87
CA GLY C 442 4.25 -60.60 -10.99
C GLY C 442 3.37 -59.41 -10.69
N PRO C 443 2.76 -58.83 -11.74
CA PRO C 443 1.74 -57.78 -11.62
C PRO C 443 0.59 -58.20 -10.70
N ALA C 444 -0.12 -57.21 -10.16
CA ALA C 444 -1.24 -57.43 -9.27
C ALA C 444 -2.32 -58.31 -9.94
N PRO C 445 -2.85 -59.29 -9.20
CA PRO C 445 -3.87 -60.18 -9.80
C PRO C 445 -5.23 -59.50 -9.80
N LEU C 446 -5.33 -58.38 -10.50
CA LEU C 446 -6.52 -57.57 -10.48
C LEU C 446 -7.67 -58.29 -11.15
N ALA C 447 -7.37 -59.04 -12.20
CA ALA C 447 -8.35 -59.82 -12.94
C ALA C 447 -9.00 -60.93 -12.09
N VAL C 448 -8.19 -61.57 -11.25
CA VAL C 448 -8.68 -62.56 -10.28
C VAL C 448 -9.71 -61.92 -9.36
N GLN C 449 -9.30 -60.81 -8.75
CA GLN C 449 -10.14 -60.03 -7.84
C GLN C 449 -11.44 -59.60 -8.51
N ASP C 450 -11.35 -59.11 -9.74
CA ASP C 450 -12.53 -58.76 -10.53
C ASP C 450 -13.46 -59.97 -10.68
N ALA C 451 -12.90 -61.12 -11.03
CA ALA C 451 -13.72 -62.29 -11.34
C ALA C 451 -14.55 -62.70 -10.12
N ILE C 452 -13.90 -62.74 -8.96
CA ILE C 452 -14.61 -63.00 -7.72
C ILE C 452 -15.76 -61.98 -7.52
N ALA C 453 -15.42 -60.69 -7.50
CA ALA C 453 -16.45 -59.65 -7.37
C ALA C 453 -17.59 -59.79 -8.39
N VAL C 454 -17.27 -60.15 -9.63
CA VAL C 454 -18.32 -60.31 -10.66
C VAL C 454 -19.22 -61.52 -10.34
N ARG C 455 -18.61 -62.58 -9.84
CA ARG C 455 -19.31 -63.81 -9.45
C ARG C 455 -20.26 -63.56 -8.27
N LEU C 456 -19.83 -62.70 -7.36
CA LEU C 456 -20.66 -62.29 -6.24
C LEU C 456 -21.85 -61.44 -6.66
N ALA C 457 -21.67 -60.59 -7.68
CA ALA C 457 -22.74 -59.73 -8.17
C ALA C 457 -23.85 -60.53 -8.82
N GLU C 458 -23.47 -61.65 -9.44
CA GLU C 458 -24.43 -62.57 -10.08
C GLU C 458 -25.23 -63.33 -9.02
N TYR C 459 -24.52 -63.82 -8.01
CA TYR C 459 -25.11 -64.39 -6.81
C TYR C 459 -26.06 -63.38 -6.14
N ALA C 460 -25.63 -62.13 -6.00
CA ALA C 460 -26.48 -61.06 -5.48
C ALA C 460 -27.70 -60.77 -6.37
N GLY C 461 -27.73 -61.36 -7.56
CA GLY C 461 -28.88 -61.27 -8.46
C GLY C 461 -28.75 -60.21 -9.56
N HIS C 462 -27.50 -59.83 -9.87
CA HIS C 462 -27.23 -58.83 -10.90
C HIS C 462 -26.79 -59.44 -12.22
N GLN C 463 -26.98 -58.68 -13.29
CA GLN C 463 -26.49 -59.00 -14.62
C GLN C 463 -25.98 -57.72 -15.28
N ALA C 464 -25.19 -57.86 -16.33
CA ALA C 464 -24.44 -56.73 -16.87
C ALA C 464 -25.35 -55.74 -17.57
N PRO C 465 -25.05 -54.43 -17.43
CA PRO C 465 -25.75 -53.41 -18.23
C PRO C 465 -25.50 -53.63 -19.72
N GLU C 466 -26.36 -53.37 -20.57
N ARG D 1 -9.04 2.09 -31.92
CA ARG D 1 -10.22 1.30 -32.36
C ARG D 1 -11.36 1.34 -31.34
N LEU D 2 -11.07 1.79 -30.12
CA LEU D 2 -12.09 2.01 -29.09
C LEU D 2 -13.01 3.19 -29.47
N THR D 3 -12.40 4.24 -30.01
CA THR D 3 -13.11 5.35 -30.65
C THR D 3 -14.06 4.82 -31.74
N GLU D 4 -13.56 3.87 -32.54
CA GLU D 4 -14.31 3.29 -33.66
C GLU D 4 -15.32 2.25 -33.19
N LEU D 5 -14.91 1.40 -32.24
CA LEU D 5 -15.83 0.42 -31.63
C LEU D 5 -17.13 1.11 -31.23
N ARG D 6 -16.99 2.30 -30.66
CA ARG D 6 -18.11 3.14 -30.28
C ARG D 6 -18.94 3.54 -31.49
N GLU D 7 -18.28 4.10 -32.50
CA GLU D 7 -18.91 4.38 -33.81
C GLU D 7 -19.75 3.21 -34.33
N ASP D 8 -19.18 2.01 -34.21
CA ASP D 8 -19.78 0.78 -34.74
C ASP D 8 -21.03 0.33 -33.97
N ILE D 9 -21.03 0.49 -32.65
CA ILE D 9 -22.20 0.13 -31.83
C ILE D 9 -23.35 1.14 -32.03
N ASP D 10 -22.98 2.42 -32.03
CA ASP D 10 -23.87 3.53 -32.37
C ASP D 10 -24.63 3.18 -33.65
N ALA D 11 -23.88 2.84 -34.71
CA ALA D 11 -24.43 2.49 -36.02
C ALA D 11 -25.42 1.31 -35.98
N ILE D 12 -25.06 0.27 -35.24
CA ILE D 12 -25.91 -0.92 -35.11
C ILE D 12 -27.24 -0.58 -34.39
N LEU D 13 -27.16 0.31 -33.41
CA LEU D 13 -28.31 0.62 -32.57
C LEU D 13 -29.32 1.55 -33.28
N GLU D 14 -28.91 2.03 -34.46
CA GLU D 14 -29.77 2.83 -35.31
C GLU D 14 -30.69 1.98 -36.19
N ASP D 15 -30.71 0.68 -35.94
CA ASP D 15 -31.50 -0.24 -36.76
C ASP D 15 -33.00 0.04 -36.65
N PRO D 16 -33.70 0.03 -37.81
CA PRO D 16 -35.16 0.07 -37.85
C PRO D 16 -35.90 -0.96 -36.99
N ALA D 17 -35.26 -2.08 -36.66
CA ALA D 17 -35.90 -3.09 -35.81
C ALA D 17 -36.00 -2.65 -34.34
N LEU D 18 -35.18 -1.67 -33.96
CA LEU D 18 -35.19 -1.11 -32.60
C LEU D 18 -36.12 0.10 -32.44
N GLU D 19 -36.98 0.32 -33.44
CA GLU D 19 -37.86 1.48 -33.49
C GLU D 19 -38.85 1.48 -32.33
N GLY D 20 -38.86 2.60 -31.60
CA GLY D 20 -39.70 2.78 -30.43
C GLY D 20 -39.37 1.84 -29.28
N ALA D 21 -38.10 1.49 -29.16
CA ALA D 21 -37.63 0.60 -28.11
C ALA D 21 -36.53 1.29 -27.31
N VAL D 22 -36.59 1.13 -25.99
CA VAL D 22 -35.47 1.48 -25.13
C VAL D 22 -34.50 0.30 -25.15
N SER D 23 -33.20 0.60 -25.23
CA SER D 23 -32.15 -0.41 -25.24
C SER D 23 -30.95 -0.03 -24.36
N GLY D 24 -30.77 -0.76 -23.26
CA GLY D 24 -29.61 -0.57 -22.41
C GLY D 24 -28.44 -1.37 -22.93
N VAL D 25 -27.37 -0.69 -23.34
CA VAL D 25 -26.16 -1.35 -23.82
C VAL D 25 -24.93 -0.87 -23.05
N VAL D 26 -24.28 -1.81 -22.36
CA VAL D 26 -23.11 -1.50 -21.56
C VAL D 26 -22.03 -2.55 -21.79
N VAL D 27 -20.82 -2.05 -22.08
CA VAL D 27 -19.63 -2.86 -22.31
C VAL D 27 -18.50 -2.35 -21.41
N VAL D 28 -17.81 -3.29 -20.79
CA VAL D 28 -16.76 -2.99 -19.83
C VAL D 28 -15.58 -3.96 -20.03
N ASP D 29 -14.39 -3.50 -19.67
CA ASP D 29 -13.22 -4.35 -19.70
C ASP D 29 -13.12 -5.08 -18.35
N THR D 30 -13.15 -6.42 -18.41
CA THR D 30 -12.94 -7.30 -17.25
C THR D 30 -11.63 -7.00 -16.47
N ALA D 31 -10.59 -6.55 -17.16
CA ALA D 31 -9.32 -6.20 -16.50
C ALA D 31 -9.34 -4.81 -15.84
N THR D 32 -9.39 -3.77 -16.66
CA THR D 32 -9.34 -2.38 -16.20
C THR D 32 -10.58 -1.94 -15.42
N GLY D 33 -11.71 -2.58 -15.69
CA GLY D 33 -13.00 -2.11 -15.16
C GLY D 33 -13.41 -0.83 -15.88
N GLU D 34 -12.71 -0.53 -16.98
CA GLU D 34 -13.03 0.63 -17.79
C GLU D 34 -14.31 0.38 -18.57
N GLU D 35 -15.11 1.43 -18.68
CA GLU D 35 -16.39 1.38 -19.36
C GLU D 35 -16.23 1.73 -20.84
N LEU D 36 -16.22 0.71 -21.68
CA LEU D 36 -16.03 0.88 -23.13
C LEU D 36 -17.22 1.53 -23.84
N TYR D 37 -18.44 1.18 -23.43
CA TYR D 37 -19.64 1.71 -24.05
C TYR D 37 -20.79 1.80 -23.07
N SER D 38 -21.57 2.88 -23.14
CA SER D 38 -22.76 3.03 -22.31
C SER D 38 -23.89 3.84 -22.97
N ARG D 39 -25.05 3.19 -23.09
CA ARG D 39 -26.28 3.83 -23.53
C ARG D 39 -27.45 3.33 -22.70
N ASP D 40 -28.18 4.27 -22.10
CA ASP D 40 -29.35 3.96 -21.24
C ASP D 40 -29.07 2.86 -20.20
N GLY D 41 -27.86 2.89 -19.65
CA GLY D 41 -27.37 1.87 -18.74
C GLY D 41 -28.14 1.81 -17.44
N GLY D 42 -28.74 2.93 -17.05
CA GLY D 42 -29.51 2.99 -15.81
C GLY D 42 -31.03 2.90 -15.97
N GLU D 43 -31.49 2.57 -17.17
CA GLU D 43 -32.94 2.48 -17.41
C GLU D 43 -33.47 1.13 -16.96
N GLN D 44 -34.57 1.14 -16.17
CA GLN D 44 -35.22 -0.10 -15.69
C GLN D 44 -36.01 -0.82 -16.78
N LEU D 45 -35.65 -2.07 -17.04
CA LEU D 45 -36.26 -2.83 -18.13
C LEU D 45 -36.52 -4.26 -17.68
N LEU D 46 -37.50 -4.93 -18.30
CA LEU D 46 -37.73 -6.35 -17.99
C LEU D 46 -36.58 -7.20 -18.55
N PRO D 47 -35.98 -8.04 -17.68
CA PRO D 47 -34.86 -8.89 -18.07
C PRO D 47 -35.18 -10.10 -18.95
N ALA D 48 -36.45 -10.54 -18.95
CA ALA D 48 -36.80 -11.91 -19.34
C ALA D 48 -35.87 -12.86 -18.59
N SER D 49 -35.28 -13.86 -19.26
CA SER D 49 -34.41 -14.84 -18.57
C SER D 49 -33.04 -14.35 -18.09
N ASN D 50 -32.66 -13.12 -18.40
CA ASN D 50 -31.39 -12.61 -17.85
C ASN D 50 -31.47 -12.57 -16.31
N MET D 51 -32.70 -12.52 -15.80
CA MET D 51 -32.95 -12.66 -14.37
C MET D 51 -32.20 -13.86 -13.77
N LYS D 52 -32.09 -14.96 -14.53
CA LYS D 52 -31.41 -16.17 -14.06
C LYS D 52 -29.94 -15.93 -13.67
N LEU D 53 -29.36 -14.86 -14.19
CA LEU D 53 -28.03 -14.44 -13.82
C LEU D 53 -27.97 -14.12 -12.32
N PHE D 54 -28.91 -13.31 -11.87
CA PHE D 54 -29.01 -12.93 -10.46
C PHE D 54 -29.29 -14.11 -9.54
N THR D 55 -30.12 -15.02 -10.01
CA THR D 55 -30.57 -16.17 -9.28
C THR D 55 -29.43 -17.14 -9.08
N ALA D 56 -28.72 -17.45 -10.16
CA ALA D 56 -27.59 -18.37 -10.14
C ALA D 56 -26.44 -17.86 -9.29
N ALA D 57 -26.13 -16.57 -9.44
CA ALA D 57 -25.08 -15.96 -8.64
C ALA D 57 -25.44 -16.02 -7.15
N ALA D 58 -26.71 -15.70 -6.85
CA ALA D 58 -27.18 -15.78 -5.47
C ALA D 58 -27.25 -17.20 -4.95
N ALA D 59 -27.54 -18.17 -5.82
CA ALA D 59 -27.62 -19.56 -5.36
C ALA D 59 -26.21 -20.06 -5.08
N LEU D 60 -25.25 -19.57 -5.87
CA LEU D 60 -23.87 -19.97 -5.65
C LEU D 60 -23.36 -19.45 -4.32
N GLU D 61 -23.61 -18.18 -4.05
CA GLU D 61 -23.25 -17.53 -2.77
C GLU D 61 -23.88 -18.19 -1.55
N VAL D 62 -25.19 -18.44 -1.63
CA VAL D 62 -25.98 -18.87 -0.48
C VAL D 62 -25.78 -20.36 -0.20
N LEU D 63 -25.92 -21.18 -1.23
CA LEU D 63 -25.91 -22.64 -1.10
C LEU D 63 -24.49 -23.22 -1.30
N GLY D 64 -23.75 -22.64 -2.24
CA GLY D 64 -22.40 -23.10 -2.55
C GLY D 64 -22.39 -24.00 -3.78
N ALA D 65 -21.26 -23.99 -4.48
CA ALA D 65 -21.04 -24.86 -5.66
C ALA D 65 -21.14 -26.35 -5.33
N ASP D 66 -21.01 -26.67 -4.05
CA ASP D 66 -20.91 -28.04 -3.58
C ASP D 66 -22.21 -28.50 -2.93
N HIS D 67 -23.21 -27.63 -2.96
CA HIS D 67 -24.52 -27.97 -2.45
C HIS D 67 -25.19 -29.03 -3.33
N SER D 68 -25.80 -30.00 -2.68
CA SER D 68 -26.49 -31.09 -3.35
C SER D 68 -27.85 -31.20 -2.69
N PHE D 69 -28.79 -31.84 -3.39
CA PHE D 69 -30.18 -31.90 -2.95
C PHE D 69 -30.60 -33.34 -2.67
N GLY D 70 -31.36 -33.55 -1.60
CA GLY D 70 -31.76 -34.90 -1.18
C GLY D 70 -33.23 -35.24 -1.36
N THR D 71 -33.50 -36.52 -1.63
CA THR D 71 -34.83 -37.14 -1.63
C THR D 71 -34.74 -38.40 -0.74
N GLU D 72 -35.79 -38.69 0.02
CA GLU D 72 -35.82 -39.83 0.93
C GLU D 72 -37.15 -40.57 0.88
N VAL D 73 -37.17 -41.74 1.51
CA VAL D 73 -38.38 -42.53 1.67
C VAL D 73 -38.43 -42.98 3.13
N ALA D 74 -39.51 -42.65 3.83
CA ALA D 74 -39.60 -42.87 5.27
C ALA D 74 -40.85 -43.64 5.71
N ALA D 75 -40.66 -44.56 6.67
CA ALA D 75 -41.79 -45.17 7.39
C ALA D 75 -41.66 -44.89 8.89
N GLU D 76 -42.79 -44.99 9.60
CA GLU D 76 -42.83 -44.82 11.06
C GLU D 76 -41.69 -45.56 11.78
N SER D 77 -41.47 -46.80 11.36
CA SER D 77 -40.38 -47.62 11.87
C SER D 77 -40.00 -48.72 10.86
N ALA D 78 -38.83 -49.34 11.05
CA ALA D 78 -38.35 -50.43 10.18
C ALA D 78 -39.36 -51.57 10.13
N PRO D 79 -39.47 -52.25 8.98
CA PRO D 79 -40.45 -53.34 8.92
C PRO D 79 -40.03 -54.51 9.82
N GLY D 80 -41.01 -55.32 10.23
CA GLY D 80 -40.72 -56.55 10.93
C GLY D 80 -40.20 -57.56 9.94
N ARG D 81 -39.97 -58.78 10.43
CA ARG D 81 -39.53 -59.89 9.60
C ARG D 81 -40.56 -60.22 8.50
N ARG D 82 -41.79 -59.75 8.70
CA ARG D 82 -42.90 -59.98 7.79
C ARG D 82 -42.82 -59.02 6.60
N GLY D 83 -42.05 -57.96 6.74
CA GLY D 83 -41.91 -56.94 5.69
C GLY D 83 -43.11 -56.04 5.51
N GLU D 84 -43.82 -55.74 6.60
CA GLU D 84 -44.98 -54.86 6.57
C GLU D 84 -44.71 -53.47 7.19
N VAL D 85 -45.09 -52.43 6.46
CA VAL D 85 -45.24 -51.09 7.02
C VAL D 85 -46.68 -50.64 6.76
N GLN D 86 -47.16 -49.66 7.50
CA GLN D 86 -48.48 -49.11 7.23
C GLN D 86 -48.32 -48.07 6.13
N ASP D 87 -48.17 -46.79 6.51
CA ASP D 87 -47.94 -45.69 5.58
C ASP D 87 -46.47 -45.51 5.17
N LEU D 88 -46.28 -45.06 3.94
CA LEU D 88 -44.96 -44.77 3.36
C LEU D 88 -44.94 -43.35 2.81
N TYR D 89 -43.81 -42.66 2.97
CA TYR D 89 -43.64 -41.28 2.49
C TYR D 89 -42.46 -41.11 1.54
N LEU D 90 -42.74 -40.56 0.36
CA LEU D 90 -41.69 -40.07 -0.54
C LEU D 90 -41.50 -38.58 -0.31
N VAL D 91 -40.34 -38.22 0.22
CA VAL D 91 -40.12 -36.86 0.70
C VAL D 91 -39.15 -36.13 -0.24
N GLY D 92 -39.66 -35.10 -0.92
CA GLY D 92 -38.83 -34.31 -1.82
C GLY D 92 -38.28 -33.11 -1.09
N ARG D 93 -36.98 -32.86 -1.27
CA ARG D 93 -36.32 -31.68 -0.69
C ARG D 93 -35.61 -30.79 -1.72
N GLY D 94 -36.26 -30.54 -2.86
CA GLY D 94 -35.77 -29.56 -3.82
C GLY D 94 -34.78 -29.99 -4.90
N ASP D 95 -34.65 -31.30 -5.12
CA ASP D 95 -33.87 -31.83 -6.26
C ASP D 95 -34.57 -31.47 -7.57
N PRO D 96 -33.93 -30.64 -8.41
CA PRO D 96 -34.51 -30.28 -9.70
C PRO D 96 -34.09 -31.18 -10.85
N THR D 97 -33.50 -32.33 -10.53
CA THR D 97 -32.96 -33.25 -11.51
C THR D 97 -33.42 -34.66 -11.17
N LEU D 98 -34.33 -34.80 -10.22
CA LEU D 98 -34.81 -36.12 -9.79
C LEU D 98 -35.47 -36.85 -10.96
N SER D 99 -34.92 -38.01 -11.35
CA SER D 99 -35.38 -38.73 -12.53
C SER D 99 -36.21 -39.95 -12.19
N ALA D 100 -36.87 -40.50 -13.21
CA ALA D 100 -37.67 -41.72 -13.08
C ALA D 100 -36.80 -42.94 -12.72
N GLU D 101 -35.54 -42.92 -13.16
CA GLU D 101 -34.58 -43.96 -12.83
C GLU D 101 -34.16 -43.90 -11.36
N ASP D 102 -34.11 -42.69 -10.82
CA ASP D 102 -33.81 -42.50 -9.41
C ASP D 102 -34.94 -43.02 -8.53
N LEU D 103 -36.18 -42.84 -9.00
CA LEU D 103 -37.33 -43.42 -8.33
C LEU D 103 -37.18 -44.93 -8.24
N ASP D 104 -36.78 -45.55 -9.35
CA ASP D 104 -36.57 -47.00 -9.40
C ASP D 104 -35.48 -47.47 -8.42
N ALA D 105 -34.37 -46.75 -8.40
CA ALA D 105 -33.23 -47.09 -7.54
C ALA D 105 -33.62 -47.02 -6.06
N MET D 106 -34.42 -46.01 -5.72
CA MET D 106 -34.95 -45.83 -4.37
C MET D 106 -35.97 -46.90 -3.97
N ALA D 107 -36.84 -47.29 -4.90
CA ALA D 107 -37.75 -48.43 -4.70
C ALA D 107 -36.95 -49.73 -4.59
N ALA D 108 -35.83 -49.80 -5.30
CA ALA D 108 -34.93 -50.93 -5.13
C ALA D 108 -34.44 -50.95 -3.68
N GLU D 109 -34.10 -49.78 -3.14
CA GLU D 109 -33.57 -49.68 -1.78
C GLU D 109 -34.65 -50.03 -0.74
N VAL D 110 -35.90 -49.69 -1.04
CA VAL D 110 -37.04 -49.98 -0.16
C VAL D 110 -37.27 -51.48 0.02
N ALA D 111 -37.23 -52.21 -1.09
CA ALA D 111 -37.37 -53.67 -1.08
C ALA D 111 -36.17 -54.35 -0.40
N ALA D 112 -34.98 -53.77 -0.55
CA ALA D 112 -33.76 -54.27 0.12
C ALA D 112 -33.75 -53.98 1.63
N SER D 113 -34.60 -53.08 2.09
CA SER D 113 -34.80 -52.86 3.52
C SER D 113 -35.69 -53.96 4.12
N GLY D 114 -36.25 -54.80 3.25
CA GLY D 114 -37.12 -55.89 3.67
C GLY D 114 -38.61 -55.66 3.43
N VAL D 115 -38.96 -54.49 2.90
CA VAL D 115 -40.38 -54.20 2.65
C VAL D 115 -40.90 -55.02 1.46
N ARG D 116 -41.94 -55.81 1.72
CA ARG D 116 -42.70 -56.49 0.68
C ARG D 116 -44.04 -55.78 0.47
N THR D 117 -44.62 -55.29 1.57
CA THR D 117 -45.97 -54.74 1.53
C THR D 117 -46.11 -53.41 2.29
N VAL D 118 -46.69 -52.44 1.59
CA VAL D 118 -47.14 -51.22 2.20
C VAL D 118 -48.63 -51.45 2.44
N ARG D 119 -48.99 -51.66 3.70
CA ARG D 119 -50.37 -51.96 4.12
C ARG D 119 -51.29 -50.73 4.06
N GLY D 120 -50.78 -49.59 4.52
CA GLY D 120 -51.54 -48.34 4.51
C GLY D 120 -51.46 -47.65 3.18
N ASP D 121 -51.07 -46.37 3.22
CA ASP D 121 -51.06 -45.49 2.06
C ASP D 121 -49.67 -44.99 1.72
N LEU D 122 -49.46 -44.62 0.46
CA LEU D 122 -48.22 -43.98 0.01
C LEU D 122 -48.46 -42.50 -0.21
N TYR D 123 -47.57 -41.70 0.37
CA TYR D 123 -47.73 -40.26 0.37
C TYR D 123 -46.55 -39.58 -0.28
N ALA D 124 -46.85 -38.51 -1.03
CA ALA D 124 -45.81 -37.70 -1.64
C ALA D 124 -45.73 -36.41 -0.87
N ASP D 125 -44.56 -36.15 -0.29
CA ASP D 125 -44.34 -35.02 0.60
C ASP D 125 -43.41 -33.97 -0.05
N ASP D 126 -43.98 -32.83 -0.43
CA ASP D 126 -43.20 -31.73 -0.97
C ASP D 126 -43.22 -30.52 -0.05
N THR D 127 -43.42 -30.78 1.24
CA THR D 127 -43.62 -29.73 2.25
C THR D 127 -42.38 -28.91 2.58
N TRP D 128 -41.21 -29.35 2.13
CA TRP D 128 -39.95 -28.58 2.22
C TRP D 128 -40.08 -27.18 1.59
N PHE D 129 -40.87 -27.09 0.52
CA PHE D 129 -41.29 -25.80 -0.04
C PHE D 129 -42.78 -25.57 0.26
N ASP D 130 -43.23 -24.32 0.12
CA ASP D 130 -44.66 -24.02 0.22
C ASP D 130 -45.39 -24.65 -0.99
N SER D 131 -46.72 -24.62 -0.96
CA SER D 131 -47.54 -25.22 -2.02
C SER D 131 -48.07 -24.16 -3.01
N GLU D 132 -47.35 -23.04 -3.11
CA GLU D 132 -47.66 -22.00 -4.10
C GLU D 132 -46.95 -22.37 -5.39
N ARG D 133 -47.71 -22.80 -6.38
CA ARG D 133 -47.16 -23.48 -7.55
C ARG D 133 -46.69 -22.55 -8.65
N LEU D 134 -47.23 -21.33 -8.64
CA LEU D 134 -47.07 -20.39 -9.76
C LEU D 134 -46.95 -18.98 -9.21
N VAL D 135 -46.12 -18.17 -9.83
CA VAL D 135 -46.02 -16.78 -9.44
C VAL D 135 -47.37 -16.11 -9.78
N ASP D 136 -47.80 -15.24 -8.88
CA ASP D 136 -48.96 -14.35 -9.02
C ASP D 136 -49.22 -13.84 -10.43
N ASP D 137 -48.27 -13.08 -11.00
CA ASP D 137 -48.48 -12.41 -12.31
C ASP D 137 -48.09 -13.23 -13.56
N TRP D 138 -47.80 -14.53 -13.37
CA TRP D 138 -47.63 -15.45 -14.50
C TRP D 138 -49.00 -15.67 -15.17
N TRP D 139 -48.99 -15.98 -16.47
CA TRP D 139 -50.22 -16.05 -17.29
C TRP D 139 -50.85 -17.44 -17.40
N PRO D 140 -52.17 -17.53 -17.18
CA PRO D 140 -52.87 -18.81 -17.17
C PRO D 140 -52.72 -19.58 -18.48
N GLU D 141 -52.67 -18.89 -19.61
CA GLU D 141 -52.57 -19.56 -20.90
C GLU D 141 -51.17 -20.11 -21.23
N ASP D 142 -50.21 -19.78 -20.40
CA ASP D 142 -48.85 -20.28 -20.54
C ASP D 142 -48.68 -21.60 -19.79
N GLU D 143 -49.68 -21.95 -18.98
CA GLU D 143 -49.54 -23.08 -18.04
C GLU D 143 -49.31 -24.47 -18.60
N PRO D 144 -49.80 -24.78 -19.81
CA PRO D 144 -49.53 -26.16 -20.26
C PRO D 144 -48.08 -26.44 -20.70
N TYR D 145 -47.28 -25.38 -20.81
CA TYR D 145 -45.94 -25.49 -21.40
C TYR D 145 -44.85 -25.64 -20.36
N ALA D 146 -43.80 -26.38 -20.75
CA ALA D 146 -42.75 -26.84 -19.85
C ALA D 146 -42.17 -25.71 -19.04
N TYR D 147 -42.00 -24.55 -19.67
CA TYR D 147 -41.37 -23.39 -19.02
C TYR D 147 -42.24 -22.78 -17.93
N SER D 148 -43.54 -23.09 -17.97
CA SER D 148 -44.45 -22.64 -16.92
C SER D 148 -44.84 -23.77 -15.95
N ALA D 149 -44.08 -24.86 -15.90
CA ALA D 149 -44.39 -25.96 -14.97
C ALA D 149 -44.63 -25.46 -13.54
N GLN D 150 -45.56 -26.09 -12.82
CA GLN D 150 -45.78 -25.83 -11.40
C GLN D 150 -44.50 -26.11 -10.59
N ILE D 151 -44.23 -25.27 -9.59
CA ILE D 151 -43.06 -25.40 -8.72
C ILE D 151 -43.35 -26.21 -7.46
N SER D 152 -42.48 -27.20 -7.17
CA SER D 152 -42.61 -28.07 -6.00
C SER D 152 -41.23 -28.56 -5.50
N ALA D 153 -41.10 -28.89 -4.22
CA ALA D 153 -39.89 -29.55 -3.71
C ALA D 153 -39.76 -31.01 -4.17
N LEU D 154 -40.90 -31.63 -4.51
CA LEU D 154 -40.89 -32.98 -5.09
C LEU D 154 -41.42 -32.96 -6.52
N THR D 155 -40.54 -33.13 -7.48
CA THR D 155 -40.90 -33.13 -8.90
C THR D 155 -39.99 -34.05 -9.69
N VAL D 156 -40.49 -34.62 -10.77
CA VAL D 156 -39.68 -35.49 -11.63
C VAL D 156 -39.18 -34.71 -12.83
N ALA D 157 -37.86 -34.76 -13.03
CA ALA D 157 -37.23 -34.10 -14.16
C ALA D 157 -37.16 -35.08 -15.34
N HIS D 158 -37.49 -34.57 -16.51
CA HIS D 158 -37.53 -35.38 -17.71
C HIS D 158 -36.29 -35.14 -18.55
N GLY D 159 -35.72 -36.22 -19.08
CA GLY D 159 -34.60 -36.13 -19.99
C GLY D 159 -33.31 -35.69 -19.31
N GLU D 160 -32.23 -35.69 -20.09
CA GLU D 160 -30.92 -35.16 -19.68
C GLU D 160 -30.95 -33.67 -19.45
N ARG D 161 -31.97 -32.98 -20.01
CA ARG D 161 -32.10 -31.52 -19.79
C ARG D 161 -32.84 -31.21 -18.48
N PHE D 162 -33.46 -32.24 -17.89
CA PHE D 162 -34.06 -32.14 -16.57
C PHE D 162 -35.24 -31.13 -16.51
N ASP D 163 -36.15 -31.25 -17.46
CA ASP D 163 -37.37 -30.45 -17.46
C ASP D 163 -38.36 -30.98 -16.44
N THR D 164 -38.67 -30.17 -15.43
CA THR D 164 -39.45 -30.61 -14.25
C THR D 164 -40.97 -30.44 -14.43
N GLY D 165 -41.75 -31.24 -13.73
CA GLY D 165 -43.21 -31.10 -13.63
C GLY D 165 -43.94 -31.31 -14.93
N VAL D 166 -43.32 -32.08 -15.83
CA VAL D 166 -43.90 -32.33 -17.15
C VAL D 166 -44.03 -33.81 -17.48
N THR D 167 -44.87 -34.07 -18.46
CA THR D 167 -44.92 -35.37 -19.09
C THR D 167 -44.58 -35.19 -20.57
N GLU D 168 -44.11 -36.26 -21.21
CA GLU D 168 -43.88 -36.22 -22.66
C GLU D 168 -45.03 -36.90 -23.35
N VAL D 169 -45.71 -36.15 -24.23
CA VAL D 169 -46.89 -36.66 -24.94
C VAL D 169 -46.52 -36.99 -26.38
N SER D 170 -46.85 -38.21 -26.80
CA SER D 170 -46.58 -38.67 -28.17
C SER D 170 -47.88 -38.86 -28.97
N VAL D 171 -47.87 -38.40 -30.21
CA VAL D 171 -49.04 -38.55 -31.07
C VAL D 171 -48.60 -39.25 -32.34
N THR D 172 -49.13 -40.45 -32.55
CA THR D 172 -48.84 -41.26 -33.71
C THR D 172 -50.08 -41.20 -34.60
N PRO D 173 -49.91 -40.88 -35.90
CA PRO D 173 -51.11 -40.89 -36.75
C PRO D 173 -51.52 -42.33 -37.07
N ALA D 174 -52.79 -42.54 -37.43
CA ALA D 174 -53.18 -43.81 -38.02
C ALA D 174 -53.19 -43.67 -39.54
N ALA D 175 -54.25 -44.17 -40.17
CA ALA D 175 -54.45 -43.90 -41.59
C ALA D 175 -55.48 -42.79 -41.75
N GLU D 176 -55.49 -42.19 -42.94
CA GLU D 176 -56.41 -41.13 -43.30
C GLU D 176 -57.80 -41.31 -42.71
N GLY D 177 -58.33 -40.24 -42.13
CA GLY D 177 -59.68 -40.22 -41.58
C GLY D 177 -59.90 -41.17 -40.42
N GLU D 178 -58.81 -41.58 -39.78
CA GLU D 178 -58.87 -42.38 -38.57
C GLU D 178 -58.33 -41.56 -37.38
N PRO D 179 -58.71 -41.93 -36.15
CA PRO D 179 -58.20 -41.21 -34.99
C PRO D 179 -56.68 -41.36 -34.82
N ALA D 180 -56.05 -40.38 -34.20
CA ALA D 180 -54.62 -40.48 -33.95
C ALA D 180 -54.44 -41.16 -32.60
N ASP D 181 -53.31 -41.84 -32.43
CA ASP D 181 -52.99 -42.48 -31.16
C ASP D 181 -52.10 -41.57 -30.32
N VAL D 182 -52.47 -41.43 -29.04
CA VAL D 182 -51.79 -40.54 -28.10
C VAL D 182 -51.27 -41.31 -26.88
N ASP D 183 -49.98 -41.11 -26.59
CA ASP D 183 -49.37 -41.61 -25.36
C ASP D 183 -49.06 -40.41 -24.46
N LEU D 184 -49.45 -40.52 -23.19
CA LEU D 184 -49.27 -39.48 -22.19
C LEU D 184 -47.88 -39.45 -21.59
N GLY D 185 -47.20 -40.60 -21.59
CA GLY D 185 -45.88 -40.71 -21.03
C GLY D 185 -45.95 -41.08 -19.56
N ALA D 186 -45.09 -40.45 -18.77
CA ALA D 186 -45.04 -40.60 -17.32
C ALA D 186 -46.39 -40.35 -16.64
N ALA D 187 -47.21 -39.49 -17.25
CA ALA D 187 -48.50 -39.11 -16.70
C ALA D 187 -49.63 -40.09 -17.04
N GLU D 188 -49.36 -41.09 -17.87
CA GLU D 188 -50.34 -42.15 -18.15
C GLU D 188 -50.75 -42.75 -16.81
N GLY D 189 -52.06 -42.71 -16.54
CA GLY D 189 -52.65 -43.27 -15.31
C GLY D 189 -52.68 -42.25 -14.19
N TYR D 190 -52.15 -41.06 -14.46
CA TYR D 190 -52.20 -39.90 -13.54
C TYR D 190 -53.04 -38.71 -14.09
N ALA D 191 -52.70 -38.23 -15.28
CA ALA D 191 -53.48 -37.16 -15.94
C ALA D 191 -54.58 -37.78 -16.78
N GLU D 192 -55.69 -37.08 -17.02
CA GLU D 192 -56.68 -37.68 -17.95
C GLU D 192 -56.45 -37.25 -19.40
N LEU D 193 -56.92 -38.07 -20.33
CA LEU D 193 -56.77 -37.80 -21.75
C LEU D 193 -58.11 -37.48 -22.42
N ASP D 194 -58.12 -36.40 -23.17
CA ASP D 194 -59.26 -36.07 -24.02
C ASP D 194 -58.70 -36.01 -25.45
N ASN D 195 -58.69 -37.18 -26.11
CA ASN D 195 -58.11 -37.27 -27.45
C ASN D 195 -59.12 -37.14 -28.55
N ARG D 196 -59.12 -35.98 -29.18
CA ARG D 196 -60.01 -35.70 -30.29
C ARG D 196 -59.24 -35.62 -31.62
N ALA D 197 -57.94 -35.86 -31.59
CA ALA D 197 -57.14 -35.74 -32.81
C ALA D 197 -57.52 -36.81 -33.81
N VAL D 198 -57.40 -36.43 -35.09
CA VAL D 198 -57.61 -37.35 -36.19
C VAL D 198 -56.37 -37.37 -37.07
N THR D 199 -56.39 -38.26 -38.06
CA THR D 199 -55.37 -38.33 -39.08
C THR D 199 -55.88 -37.68 -40.38
N GLY D 200 -55.13 -36.70 -40.87
CA GLY D 200 -55.42 -36.14 -42.18
C GLY D 200 -54.82 -36.98 -43.31
N ALA D 201 -55.15 -36.60 -44.53
CA ALA D 201 -54.55 -37.20 -45.72
C ALA D 201 -53.05 -36.97 -45.71
N ALA D 202 -52.30 -37.88 -46.33
CA ALA D 202 -50.88 -37.67 -46.52
C ALA D 202 -50.68 -36.29 -47.11
N GLY D 203 -49.82 -35.51 -46.50
CA GLY D 203 -49.47 -34.20 -47.03
C GLY D 203 -50.46 -33.11 -46.67
N SER D 204 -51.56 -33.48 -46.02
CA SER D 204 -52.56 -32.53 -45.53
C SER D 204 -51.98 -31.54 -44.52
N ALA D 205 -52.69 -30.43 -44.33
CA ALA D 205 -52.32 -29.40 -43.39
C ALA D 205 -52.37 -29.96 -41.97
N ASN D 206 -51.30 -29.73 -41.23
CA ASN D 206 -51.17 -30.14 -39.83
C ASN D 206 -51.83 -29.09 -38.94
N THR D 207 -52.84 -29.52 -38.17
CA THR D 207 -53.59 -28.63 -37.28
C THR D 207 -53.58 -29.15 -35.85
N LEU D 208 -52.62 -30.01 -35.52
CA LEU D 208 -52.57 -30.63 -34.21
C LEU D 208 -52.32 -29.61 -33.09
N VAL D 209 -53.11 -29.77 -32.02
CA VAL D 209 -52.99 -28.91 -30.85
C VAL D 209 -53.05 -29.78 -29.60
N ILE D 210 -51.98 -29.75 -28.80
CA ILE D 210 -51.98 -30.45 -27.53
C ILE D 210 -52.07 -29.42 -26.40
N ASP D 211 -53.13 -29.57 -25.60
CA ASP D 211 -53.49 -28.56 -24.58
C ASP D 211 -53.61 -29.18 -23.18
N ARG D 212 -53.55 -28.34 -22.16
CA ARG D 212 -54.05 -28.67 -20.83
C ARG D 212 -54.83 -27.45 -20.31
N PRO D 213 -56.18 -27.48 -20.43
CA PRO D 213 -57.03 -26.31 -20.09
C PRO D 213 -56.81 -25.86 -18.66
N VAL D 214 -56.85 -24.54 -18.39
CA VAL D 214 -56.42 -24.06 -17.06
C VAL D 214 -57.21 -24.71 -15.97
N GLY D 215 -56.51 -25.04 -14.89
CA GLY D 215 -57.18 -25.56 -13.71
C GLY D 215 -57.63 -27.00 -13.82
N THR D 216 -57.23 -27.70 -14.88
CA THR D 216 -57.53 -29.15 -15.01
C THR D 216 -56.26 -29.99 -15.10
N ASN D 217 -56.39 -31.29 -14.86
CA ASN D 217 -55.30 -32.23 -15.08
C ASN D 217 -55.70 -33.12 -16.24
N THR D 218 -56.07 -32.47 -17.34
CA THR D 218 -56.51 -33.12 -18.55
C THR D 218 -55.67 -32.63 -19.72
N ILE D 219 -55.12 -33.59 -20.46
CA ILE D 219 -54.37 -33.26 -21.66
C ILE D 219 -55.37 -33.44 -22.80
N ALA D 220 -55.75 -32.33 -23.43
CA ALA D 220 -56.77 -32.34 -24.46
C ALA D 220 -56.11 -32.17 -25.82
N VAL D 221 -56.37 -33.11 -26.72
CA VAL D 221 -55.76 -33.10 -28.04
C VAL D 221 -56.84 -32.87 -29.11
N THR D 222 -56.65 -31.81 -29.91
CA THR D 222 -57.56 -31.50 -31.03
C THR D 222 -56.82 -31.44 -32.36
N GLY D 223 -57.57 -31.25 -33.44
CA GLY D 223 -56.96 -31.02 -34.74
C GLY D 223 -56.61 -32.27 -35.53
N SER D 224 -55.78 -32.12 -36.56
CA SER D 224 -55.51 -33.21 -37.48
C SER D 224 -54.01 -33.36 -37.75
N LEU D 225 -53.52 -34.60 -37.78
CA LEU D 225 -52.11 -34.87 -38.07
C LEU D 225 -52.04 -35.69 -39.37
N PRO D 226 -51.31 -35.20 -40.39
CA PRO D 226 -51.27 -35.93 -41.67
C PRO D 226 -50.85 -37.40 -41.54
N ALA D 227 -51.39 -38.27 -42.41
CA ALA D 227 -51.05 -39.69 -42.36
C ALA D 227 -49.55 -39.98 -42.53
N ASP D 228 -48.83 -39.11 -43.25
CA ASP D 228 -47.40 -39.31 -43.48
C ASP D 228 -46.48 -38.51 -42.56
N ALA D 229 -47.02 -37.98 -41.47
CA ALA D 229 -46.23 -37.23 -40.51
C ALA D 229 -45.45 -38.15 -39.59
N ALA D 230 -44.23 -37.75 -39.25
CA ALA D 230 -43.50 -38.38 -38.15
C ALA D 230 -44.27 -38.16 -36.86
N PRO D 231 -44.39 -39.21 -36.03
CA PRO D 231 -44.95 -39.03 -34.69
C PRO D 231 -44.42 -37.79 -33.97
N VAL D 232 -45.34 -37.11 -33.30
CA VAL D 232 -45.09 -35.85 -32.58
C VAL D 232 -44.83 -36.16 -31.11
N THR D 233 -43.82 -35.52 -30.53
CA THR D 233 -43.61 -35.53 -29.09
C THR D 233 -43.63 -34.09 -28.62
N ALA D 234 -44.35 -33.85 -27.52
CA ALA D 234 -44.43 -32.53 -26.91
C ALA D 234 -44.50 -32.68 -25.39
N LEU D 235 -43.66 -31.91 -24.71
CA LEU D 235 -43.62 -31.80 -23.25
C LEU D 235 -44.75 -30.91 -22.78
N ARG D 236 -45.63 -31.45 -21.94
CA ARG D 236 -46.73 -30.71 -21.30
C ARG D 236 -46.70 -30.82 -19.78
N THR D 237 -47.10 -29.77 -19.09
CA THR D 237 -47.19 -29.80 -17.64
C THR D 237 -48.35 -30.62 -17.12
N VAL D 238 -48.25 -31.00 -15.85
CA VAL D 238 -49.33 -31.61 -15.12
C VAL D 238 -49.61 -30.78 -13.88
N ASP D 239 -50.82 -30.90 -13.35
CA ASP D 239 -51.13 -30.37 -12.02
C ASP D 239 -50.48 -31.26 -10.93
N GLU D 240 -49.85 -30.60 -9.96
CA GLU D 240 -49.23 -31.27 -8.78
C GLU D 240 -48.07 -32.18 -9.12
N PRO D 241 -46.90 -31.60 -9.49
CA PRO D 241 -45.71 -32.44 -9.74
C PRO D 241 -45.45 -33.57 -8.71
N ALA D 242 -45.61 -33.28 -7.42
CA ALA D 242 -45.35 -34.26 -6.35
C ALA D 242 -46.28 -35.46 -6.42
N ALA D 243 -47.55 -35.22 -6.77
CA ALA D 243 -48.52 -36.29 -6.95
C ALA D 243 -48.17 -37.17 -8.15
N LEU D 244 -47.65 -36.54 -9.21
CA LEU D 244 -47.07 -37.28 -10.32
C LEU D 244 -45.85 -38.06 -9.83
N ALA D 245 -44.96 -37.43 -9.07
CA ALA D 245 -43.84 -38.16 -8.49
C ALA D 245 -44.34 -39.37 -7.69
N GLY D 246 -45.45 -39.18 -6.98
CA GLY D 246 -46.04 -40.25 -6.15
C GLY D 246 -46.54 -41.44 -6.94
N HIS D 247 -47.18 -41.17 -8.08
CA HIS D 247 -47.72 -42.22 -8.96
C HIS D 247 -46.59 -43.07 -9.55
N LEU D 248 -45.62 -42.39 -10.14
CA LEU D 248 -44.41 -43.01 -10.68
C LEU D 248 -43.63 -43.81 -9.65
N PHE D 249 -43.72 -43.40 -8.39
CA PHE D 249 -43.00 -44.11 -7.34
C PHE D 249 -43.72 -45.38 -6.91
N GLU D 250 -45.05 -45.31 -6.85
CA GLU D 250 -45.84 -46.49 -6.63
C GLU D 250 -45.60 -47.51 -7.74
N GLU D 251 -45.52 -47.02 -8.98
CA GLU D 251 -45.18 -47.85 -10.15
C GLU D 251 -43.81 -48.49 -9.99
N ALA D 252 -42.84 -47.73 -9.49
CA ALA D 252 -41.48 -48.22 -9.26
C ALA D 252 -41.40 -49.25 -8.12
N LEU D 253 -42.21 -49.04 -7.08
CA LEU D 253 -42.31 -49.98 -5.96
C LEU D 253 -42.90 -51.31 -6.41
N GLU D 254 -43.93 -51.26 -7.26
CA GLU D 254 -44.53 -52.46 -7.82
C GLU D 254 -43.53 -53.21 -8.73
N SER D 255 -42.71 -52.46 -9.47
CA SER D 255 -41.64 -53.04 -10.29
C SER D 255 -40.59 -53.71 -9.44
N ASN D 256 -40.44 -53.25 -8.20
CA ASN D 256 -39.44 -53.83 -7.30
C ASN D 256 -40.03 -54.81 -6.26
N GLY D 257 -41.23 -55.29 -6.53
CA GLY D 257 -41.86 -56.33 -5.71
C GLY D 257 -42.45 -55.85 -4.40
N VAL D 258 -42.64 -54.54 -4.30
CA VAL D 258 -43.29 -53.92 -3.15
C VAL D 258 -44.73 -53.55 -3.55
N THR D 259 -45.71 -54.24 -2.96
CA THR D 259 -47.10 -53.90 -3.23
C THR D 259 -47.53 -52.72 -2.36
N VAL D 260 -48.31 -51.81 -2.93
CA VAL D 260 -48.97 -50.75 -2.16
C VAL D 260 -50.47 -51.12 -2.05
N LYS D 261 -50.94 -51.37 -0.83
CA LYS D 261 -52.33 -51.77 -0.58
C LYS D 261 -53.34 -50.62 -0.58
N GLY D 262 -52.89 -49.42 -0.20
CA GLY D 262 -53.78 -48.27 -0.02
C GLY D 262 -53.85 -47.33 -1.20
N ASP D 263 -54.10 -46.06 -0.92
CA ASP D 263 -54.20 -45.01 -1.94
C ASP D 263 -52.86 -44.30 -2.12
N VAL D 264 -52.74 -43.54 -3.22
CA VAL D 264 -51.58 -42.66 -3.42
C VAL D 264 -52.02 -41.19 -3.47
N GLY D 265 -51.32 -40.34 -2.72
CA GLY D 265 -51.64 -38.92 -2.71
C GLY D 265 -50.64 -38.07 -1.94
N LEU D 266 -51.04 -36.84 -1.67
CA LEU D 266 -50.16 -35.88 -1.03
C LEU D 266 -50.32 -35.97 0.47
N GLY D 267 -49.21 -35.75 1.17
CA GLY D 267 -49.20 -35.77 2.62
C GLY D 267 -47.81 -35.52 3.14
N GLY D 268 -47.73 -34.88 4.30
CA GLY D 268 -46.47 -34.63 4.94
C GLY D 268 -46.24 -35.65 6.02
N VAL D 269 -44.98 -35.98 6.28
CA VAL D 269 -44.64 -36.81 7.40
C VAL D 269 -45.30 -36.21 8.65
N PRO D 270 -46.17 -36.99 9.32
CA PRO D 270 -47.09 -36.58 10.41
C PRO D 270 -46.48 -35.80 11.57
N ALA D 271 -45.21 -36.02 11.87
CA ALA D 271 -44.51 -35.20 12.86
C ALA D 271 -44.72 -35.71 14.28
N ASP D 272 -45.76 -36.53 14.47
CA ASP D 272 -45.88 -37.36 15.67
C ASP D 272 -45.03 -38.62 15.49
N TRP D 273 -43.97 -38.47 14.68
CA TRP D 273 -43.04 -39.54 14.34
C TRP D 273 -41.65 -39.22 14.89
N GLN D 274 -41.33 -39.82 16.04
CA GLN D 274 -40.08 -39.56 16.77
C GLN D 274 -38.83 -40.14 16.08
N ASP D 275 -38.70 -41.46 16.07
CA ASP D 275 -37.62 -42.13 15.37
C ASP D 275 -38.16 -42.68 14.04
N ALA D 276 -38.25 -41.80 13.05
CA ALA D 276 -38.67 -42.19 11.72
C ALA D 276 -37.60 -43.07 11.06
N GLU D 277 -38.05 -44.04 10.26
CA GLU D 277 -37.14 -44.94 9.59
C GLU D 277 -37.04 -44.59 8.11
N VAL D 278 -35.85 -44.12 7.72
CA VAL D 278 -35.52 -43.77 6.35
C VAL D 278 -35.08 -45.04 5.64
N LEU D 279 -35.87 -45.47 4.66
CA LEU D 279 -35.66 -46.76 3.97
C LEU D 279 -34.89 -46.62 2.65
N ALA D 280 -34.84 -45.41 2.10
CA ALA D 280 -34.20 -45.18 0.82
C ALA D 280 -33.91 -43.71 0.70
N ASP D 281 -32.86 -43.36 -0.04
CA ASP D 281 -32.60 -41.96 -0.34
C ASP D 281 -31.81 -41.76 -1.62
N HIS D 282 -31.86 -40.53 -2.11
CA HIS D 282 -31.03 -40.14 -3.23
C HIS D 282 -30.42 -38.75 -2.99
N THR D 283 -29.21 -38.56 -3.52
CA THR D 283 -28.52 -37.28 -3.45
C THR D 283 -28.13 -36.87 -4.87
N SER D 284 -28.51 -35.66 -5.27
CA SER D 284 -28.32 -35.19 -6.63
C SER D 284 -26.85 -34.94 -6.90
N ALA D 285 -26.53 -34.45 -8.10
CA ALA D 285 -25.20 -33.90 -8.31
C ALA D 285 -25.14 -32.59 -7.57
N GLU D 286 -23.92 -32.06 -7.43
CA GLU D 286 -23.70 -30.77 -6.77
C GLU D 286 -24.19 -29.68 -7.70
N LEU D 287 -24.46 -28.52 -7.13
CA LEU D 287 -25.03 -27.38 -7.88
C LEU D 287 -24.13 -26.89 -9.01
N SER D 288 -22.82 -27.08 -8.87
CA SER D 288 -21.90 -26.69 -9.94
C SER D 288 -22.21 -27.43 -11.24
N GLU D 289 -22.63 -28.69 -11.14
CA GLU D 289 -23.06 -29.51 -12.29
C GLU D 289 -24.50 -29.25 -12.73
N ILE D 290 -25.40 -29.02 -11.78
CA ILE D 290 -26.81 -28.71 -12.10
C ILE D 290 -26.95 -27.35 -12.81
N LEU D 291 -26.05 -26.43 -12.49
CA LEU D 291 -26.00 -25.11 -13.11
C LEU D 291 -25.91 -25.17 -14.64
N VAL D 292 -25.19 -26.16 -15.18
CA VAL D 292 -25.06 -26.30 -16.65
C VAL D 292 -26.41 -26.41 -17.42
N PRO D 293 -27.19 -27.51 -17.23
CA PRO D 293 -28.48 -27.58 -17.94
C PRO D 293 -29.46 -26.50 -17.50
N PHE D 294 -29.27 -25.97 -16.28
CA PHE D 294 -30.03 -24.81 -15.83
C PHE D 294 -29.79 -23.58 -16.70
N MET D 295 -28.54 -23.14 -16.80
CA MET D 295 -28.20 -21.88 -17.46
C MET D 295 -28.12 -22.05 -18.99
N LYS D 296 -27.63 -23.21 -19.46
CA LYS D 296 -27.52 -23.48 -20.88
C LYS D 296 -28.89 -23.41 -21.58
N PHE D 297 -29.88 -24.08 -21.02
CA PHE D 297 -31.21 -24.12 -21.66
C PHE D 297 -32.24 -23.22 -20.99
N SER D 298 -31.81 -22.46 -19.97
CA SER D 298 -32.64 -21.45 -19.31
C SER D 298 -33.92 -22.07 -18.71
N ASN D 299 -33.74 -23.01 -17.79
CA ASN D 299 -34.81 -23.79 -17.19
C ASN D 299 -35.50 -23.01 -16.09
N ASN D 300 -36.74 -22.59 -16.34
CA ASN D 300 -37.50 -21.79 -15.37
C ASN D 300 -37.71 -22.44 -14.02
N GLY D 301 -37.95 -23.75 -14.01
CA GLY D 301 -38.26 -24.46 -12.77
C GLY D 301 -37.06 -24.56 -11.88
N HIS D 302 -35.92 -24.84 -12.49
CA HIS D 302 -34.62 -24.78 -11.82
C HIS D 302 -34.44 -23.46 -11.05
N ALA D 303 -34.74 -22.34 -11.72
CA ALA D 303 -34.56 -21.00 -11.13
C ALA D 303 -35.43 -20.82 -9.89
N GLU D 304 -36.73 -21.13 -10.02
CA GLU D 304 -37.66 -20.96 -8.92
C GLU D 304 -37.44 -21.94 -7.78
N MET D 305 -37.11 -23.18 -8.13
CA MET D 305 -36.69 -24.13 -7.09
C MET D 305 -35.45 -23.59 -6.36
N LEU D 306 -34.53 -22.97 -7.09
CA LEU D 306 -33.32 -22.40 -6.43
C LEU D 306 -33.69 -21.22 -5.53
N VAL D 307 -34.58 -20.36 -6.00
CA VAL D 307 -35.14 -19.29 -5.18
C VAL D 307 -35.73 -19.85 -3.85
N LYS D 308 -36.55 -20.88 -3.94
CA LYS D 308 -37.12 -21.45 -2.72
C LYS D 308 -36.10 -22.22 -1.85
N SER D 309 -35.11 -22.85 -2.48
CA SER D 309 -33.96 -23.39 -1.74
C SER D 309 -33.15 -22.29 -0.99
N ILE D 310 -32.87 -21.16 -1.63
CA ILE D 310 -32.30 -20.01 -0.90
C ILE D 310 -33.14 -19.60 0.31
N GLY D 311 -34.46 -19.53 0.14
CA GLY D 311 -35.35 -19.14 1.23
C GLY D 311 -35.41 -20.14 2.38
N GLN D 312 -35.37 -21.42 2.05
CA GLN D 312 -35.12 -22.45 3.08
C GLN D 312 -33.82 -22.23 3.85
N GLU D 313 -32.75 -21.95 3.12
CA GLU D 313 -31.41 -21.83 3.71
C GLU D 313 -31.26 -20.61 4.61
N THR D 314 -31.80 -19.47 4.16
CA THR D 314 -31.61 -18.20 4.86
C THR D 314 -32.69 -17.90 5.90
N ALA D 315 -33.85 -18.54 5.76
CA ALA D 315 -34.99 -18.18 6.58
C ALA D 315 -35.87 -19.37 6.94
N GLY D 316 -35.37 -20.58 6.70
CA GLY D 316 -36.08 -21.81 7.03
C GLY D 316 -37.45 -21.89 6.40
N ALA D 317 -37.63 -21.25 5.24
CA ALA D 317 -38.91 -21.30 4.52
C ALA D 317 -38.75 -21.29 3.02
N GLY D 318 -39.27 -22.34 2.35
CA GLY D 318 -39.18 -22.47 0.90
C GLY D 318 -40.30 -21.71 0.20
N THR D 319 -40.14 -20.38 0.11
CA THR D 319 -41.19 -19.52 -0.46
C THR D 319 -40.55 -18.49 -1.38
N TRP D 320 -41.35 -17.88 -2.26
CA TRP D 320 -40.80 -16.76 -3.09
C TRP D 320 -40.46 -15.56 -2.23
N ASP D 321 -41.30 -15.27 -1.23
CA ASP D 321 -41.08 -14.12 -0.39
C ASP D 321 -39.72 -14.20 0.31
N ALA D 322 -39.44 -15.35 0.91
CA ALA D 322 -38.18 -15.61 1.58
C ALA D 322 -37.00 -15.72 0.60
N GLY D 323 -37.16 -16.48 -0.48
CA GLY D 323 -36.11 -16.63 -1.49
C GLY D 323 -35.61 -15.33 -2.10
N LEU D 324 -36.56 -14.48 -2.52
CA LEU D 324 -36.26 -13.25 -3.23
C LEU D 324 -35.53 -12.20 -2.37
N VAL D 325 -35.88 -12.15 -1.09
CA VAL D 325 -35.09 -11.37 -0.11
C VAL D 325 -33.67 -11.93 0.04
N GLY D 326 -33.53 -13.25 0.05
CA GLY D 326 -32.24 -13.91 0.08
C GLY D 326 -31.40 -13.62 -1.14
N VAL D 327 -32.02 -13.63 -2.32
CA VAL D 327 -31.31 -13.30 -3.56
C VAL D 327 -30.74 -11.89 -3.47
N GLU D 328 -31.59 -10.90 -3.17
CA GLU D 328 -31.19 -9.51 -2.98
C GLU D 328 -30.03 -9.36 -1.98
N GLU D 329 -30.17 -9.96 -0.80
CA GLU D 329 -29.14 -9.87 0.23
C GLU D 329 -27.81 -10.49 -0.22
N ALA D 330 -27.89 -11.63 -0.91
CA ALA D 330 -26.70 -12.30 -1.45
C ALA D 330 -26.00 -11.42 -2.49
N LEU D 331 -26.78 -10.74 -3.31
CA LEU D 331 -26.23 -9.84 -4.35
C LEU D 331 -25.56 -8.61 -3.77
N SER D 332 -26.22 -8.00 -2.78
CA SER D 332 -25.61 -6.97 -1.94
C SER D 332 -24.33 -7.47 -1.33
N GLY D 333 -24.33 -8.71 -0.82
CA GLY D 333 -23.15 -9.29 -0.16
C GLY D 333 -22.03 -9.52 -1.14
N LEU D 334 -22.40 -9.71 -2.40
CA LEU D 334 -21.45 -9.95 -3.47
C LEU D 334 -20.81 -8.67 -4.01
N GLY D 335 -21.35 -7.52 -3.62
CA GLY D 335 -20.81 -6.22 -4.06
C GLY D 335 -21.75 -5.47 -4.99
N VAL D 336 -22.73 -6.17 -5.52
CA VAL D 336 -23.66 -5.61 -6.48
C VAL D 336 -24.57 -4.59 -5.80
N ASP D 337 -24.75 -3.43 -6.43
CA ASP D 337 -25.71 -2.44 -5.98
C ASP D 337 -27.06 -2.86 -6.56
N THR D 338 -28.06 -3.09 -5.70
CA THR D 338 -29.38 -3.60 -6.14
C THR D 338 -30.48 -2.55 -6.28
N ALA D 339 -30.11 -1.27 -6.25
CA ALA D 339 -31.07 -0.18 -6.30
C ALA D 339 -32.01 -0.28 -7.50
N GLY D 340 -31.47 -0.64 -8.67
CA GLY D 340 -32.23 -0.70 -9.91
C GLY D 340 -33.11 -1.95 -10.06
N LEU D 341 -32.93 -2.90 -9.14
CA LEU D 341 -33.46 -4.24 -9.28
C LEU D 341 -34.85 -4.40 -8.68
N VAL D 342 -35.75 -5.03 -9.43
CA VAL D 342 -37.03 -5.46 -8.86
C VAL D 342 -37.15 -6.96 -9.04
N LEU D 343 -37.21 -7.67 -7.92
CA LEU D 343 -37.23 -9.14 -7.92
C LEU D 343 -38.65 -9.66 -7.69
N ASN D 344 -39.21 -10.31 -8.69
CA ASN D 344 -40.53 -10.86 -8.51
C ASN D 344 -40.56 -12.37 -8.76
N ASP D 345 -39.49 -12.87 -9.36
CA ASP D 345 -39.31 -14.31 -9.48
C ASP D 345 -37.88 -14.59 -9.85
N GLY D 346 -37.51 -15.87 -9.91
CA GLY D 346 -36.09 -16.22 -10.14
C GLY D 346 -35.75 -16.53 -11.59
N SER D 347 -36.79 -16.87 -12.38
CA SER D 347 -36.58 -17.32 -13.76
C SER D 347 -36.62 -16.21 -14.79
N GLY D 348 -37.20 -15.07 -14.43
CA GLY D 348 -37.46 -14.00 -15.38
C GLY D 348 -38.71 -14.17 -16.23
N LEU D 349 -39.57 -15.13 -15.86
CA LEU D 349 -40.83 -15.35 -16.56
C LEU D 349 -41.83 -14.22 -16.24
N SER D 350 -41.81 -13.75 -14.99
CA SER D 350 -42.70 -12.69 -14.54
C SER D 350 -42.43 -11.36 -15.21
N ARG D 351 -43.51 -10.70 -15.62
CA ARG D 351 -43.48 -9.34 -16.14
C ARG D 351 -43.21 -8.32 -15.04
N GLY D 352 -43.18 -8.76 -13.78
CA GLY D 352 -42.87 -7.86 -12.68
C GLY D 352 -41.39 -7.69 -12.40
N ASN D 353 -40.52 -8.32 -13.20
CA ASN D 353 -39.07 -8.19 -12.95
C ASN D 353 -38.49 -6.92 -13.63
N LEU D 354 -37.48 -6.32 -13.00
CA LEU D 354 -36.75 -5.18 -13.57
C LEU D 354 -35.27 -5.23 -13.23
N VAL D 355 -34.44 -4.94 -14.23
CA VAL D 355 -33.01 -4.77 -14.06
C VAL D 355 -32.63 -3.50 -14.82
N THR D 356 -31.36 -3.09 -14.69
CA THR D 356 -30.75 -2.16 -15.61
C THR D 356 -29.54 -2.87 -16.24
N ALA D 357 -29.05 -2.33 -17.36
CA ALA D 357 -27.89 -2.91 -18.03
C ALA D 357 -26.66 -2.72 -17.15
N ASP D 358 -26.58 -1.54 -16.53
CA ASP D 358 -25.56 -1.26 -15.51
C ASP D 358 -25.49 -2.34 -14.41
N THR D 359 -26.66 -2.76 -13.91
CA THR D 359 -26.75 -3.76 -12.83
C THR D 359 -26.22 -5.13 -13.26
N VAL D 360 -26.65 -5.57 -14.45
CA VAL D 360 -26.17 -6.84 -15.01
C VAL D 360 -24.66 -6.83 -15.11
N VAL D 361 -24.14 -5.78 -15.72
CA VAL D 361 -22.71 -5.61 -15.92
C VAL D 361 -21.96 -5.67 -14.59
N ASP D 362 -22.43 -4.86 -13.63
CA ASP D 362 -22.04 -4.96 -12.24
C ASP D 362 -22.01 -6.45 -11.79
N LEU D 363 -23.09 -7.20 -11.99
CA LEU D 363 -23.10 -8.61 -11.60
C LEU D 363 -21.98 -9.38 -12.30
N LEU D 364 -21.88 -9.22 -13.63
CA LEU D 364 -20.90 -9.96 -14.43
C LEU D 364 -19.45 -9.71 -13.97
N GLY D 365 -19.17 -8.47 -13.55
CA GLY D 365 -17.89 -8.10 -12.92
C GLY D 365 -17.66 -8.78 -11.58
N GLN D 366 -18.62 -8.66 -10.67
CA GLN D 366 -18.51 -9.31 -9.36
C GLN D 366 -18.51 -10.85 -9.37
N ALA D 367 -18.97 -11.46 -10.46
CA ALA D 367 -18.93 -12.93 -10.59
C ALA D 367 -17.51 -13.50 -10.82
N GLY D 368 -16.69 -12.82 -11.63
CA GLY D 368 -15.35 -13.33 -12.01
C GLY D 368 -14.32 -13.08 -10.93
N SER D 369 -14.76 -12.35 -9.91
CA SER D 369 -13.97 -12.02 -8.73
C SER D 369 -14.30 -13.03 -7.60
N ALA D 370 -15.41 -13.77 -7.76
CA ALA D 370 -15.88 -14.77 -6.78
C ALA D 370 -15.16 -16.11 -6.92
N PRO D 371 -14.99 -16.85 -5.80
CA PRO D 371 -14.31 -18.16 -5.82
C PRO D 371 -14.95 -19.20 -6.76
N TRP D 372 -16.26 -19.09 -6.96
CA TRP D 372 -17.03 -19.96 -7.83
C TRP D 372 -17.11 -19.49 -9.28
N ALA D 373 -16.25 -18.53 -9.65
CA ALA D 373 -16.25 -17.92 -10.99
C ALA D 373 -16.22 -18.95 -12.11
N GLN D 374 -15.52 -20.06 -11.87
CA GLN D 374 -15.26 -21.04 -12.92
C GLN D 374 -16.52 -21.89 -13.19
N THR D 375 -17.27 -22.24 -12.16
CA THR D 375 -18.51 -22.97 -12.39
C THR D 375 -19.59 -22.02 -12.93
N TRP D 376 -19.54 -20.75 -12.52
CA TRP D 376 -20.39 -19.70 -13.09
C TRP D 376 -20.23 -19.75 -14.61
N SER D 377 -18.99 -19.54 -15.04
CA SER D 377 -18.58 -19.52 -16.44
C SER D 377 -18.93 -20.76 -17.28
N ALA D 378 -18.83 -21.95 -16.68
CA ALA D 378 -19.16 -23.22 -17.36
C ALA D 378 -20.66 -23.42 -17.59
N SER D 379 -21.49 -22.57 -16.98
CA SER D 379 -22.96 -22.61 -17.11
C SER D 379 -23.46 -21.85 -18.33
N LEU D 380 -22.73 -20.79 -18.71
CA LEU D 380 -23.15 -19.88 -19.77
C LEU D 380 -23.03 -20.46 -21.18
N PRO D 381 -24.15 -20.44 -21.94
CA PRO D 381 -24.14 -20.86 -23.34
C PRO D 381 -22.96 -20.27 -24.11
N VAL D 382 -22.44 -21.02 -25.07
CA VAL D 382 -21.34 -20.51 -25.93
C VAL D 382 -21.86 -20.39 -27.34
N ALA D 383 -21.81 -19.17 -27.89
CA ALA D 383 -22.36 -18.89 -29.20
C ALA D 383 -21.82 -19.84 -30.28
N GLY D 384 -22.76 -20.41 -31.06
CA GLY D 384 -22.46 -21.11 -32.30
C GLY D 384 -22.20 -22.60 -32.20
N GLU D 385 -22.07 -23.10 -30.97
CA GLU D 385 -21.67 -24.50 -30.75
C GLU D 385 -22.85 -25.47 -30.83
N SER D 386 -22.73 -26.42 -31.76
CA SER D 386 -23.86 -27.27 -32.12
C SER D 386 -24.27 -28.26 -31.04
N ASP D 387 -23.32 -28.62 -30.16
CA ASP D 387 -23.61 -29.52 -29.03
C ASP D 387 -24.52 -28.82 -28.05
N PRO D 388 -25.78 -29.28 -27.90
CA PRO D 388 -26.74 -28.58 -27.06
C PRO D 388 -26.19 -28.13 -25.69
N PHE D 389 -25.46 -29.02 -25.02
CA PHE D 389 -24.95 -28.77 -23.66
C PHE D 389 -23.77 -27.80 -23.63
N VAL D 390 -23.29 -27.43 -24.81
CA VAL D 390 -22.26 -26.40 -24.91
C VAL D 390 -22.90 -25.10 -25.43
N GLY D 391 -23.55 -25.18 -26.59
CA GLY D 391 -24.16 -24.00 -27.21
C GLY D 391 -25.37 -23.49 -26.47
N GLY D 392 -26.22 -24.41 -26.03
CA GLY D 392 -27.43 -24.07 -25.30
C GLY D 392 -28.41 -23.31 -26.17
N THR D 393 -28.89 -22.18 -25.63
CA THR D 393 -29.84 -21.31 -26.32
C THR D 393 -29.14 -20.49 -27.40
N LEU D 394 -27.82 -20.60 -27.47
CA LEU D 394 -27.06 -19.88 -28.49
C LEU D 394 -26.52 -20.84 -29.56
N ALA D 395 -26.95 -22.10 -29.51
CA ALA D 395 -26.39 -23.15 -30.36
C ALA D 395 -26.46 -22.77 -31.83
N ASN D 396 -27.52 -22.04 -32.19
CA ASN D 396 -27.77 -21.65 -33.56
C ASN D 396 -27.70 -20.14 -33.77
N ARG D 397 -26.87 -19.50 -32.96
CA ARG D 397 -26.62 -18.07 -33.13
C ARG D 397 -25.14 -17.81 -33.34
N MET D 398 -24.85 -16.77 -34.12
CA MET D 398 -23.49 -16.35 -34.46
C MET D 398 -22.62 -17.46 -35.09
N ARG D 399 -23.29 -18.42 -35.75
CA ARG D 399 -22.63 -19.46 -36.55
C ARG D 399 -21.80 -18.78 -37.63
N GLY D 400 -20.57 -19.29 -37.84
CA GLY D 400 -19.69 -18.79 -38.91
C GLY D 400 -19.14 -17.37 -38.73
N THR D 401 -19.13 -16.89 -37.49
CA THR D 401 -18.58 -15.56 -37.17
C THR D 401 -17.45 -15.66 -36.13
N ALA D 402 -16.84 -14.51 -35.82
CA ALA D 402 -15.80 -14.39 -34.80
C ALA D 402 -16.34 -14.58 -33.39
N ALA D 403 -17.66 -14.50 -33.22
CA ALA D 403 -18.31 -14.76 -31.93
C ALA D 403 -18.34 -16.25 -31.62
N GLU D 404 -18.49 -17.08 -32.65
CA GLU D 404 -18.62 -18.54 -32.51
C GLU D 404 -17.50 -19.17 -31.67
N GLY D 405 -17.88 -19.83 -30.58
CA GLY D 405 -16.93 -20.52 -29.70
C GLY D 405 -16.27 -19.56 -28.72
N VAL D 406 -16.55 -18.28 -28.89
CA VAL D 406 -15.93 -17.23 -28.10
C VAL D 406 -16.94 -16.59 -27.14
N VAL D 407 -17.99 -15.99 -27.69
CA VAL D 407 -18.99 -15.25 -26.89
C VAL D 407 -19.75 -16.15 -25.92
N GLU D 408 -19.77 -15.72 -24.67
CA GLU D 408 -20.25 -16.51 -23.54
C GLU D 408 -21.32 -15.66 -22.86
N ALA D 409 -22.59 -16.06 -23.02
CA ALA D 409 -23.71 -15.17 -22.74
C ALA D 409 -25.03 -15.85 -22.44
N LYS D 410 -25.88 -15.10 -21.73
CA LYS D 410 -27.23 -15.55 -21.35
C LYS D 410 -28.30 -14.85 -22.16
N THR D 411 -29.23 -15.64 -22.68
CA THR D 411 -30.38 -15.17 -23.45
C THR D 411 -31.55 -14.73 -22.55
N GLY D 412 -32.53 -14.10 -23.19
CA GLY D 412 -33.76 -13.67 -22.55
C GLY D 412 -34.67 -13.17 -23.65
N THR D 413 -35.85 -13.76 -23.77
CA THR D 413 -36.79 -13.38 -24.85
C THR D 413 -38.24 -13.66 -24.46
N MET D 414 -39.12 -12.69 -24.73
CA MET D 414 -40.57 -12.83 -24.56
C MET D 414 -41.24 -11.65 -25.29
N SER D 415 -42.57 -11.60 -25.37
CA SER D 415 -43.22 -10.46 -26.06
C SER D 415 -42.59 -9.11 -25.71
N GLY D 416 -42.12 -8.38 -26.71
CA GLY D 416 -41.58 -7.03 -26.52
C GLY D 416 -40.33 -6.90 -25.66
N VAL D 417 -39.62 -8.02 -25.47
CA VAL D 417 -38.48 -8.10 -24.55
C VAL D 417 -37.42 -9.04 -25.13
N SER D 418 -36.16 -8.60 -25.09
CA SER D 418 -35.01 -9.44 -25.45
C SER D 418 -33.74 -8.96 -24.73
N ALA D 419 -32.78 -9.85 -24.56
CA ALA D 419 -31.60 -9.57 -23.76
C ALA D 419 -30.51 -10.58 -24.10
N LEU D 420 -29.28 -10.06 -24.09
CA LEU D 420 -28.08 -10.87 -24.24
C LEU D 420 -26.98 -10.26 -23.37
N SER D 421 -26.53 -11.01 -22.36
CA SER D 421 -25.48 -10.51 -21.49
C SER D 421 -24.41 -11.55 -21.22
N GLY D 422 -23.15 -11.13 -21.28
CA GLY D 422 -22.06 -12.00 -20.88
C GLY D 422 -20.65 -11.51 -21.10
N TYR D 423 -19.79 -12.45 -21.45
CA TYR D 423 -18.35 -12.20 -21.54
C TYR D 423 -17.80 -12.50 -22.93
N VAL D 424 -16.74 -11.78 -23.32
CA VAL D 424 -16.05 -12.05 -24.57
C VAL D 424 -14.57 -12.21 -24.29
N PRO D 425 -14.06 -13.46 -24.33
CA PRO D 425 -12.64 -13.74 -24.13
C PRO D 425 -11.85 -13.70 -25.44
N GLY D 426 -10.59 -13.31 -25.35
CA GLY D 426 -9.70 -13.30 -26.50
C GLY D 426 -8.27 -12.98 -26.09
N PRO D 427 -7.34 -13.04 -27.06
CA PRO D 427 -5.94 -12.72 -26.77
C PRO D 427 -5.73 -11.23 -26.49
N GLU D 428 -6.64 -10.40 -26.98
CA GLU D 428 -6.53 -8.95 -26.81
C GLU D 428 -7.29 -8.43 -25.58
N GLY D 429 -7.70 -9.36 -24.72
CA GLY D 429 -8.42 -9.02 -23.50
C GLY D 429 -9.81 -9.62 -23.40
N GLU D 430 -10.35 -9.65 -22.18
CA GLU D 430 -11.70 -10.15 -21.94
C GLU D 430 -12.69 -9.03 -21.61
N LEU D 431 -13.91 -9.14 -22.15
CA LEU D 431 -14.93 -8.11 -22.02
C LEU D 431 -16.15 -8.64 -21.27
N ALA D 432 -16.97 -7.72 -20.78
CA ALA D 432 -18.25 -8.06 -20.19
C ALA D 432 -19.30 -7.08 -20.72
N PHE D 433 -20.45 -7.61 -21.13
CA PHE D 433 -21.47 -6.81 -21.80
C PHE D 433 -22.91 -7.18 -21.42
N SER D 434 -23.80 -6.18 -21.54
CA SER D 434 -25.24 -6.37 -21.35
C SER D 434 -26.03 -5.58 -22.40
N ILE D 435 -26.83 -6.30 -23.18
CA ILE D 435 -27.78 -5.68 -24.11
C ILE D 435 -29.17 -6.11 -23.70
N VAL D 436 -29.98 -5.12 -23.28
CA VAL D 436 -31.37 -5.37 -22.93
C VAL D 436 -32.28 -4.45 -23.74
N ASN D 437 -33.13 -5.07 -24.55
CA ASN D 437 -34.10 -4.40 -25.41
C ASN D 437 -35.52 -4.62 -24.87
N ASN D 438 -36.29 -3.53 -24.79
CA ASN D 438 -37.70 -3.59 -24.43
C ASN D 438 -38.46 -2.73 -25.43
N GLY D 439 -39.71 -3.09 -25.73
CA GLY D 439 -40.65 -2.19 -26.42
C GLY D 439 -40.65 -2.21 -27.94
N HIS D 440 -39.75 -2.99 -28.52
CA HIS D 440 -39.70 -3.23 -29.95
C HIS D 440 -41.01 -3.86 -30.42
N SER D 441 -41.33 -3.66 -31.70
CA SER D 441 -42.69 -3.92 -32.22
C SER D 441 -42.90 -5.27 -32.91
N GLY D 442 -41.82 -5.99 -33.15
CA GLY D 442 -41.90 -7.32 -33.74
C GLY D 442 -41.01 -8.35 -33.05
N PRO D 443 -40.24 -9.12 -33.85
CA PRO D 443 -39.37 -10.18 -33.31
C PRO D 443 -38.21 -9.60 -32.51
N ALA D 444 -37.70 -10.40 -31.57
CA ALA D 444 -36.48 -10.04 -30.84
C ALA D 444 -35.37 -9.65 -31.82
N PRO D 445 -34.74 -8.47 -31.60
CA PRO D 445 -33.62 -7.97 -32.42
C PRO D 445 -32.35 -8.79 -32.28
N LEU D 446 -32.42 -10.06 -32.64
CA LEU D 446 -31.25 -10.96 -32.52
C LEU D 446 -30.07 -10.51 -33.38
N ALA D 447 -30.37 -9.92 -34.53
CA ALA D 447 -29.35 -9.52 -35.47
C ALA D 447 -28.52 -8.35 -34.92
N VAL D 448 -29.20 -7.40 -34.27
CA VAL D 448 -28.56 -6.32 -33.51
C VAL D 448 -27.67 -6.89 -32.38
N GLN D 449 -28.25 -7.82 -31.63
CA GLN D 449 -27.59 -8.44 -30.50
C GLN D 449 -26.35 -9.22 -30.95
N ASP D 450 -26.51 -10.06 -31.96
CA ASP D 450 -25.39 -10.79 -32.57
C ASP D 450 -24.36 -9.81 -33.14
N ALA D 451 -24.80 -8.83 -33.91
CA ALA D 451 -23.91 -7.88 -34.58
C ALA D 451 -22.92 -7.30 -33.57
N ILE D 452 -23.46 -6.86 -32.44
CA ILE D 452 -22.68 -6.27 -31.37
C ILE D 452 -21.82 -7.33 -30.73
N ALA D 453 -22.38 -8.52 -30.50
CA ALA D 453 -21.59 -9.62 -29.94
C ALA D 453 -20.38 -9.97 -30.83
N VAL D 454 -20.60 -9.97 -32.14
CA VAL D 454 -19.53 -10.20 -33.11
C VAL D 454 -18.52 -9.05 -33.08
N ARG D 455 -19.03 -7.81 -33.10
CA ARG D 455 -18.20 -6.62 -33.05
C ARG D 455 -17.25 -6.65 -31.86
N LEU D 456 -17.77 -7.11 -30.72
CA LEU D 456 -16.97 -7.30 -29.51
C LEU D 456 -15.90 -8.38 -29.68
N ALA D 457 -16.23 -9.45 -30.41
CA ALA D 457 -15.29 -10.57 -30.59
C ALA D 457 -14.05 -10.22 -31.43
N GLU D 458 -14.27 -9.43 -32.48
CA GLU D 458 -13.21 -8.94 -33.37
C GLU D 458 -12.37 -7.90 -32.62
N TYR D 459 -12.98 -7.27 -31.61
CA TYR D 459 -12.32 -6.33 -30.71
C TYR D 459 -11.40 -7.07 -29.73
N ALA D 460 -11.89 -8.18 -29.21
CA ALA D 460 -11.16 -9.05 -28.31
C ALA D 460 -10.03 -9.83 -29.04
N GLY D 461 -9.98 -9.67 -30.36
CA GLY D 461 -8.84 -10.14 -31.17
C GLY D 461 -9.14 -11.18 -32.24
N HIS D 462 -10.37 -11.71 -32.23
CA HIS D 462 -10.77 -12.81 -33.12
C HIS D 462 -11.05 -12.35 -34.54
N GLN D 463 -11.06 -13.32 -35.45
CA GLN D 463 -11.39 -13.08 -36.84
C GLN D 463 -12.58 -13.90 -37.30
N ALA D 464 -13.21 -13.43 -38.37
CA ALA D 464 -14.29 -14.13 -39.05
C ALA D 464 -13.73 -15.32 -39.84
N PRO D 465 -14.31 -16.52 -39.64
CA PRO D 465 -14.16 -17.67 -40.53
C PRO D 465 -14.54 -17.38 -41.98
N GLU D 466 -14.05 -18.22 -42.89
CA GLU D 466 -14.17 -18.00 -44.33
C GLU D 466 -14.75 -19.21 -45.07
#